data_6PU8
# 
_entry.id   6PU8 
# 
_audit_conform.dict_name       mmcif_pdbx.dic 
_audit_conform.dict_version    5.380 
_audit_conform.dict_location   http://mmcif.pdb.org/dictionaries/ascii/mmcif_pdbx.dic 
# 
loop_
_database_2.database_id 
_database_2.database_code 
_database_2.pdbx_database_accession 
_database_2.pdbx_DOI 
PDB   6PU8         pdb_00006pu8 10.2210/pdb6pu8/pdb 
WWPDB D_1000243086 ?            ?                   
# 
_pdbx_database_status.status_code                     REL 
_pdbx_database_status.status_code_sf                  REL 
_pdbx_database_status.status_code_mr                  ? 
_pdbx_database_status.entry_id                        6PU8 
_pdbx_database_status.recvd_initial_deposition_date   2019-07-17 
_pdbx_database_status.SG_entry                        N 
_pdbx_database_status.deposit_site                    RCSB 
_pdbx_database_status.process_site                    RCSB 
_pdbx_database_status.status_code_cs                  ? 
_pdbx_database_status.methods_development_category    ? 
_pdbx_database_status.pdb_format_compatible           Y 
_pdbx_database_status.status_code_nmr_data            ? 
# 
loop_
_audit_author.name 
_audit_author.pdbx_ordinal 
_audit_author.identifier_ORCID 
'Kovalevsky, A.' 1 ? 
'Das, A.'        2 ? 
# 
_citation.abstract                  ? 
_citation.abstract_id_CAS           ? 
_citation.book_id_ISBN              ? 
_citation.book_publisher            ? 
_citation.book_publisher_city       ? 
_citation.book_title                ? 
_citation.coordinate_linkage        ? 
_citation.country                   US 
_citation.database_id_Medline       ? 
_citation.details                   ? 
_citation.id                        primary 
_citation.journal_abbrev            'Acs Omega' 
_citation.journal_id_ASTM           ? 
_citation.journal_id_CSD            ? 
_citation.journal_id_ISSN           2470-1343 
_citation.journal_full              ? 
_citation.journal_issue             ? 
_citation.journal_volume            5 
_citation.language                  ? 
_citation.page_first                11605 
_citation.page_last                 11617 
_citation.title                     
'Visualizing Tetrahedral Oxyanion Bound in HIV-1 Protease Using Neutrons: Implications for the Catalytic Mechanism and Drug Design.' 
_citation.year                      2020 
_citation.database_id_CSD           ? 
_citation.pdbx_database_id_DOI      10.1021/acsomega.0c00835 
_citation.pdbx_database_id_PubMed   32478251 
_citation.unpublished_flag          ? 
# 
loop_
_citation_author.citation_id 
_citation_author.name 
_citation_author.ordinal 
_citation_author.identifier_ORCID 
primary 'Kumar, M.'      1 ? 
primary 'Mandal, K.'     2 ? 
primary 'Blakeley, M.P.' 3 ? 
primary 'Wymore, T.'     4 ? 
primary 'Kent, S.B.H.'   5 ? 
primary 'Louis, J.M.'    6 ? 
primary 'Das, A.'        7 ? 
primary 'Kovalevsky, A.' 8 ? 
# 
_cell.entry_id           6PU8 
_cell.length_a           59.631 
_cell.length_b           87.438 
_cell.length_c           46.429 
_cell.angle_alpha        90.00 
_cell.angle_beta         90.00 
_cell.angle_gamma        90.00 
_cell.Z_PDB              8 
_cell.pdbx_unique_axis   ? 
# 
_symmetry.entry_id                         6PU8 
_symmetry.space_group_name_H-M             'P 21 21 2' 
_symmetry.pdbx_full_space_group_name_H-M   ? 
_symmetry.cell_setting                     ? 
_symmetry.Int_Tables_number                18 
# 
loop_
_entity.id 
_entity.type 
_entity.src_method 
_entity.pdbx_description 
_entity.formula_weight 
_entity.pdbx_number_of_molecules 
_entity.pdbx_ec 
_entity.pdbx_mutation 
_entity.pdbx_fragment 
_entity.details 
1 polymer     man 'HIV-1 protease' 10754.703 2   ? V32I,I47V,V82I ? ? 
2 non-polymer syn 
;(3R,3aS,6aR)-hexahydrofuro[2,3-b]furan-3-yl [(2S)-4-{[(4-aminophenyl)sulfonyl](2-methylpropyl)amino}-3,3-dihydroxy-1-phenylbutan-2-yl]carbamate
;
563.663   1   ? ?              ? ? 
3 water       nat water 18.015    121 ? ?              ? ? 
# 
_entity_poly.entity_id                      1 
_entity_poly.type                           'polypeptide(L)' 
_entity_poly.nstd_linkage                   no 
_entity_poly.nstd_monomer                   no 
_entity_poly.pdbx_seq_one_letter_code       
;PQITLWKRPLVTIKIGGQLKEALLDTGADDTIIEEMSLPGRWKPKMVGGIGGFIKVRQYDQIIIEIAGHKAIGTVLVGPT
PINIIGRNLLTQIGATLNF
;
_entity_poly.pdbx_seq_one_letter_code_can   
;PQITLWKRPLVTIKIGGQLKEALLDTGADDTIIEEMSLPGRWKPKMVGGIGGFIKVRQYDQIIIEIAGHKAIGTVLVGPT
PINIIGRNLLTQIGATLNF
;
_entity_poly.pdbx_strand_id                 A,B 
_entity_poly.pdbx_target_identifier         ? 
# 
loop_
_entity_poly_seq.entity_id 
_entity_poly_seq.num 
_entity_poly_seq.mon_id 
_entity_poly_seq.hetero 
1 1  PRO n 
1 2  GLN n 
1 3  ILE n 
1 4  THR n 
1 5  LEU n 
1 6  TRP n 
1 7  LYS n 
1 8  ARG n 
1 9  PRO n 
1 10 LEU n 
1 11 VAL n 
1 12 THR n 
1 13 ILE n 
1 14 LYS n 
1 15 ILE n 
1 16 GLY n 
1 17 GLY n 
1 18 GLN n 
1 19 LEU n 
1 20 LYS n 
1 21 GLU n 
1 22 ALA n 
1 23 LEU n 
1 24 LEU n 
1 25 ASP n 
1 26 THR n 
1 27 GLY n 
1 28 ALA n 
1 29 ASP n 
1 30 ASP n 
1 31 THR n 
1 32 ILE n 
1 33 ILE n 
1 34 GLU n 
1 35 GLU n 
1 36 MET n 
1 37 SER n 
1 38 LEU n 
1 39 PRO n 
1 40 GLY n 
1 41 ARG n 
1 42 TRP n 
1 43 LYS n 
1 44 PRO n 
1 45 LYS n 
1 46 MET n 
1 47 VAL n 
1 48 GLY n 
1 49 GLY n 
1 50 ILE n 
1 51 GLY n 
1 52 GLY n 
1 53 PHE n 
1 54 ILE n 
1 55 LYS n 
1 56 VAL n 
1 57 ARG n 
1 58 GLN n 
1 59 TYR n 
1 60 ASP n 
1 61 GLN n 
1 62 ILE n 
1 63 ILE n 
1 64 ILE n 
1 65 GLU n 
1 66 ILE n 
1 67 ALA n 
1 68 GLY n 
1 69 HIS n 
1 70 LYS n 
1 71 ALA n 
1 72 ILE n 
1 73 GLY n 
1 74 THR n 
1 75 VAL n 
1 76 LEU n 
1 77 VAL n 
1 78 GLY n 
1 79 PRO n 
1 80 THR n 
1 81 PRO n 
1 82 ILE n 
1 83 ASN n 
1 84 ILE n 
1 85 ILE n 
1 86 GLY n 
1 87 ARG n 
1 88 ASN n 
1 89 LEU n 
1 90 LEU n 
1 91 THR n 
1 92 GLN n 
1 93 ILE n 
1 94 GLY n 
1 95 ALA n 
1 96 THR n 
1 97 LEU n 
1 98 ASN n 
1 99 PHE n 
# 
_entity_src_gen.entity_id                          1 
_entity_src_gen.pdbx_src_id                        1 
_entity_src_gen.pdbx_alt_source_flag               sample 
_entity_src_gen.pdbx_seq_type                      'Biological sequence' 
_entity_src_gen.pdbx_beg_seq_num                   1 
_entity_src_gen.pdbx_end_seq_num                   99 
_entity_src_gen.gene_src_common_name               ? 
_entity_src_gen.gene_src_genus                     ? 
_entity_src_gen.pdbx_gene_src_gene                 pol 
_entity_src_gen.gene_src_species                   ? 
_entity_src_gen.gene_src_strain                    ? 
_entity_src_gen.gene_src_tissue                    ? 
_entity_src_gen.gene_src_tissue_fraction           ? 
_entity_src_gen.gene_src_details                   ? 
_entity_src_gen.pdbx_gene_src_fragment             ? 
_entity_src_gen.pdbx_gene_src_scientific_name      'Human immunodeficiency virus 1' 
_entity_src_gen.pdbx_gene_src_ncbi_taxonomy_id     11676 
_entity_src_gen.pdbx_gene_src_variant              ? 
_entity_src_gen.pdbx_gene_src_cell_line            ? 
_entity_src_gen.pdbx_gene_src_atcc                 ? 
_entity_src_gen.pdbx_gene_src_organ                ? 
_entity_src_gen.pdbx_gene_src_organelle            ? 
_entity_src_gen.pdbx_gene_src_cell                 ? 
_entity_src_gen.pdbx_gene_src_cellular_location    ? 
_entity_src_gen.host_org_common_name               ? 
_entity_src_gen.pdbx_host_org_scientific_name      'Escherichia coli' 
_entity_src_gen.pdbx_host_org_ncbi_taxonomy_id     562 
_entity_src_gen.host_org_genus                     ? 
_entity_src_gen.pdbx_host_org_gene                 ? 
_entity_src_gen.pdbx_host_org_organ                ? 
_entity_src_gen.host_org_species                   ? 
_entity_src_gen.pdbx_host_org_tissue               ? 
_entity_src_gen.pdbx_host_org_tissue_fraction      ? 
_entity_src_gen.pdbx_host_org_strain               ? 
_entity_src_gen.pdbx_host_org_variant              ? 
_entity_src_gen.pdbx_host_org_cell_line            ? 
_entity_src_gen.pdbx_host_org_atcc                 ? 
_entity_src_gen.pdbx_host_org_culture_collection   ? 
_entity_src_gen.pdbx_host_org_cell                 ? 
_entity_src_gen.pdbx_host_org_organelle            ? 
_entity_src_gen.pdbx_host_org_cellular_location    ? 
_entity_src_gen.pdbx_host_org_vector_type          ? 
_entity_src_gen.pdbx_host_org_vector               ? 
_entity_src_gen.host_org_details                   ? 
_entity_src_gen.expression_system_id               ? 
_entity_src_gen.plasmid_name                       ? 
_entity_src_gen.plasmid_details                    ? 
_entity_src_gen.pdbx_description                   ? 
# 
_struct_ref.id                         1 
_struct_ref.db_name                    UNP 
_struct_ref.db_code                    Q7SSI0_9HIV1 
_struct_ref.pdbx_db_accession          Q7SSI0 
_struct_ref.pdbx_db_isoform            ? 
_struct_ref.entity_id                  1 
_struct_ref.pdbx_seq_one_letter_code   
;PQITLWQRPLVTIKIGGQLKEALLDTGADDTVLEEMSLPGRWKPKMIGGIGGFIKVRQYDQILIEICGHKAIGTVLVGPT
PVNIIGRNLLTQIGSTLNF
;
_struct_ref.pdbx_align_begin           1 
# 
loop_
_struct_ref_seq.align_id 
_struct_ref_seq.ref_id 
_struct_ref_seq.pdbx_PDB_id_code 
_struct_ref_seq.pdbx_strand_id 
_struct_ref_seq.seq_align_beg 
_struct_ref_seq.pdbx_seq_align_beg_ins_code 
_struct_ref_seq.seq_align_end 
_struct_ref_seq.pdbx_seq_align_end_ins_code 
_struct_ref_seq.pdbx_db_accession 
_struct_ref_seq.db_align_beg 
_struct_ref_seq.pdbx_db_align_beg_ins_code 
_struct_ref_seq.db_align_end 
_struct_ref_seq.pdbx_db_align_end_ins_code 
_struct_ref_seq.pdbx_auth_seq_align_beg 
_struct_ref_seq.pdbx_auth_seq_align_end 
1 1 6PU8 A 1 ? 99 ? Q7SSI0 1 ? 99 ? 1   99  
2 1 6PU8 B 1 ? 99 ? Q7SSI0 1 ? 99 ? 101 199 
# 
loop_
_struct_ref_seq_dif.align_id 
_struct_ref_seq_dif.pdbx_pdb_id_code 
_struct_ref_seq_dif.mon_id 
_struct_ref_seq_dif.pdbx_pdb_strand_id 
_struct_ref_seq_dif.seq_num 
_struct_ref_seq_dif.pdbx_pdb_ins_code 
_struct_ref_seq_dif.pdbx_seq_db_name 
_struct_ref_seq_dif.pdbx_seq_db_accession_code 
_struct_ref_seq_dif.db_mon_id 
_struct_ref_seq_dif.pdbx_seq_db_seq_num 
_struct_ref_seq_dif.details 
_struct_ref_seq_dif.pdbx_auth_seq_num 
_struct_ref_seq_dif.pdbx_ordinal 
1 6PU8 LYS A 7  ? UNP Q7SSI0 GLN 7  'engineered mutation' 7   1  
1 6PU8 ILE A 32 ? UNP Q7SSI0 VAL 32 'engineered mutation' 32  2  
1 6PU8 ILE A 33 ? UNP Q7SSI0 LEU 33 'engineered mutation' 33  3  
1 6PU8 VAL A 47 ? UNP Q7SSI0 ILE 47 'engineered mutation' 47  4  
1 6PU8 ILE A 63 ? UNP Q7SSI0 LEU 63 'engineered mutation' 63  5  
1 6PU8 ALA A 67 ? UNP Q7SSI0 CYS 67 'engineered mutation' 67  6  
1 6PU8 ILE A 82 ? UNP Q7SSI0 VAL 82 'engineered mutation' 82  7  
1 6PU8 ALA A 95 ? UNP Q7SSI0 SER 95 'engineered mutation' 95  8  
2 6PU8 LYS B 7  ? UNP Q7SSI0 GLN 7  'engineered mutation' 107 9  
2 6PU8 ILE B 32 ? UNP Q7SSI0 VAL 32 'engineered mutation' 132 10 
2 6PU8 ILE B 33 ? UNP Q7SSI0 LEU 33 'engineered mutation' 133 11 
2 6PU8 VAL B 47 ? UNP Q7SSI0 ILE 47 'engineered mutation' 147 12 
2 6PU8 ILE B 63 ? UNP Q7SSI0 LEU 63 'engineered mutation' 163 13 
2 6PU8 ALA B 67 ? UNP Q7SSI0 CYS 67 'engineered mutation' 167 14 
2 6PU8 ILE B 82 ? UNP Q7SSI0 VAL 82 'engineered mutation' 182 15 
2 6PU8 ALA B 95 ? UNP Q7SSI0 SER 95 'engineered mutation' 195 16 
# 
loop_
_chem_comp.id 
_chem_comp.type 
_chem_comp.mon_nstd_flag 
_chem_comp.name 
_chem_comp.pdbx_synonyms 
_chem_comp.formula 
_chem_comp.formula_weight 
ALA 'L-peptide linking' y ALANINE ? 'C3 H7 N O2'      89.093  
ARG 'L-peptide linking' y ARGININE ? 'C6 H15 N4 O2 1'  175.209 
ASN 'L-peptide linking' y ASPARAGINE ? 'C4 H8 N2 O3'     132.118 
ASP 'L-peptide linking' y 'ASPARTIC ACID' ? 'C4 H7 N O4'      133.103 
CYS 'L-peptide linking' y CYSTEINE ? 'C3 H7 N O2 S'    121.158 
GLN 'L-peptide linking' y GLUTAMINE ? 'C5 H10 N2 O3'    146.144 
GLU 'L-peptide linking' y 'GLUTAMIC ACID' ? 'C5 H9 N O4'      147.129 
GLY 'peptide linking'   y GLYCINE ? 'C2 H5 N O2'      75.067  
HIS 'L-peptide linking' y HISTIDINE ? 'C6 H10 N3 O2 1'  156.162 
HOH non-polymer         . WATER ? 'H2 O'            18.015  
ILE 'L-peptide linking' y ISOLEUCINE ? 'C6 H13 N O2'     131.173 
LEU 'L-peptide linking' y LEUCINE ? 'C6 H13 N O2'     131.173 
LYS 'L-peptide linking' y LYSINE ? 'C6 H15 N2 O2 1'  147.195 
MET 'L-peptide linking' y METHIONINE ? 'C5 H11 N O2 S'   149.211 
P3V non-polymer         . 
;(3R,3aS,6aR)-hexahydrofuro[2,3-b]furan-3-yl [(2S)-4-{[(4-aminophenyl)sulfonyl](2-methylpropyl)amino}-3,3-dihydroxy-1-phenylbutan-2-yl]carbamate
;
? 'C27 H37 N3 O8 S' 563.663 
PHE 'L-peptide linking' y PHENYLALANINE ? 'C9 H11 N O2'     165.189 
PRO 'L-peptide linking' y PROLINE ? 'C5 H9 N O2'      115.130 
SER 'L-peptide linking' y SERINE ? 'C3 H7 N O3'      105.093 
THR 'L-peptide linking' y THREONINE ? 'C4 H9 N O3'      119.119 
TRP 'L-peptide linking' y TRYPTOPHAN ? 'C11 H12 N2 O2'   204.225 
TYR 'L-peptide linking' y TYROSINE ? 'C9 H11 N O3'     181.189 
VAL 'L-peptide linking' y VALINE ? 'C5 H11 N O2'     117.146 
# 
_exptl.absorpt_coefficient_mu     ? 
_exptl.absorpt_correction_T_max   ? 
_exptl.absorpt_correction_T_min   ? 
_exptl.absorpt_correction_type    ? 
_exptl.absorpt_process_details    ? 
_exptl.entry_id                   6PU8 
_exptl.crystals_number            1 
_exptl.details                    ? 
_exptl.method                     'X-RAY DIFFRACTION' 
_exptl.method_details             ? 
# 
_exptl_crystal.colour                      ? 
_exptl_crystal.density_diffrn              ? 
_exptl_crystal.density_Matthews            2.81 
_exptl_crystal.density_method              ? 
_exptl_crystal.density_percent_sol         56.28 
_exptl_crystal.description                 ? 
_exptl_crystal.F_000                       ? 
_exptl_crystal.id                          1 
_exptl_crystal.preparation                 ? 
_exptl_crystal.size_max                    ? 
_exptl_crystal.size_mid                    ? 
_exptl_crystal.size_min                    ? 
_exptl_crystal.size_rad                    ? 
_exptl_crystal.colour_lustre               ? 
_exptl_crystal.colour_modifier             ? 
_exptl_crystal.colour_primary              ? 
_exptl_crystal.density_meas                ? 
_exptl_crystal.density_meas_esd            ? 
_exptl_crystal.density_meas_gt             ? 
_exptl_crystal.density_meas_lt             ? 
_exptl_crystal.density_meas_temp           ? 
_exptl_crystal.density_meas_temp_esd       ? 
_exptl_crystal.density_meas_temp_gt        ? 
_exptl_crystal.density_meas_temp_lt        ? 
_exptl_crystal.pdbx_crystal_image_url      ? 
_exptl_crystal.pdbx_crystal_image_format   ? 
_exptl_crystal.pdbx_mosaicity              ? 
_exptl_crystal.pdbx_mosaicity_esd          ? 
# 
_exptl_crystal_grow.apparatus       ? 
_exptl_crystal_grow.atmosphere      ? 
_exptl_crystal_grow.crystal_id      1 
_exptl_crystal_grow.details         ? 
_exptl_crystal_grow.method          'VAPOR DIFFUSION, SITTING DROP' 
_exptl_crystal_grow.method_ref      ? 
_exptl_crystal_grow.pH              6.0 
_exptl_crystal_grow.pressure        ? 
_exptl_crystal_grow.pressure_esd    ? 
_exptl_crystal_grow.seeding         ? 
_exptl_crystal_grow.seeding_ref     ? 
_exptl_crystal_grow.temp            293 
_exptl_crystal_grow.temp_details    ? 
_exptl_crystal_grow.temp_esd        ? 
_exptl_crystal_grow.time            ? 
_exptl_crystal_grow.pdbx_details    '0.1 M MES, 1.0 M NaCl, pH 6.0' 
_exptl_crystal_grow.pdbx_pH_range   ? 
# 
_diffrn.ambient_environment              ? 
_diffrn.ambient_temp                     293 
_diffrn.ambient_temp_details             ? 
_diffrn.ambient_temp_esd                 ? 
_diffrn.crystal_id                       1 
_diffrn.crystal_support                  ? 
_diffrn.crystal_treatment                ? 
_diffrn.details                          ? 
_diffrn.id                               1 
_diffrn.ambient_pressure                 ? 
_diffrn.ambient_pressure_esd             ? 
_diffrn.ambient_pressure_gt              ? 
_diffrn.ambient_pressure_lt              ? 
_diffrn.ambient_temp_gt                  ? 
_diffrn.ambient_temp_lt                  ? 
_diffrn.pdbx_serial_crystal_experiment   N 
# 
_diffrn_detector.details                      ? 
_diffrn_detector.detector                     'IMAGE PLATE' 
_diffrn_detector.diffrn_id                    1 
_diffrn_detector.type                         'RIGAKU RAXIS IV++' 
_diffrn_detector.area_resol_mean              ? 
_diffrn_detector.dtime                        ? 
_diffrn_detector.pdbx_frames_total            ? 
_diffrn_detector.pdbx_collection_time_total   ? 
_diffrn_detector.pdbx_collection_date         2016-11-21 
_diffrn_detector.pdbx_frequency               ? 
# 
_diffrn_radiation.collimation                      ? 
_diffrn_radiation.diffrn_id                        1 
_diffrn_radiation.filter_edge                      ? 
_diffrn_radiation.inhomogeneity                    ? 
_diffrn_radiation.monochromator                    ? 
_diffrn_radiation.polarisn_norm                    ? 
_diffrn_radiation.polarisn_ratio                   ? 
_diffrn_radiation.probe                            ? 
_diffrn_radiation.type                             ? 
_diffrn_radiation.xray_symbol                      ? 
_diffrn_radiation.wavelength_id                    1 
_diffrn_radiation.pdbx_monochromatic_or_laue_m_l   M 
_diffrn_radiation.pdbx_wavelength_list             ? 
_diffrn_radiation.pdbx_wavelength                  ? 
_diffrn_radiation.pdbx_diffrn_protocol             'SINGLE WAVELENGTH' 
_diffrn_radiation.pdbx_analyzer                    ? 
_diffrn_radiation.pdbx_scattering_type             x-ray 
# 
_diffrn_radiation_wavelength.id           1 
_diffrn_radiation_wavelength.wavelength   1.5406 
_diffrn_radiation_wavelength.wt           1.0 
# 
_diffrn_source.current                     ? 
_diffrn_source.details                     ? 
_diffrn_source.diffrn_id                   1 
_diffrn_source.power                       ? 
_diffrn_source.size                        ? 
_diffrn_source.source                      'ROTATING ANODE' 
_diffrn_source.target                      ? 
_diffrn_source.type                        'RIGAKU MICROMAX-007' 
_diffrn_source.voltage                     ? 
_diffrn_source.take-off_angle              ? 
_diffrn_source.pdbx_wavelength_list        1.5406 
_diffrn_source.pdbx_wavelength             ? 
_diffrn_source.pdbx_synchrotron_beamline   ? 
_diffrn_source.pdbx_synchrotron_site       ? 
# 
_reflns.B_iso_Wilson_estimate            ? 
_reflns.entry_id                         6PU8 
_reflns.data_reduction_details           ? 
_reflns.data_reduction_method            ? 
_reflns.d_resolution_high                1.80 
_reflns.d_resolution_low                 40 
_reflns.details                          ? 
_reflns.limit_h_max                      ? 
_reflns.limit_h_min                      ? 
_reflns.limit_k_max                      ? 
_reflns.limit_k_min                      ? 
_reflns.limit_l_max                      ? 
_reflns.limit_l_min                      ? 
_reflns.number_all                       ? 
_reflns.number_obs                       22743 
_reflns.observed_criterion               ? 
_reflns.observed_criterion_F_max         ? 
_reflns.observed_criterion_F_min         ? 
_reflns.observed_criterion_I_max         ? 
_reflns.observed_criterion_I_min         ? 
_reflns.observed_criterion_sigma_F       ? 
_reflns.observed_criterion_sigma_I       ? 
_reflns.percent_possible_obs             98.0 
_reflns.R_free_details                   ? 
_reflns.Rmerge_F_all                     ? 
_reflns.Rmerge_F_obs                     ? 
_reflns.Friedel_coverage                 ? 
_reflns.number_gt                        ? 
_reflns.threshold_expression             ? 
_reflns.pdbx_redundancy                  3.9 
_reflns.pdbx_Rmerge_I_obs                0.037 
_reflns.pdbx_Rmerge_I_all                ? 
_reflns.pdbx_Rsym_value                  ? 
_reflns.pdbx_netI_over_av_sigmaI         ? 
_reflns.pdbx_netI_over_sigmaI            29.4 
_reflns.pdbx_res_netI_over_av_sigmaI_2   ? 
_reflns.pdbx_res_netI_over_sigmaI_2      ? 
_reflns.pdbx_chi_squared                 ? 
_reflns.pdbx_scaling_rejects             ? 
_reflns.pdbx_d_res_high_opt              ? 
_reflns.pdbx_d_res_low_opt               ? 
_reflns.pdbx_d_res_opt_method            ? 
_reflns.phase_calculation_details        ? 
_reflns.pdbx_Rrim_I_all                  ? 
_reflns.pdbx_Rpim_I_all                  ? 
_reflns.pdbx_d_opt                       ? 
_reflns.pdbx_number_measured_all         ? 
_reflns.pdbx_diffrn_id                   1 
_reflns.pdbx_ordinal                     1 
_reflns.pdbx_CC_half                     ? 
_reflns.pdbx_R_split                     ? 
# 
_reflns_shell.d_res_high                  1.80 
_reflns_shell.d_res_low                   1.86 
_reflns_shell.meanI_over_sigI_all         ? 
_reflns_shell.meanI_over_sigI_obs         2.2 
_reflns_shell.number_measured_all         ? 
_reflns_shell.number_measured_obs         ? 
_reflns_shell.number_possible             ? 
_reflns_shell.number_unique_all           ? 
_reflns_shell.number_unique_obs           2253 
_reflns_shell.percent_possible_all        99.0 
_reflns_shell.percent_possible_obs        ? 
_reflns_shell.Rmerge_F_all                ? 
_reflns_shell.Rmerge_F_obs                ? 
_reflns_shell.Rmerge_I_all                ? 
_reflns_shell.Rmerge_I_obs                0.481 
_reflns_shell.meanI_over_sigI_gt          ? 
_reflns_shell.meanI_over_uI_all           ? 
_reflns_shell.meanI_over_uI_gt            ? 
_reflns_shell.number_measured_gt          ? 
_reflns_shell.number_unique_gt            ? 
_reflns_shell.percent_possible_gt         ? 
_reflns_shell.Rmerge_F_gt                 ? 
_reflns_shell.Rmerge_I_gt                 ? 
_reflns_shell.pdbx_redundancy             3.8 
_reflns_shell.pdbx_Rsym_value             ? 
_reflns_shell.pdbx_chi_squared            ? 
_reflns_shell.pdbx_netI_over_sigmaI_all   ? 
_reflns_shell.pdbx_netI_over_sigmaI_obs   ? 
_reflns_shell.pdbx_Rrim_I_all             ? 
_reflns_shell.pdbx_Rpim_I_all             ? 
_reflns_shell.pdbx_rejects                ? 
_reflns_shell.pdbx_ordinal                1 
_reflns_shell.pdbx_diffrn_id              1 
_reflns_shell.pdbx_CC_half                ? 
_reflns_shell.pdbx_R_split                ? 
# 
_refine.pdbx_refine_id                           'X-RAY DIFFRACTION' 
_refine.entry_id                                 6PU8 
_refine.pdbx_diffrn_id                           1 
_refine.pdbx_TLS_residual_ADP_flag               ? 
_refine.ls_number_reflns_obs                     19795 
_refine.ls_number_reflns_all                     21338 
_refine.pdbx_ls_sigma_I                          ? 
_refine.pdbx_ls_sigma_F                          0.0 
_refine.pdbx_data_cutoff_high_absF               ? 
_refine.pdbx_data_cutoff_low_absF                ? 
_refine.pdbx_data_cutoff_high_rms_absF           ? 
_refine.ls_d_res_low                             20.00 
_refine.ls_d_res_high                            1.80 
_refine.ls_percent_reflns_obs                    92.2 
_refine.ls_R_factor_obs                          ? 
_refine.ls_R_factor_all                          0.1903 
_refine.ls_R_factor_R_work                       0.1861 
_refine.ls_R_factor_R_free                       0.2410 
_refine.ls_R_factor_R_free_error                 ? 
_refine.ls_R_factor_R_free_error_details         ? 
_refine.ls_percent_reflns_R_free                 5.0 
_refine.ls_number_reflns_R_free                  1074 
_refine.ls_number_parameters                     6699 
_refine.ls_number_restraints                     6296 
_refine.occupancy_min                            ? 
_refine.occupancy_max                            ? 
_refine.correlation_coeff_Fo_to_Fc               ? 
_refine.correlation_coeff_Fo_to_Fc_free          ? 
_refine.B_iso_mean                               ? 
_refine.aniso_B[1][1]                            ? 
_refine.aniso_B[2][2]                            ? 
_refine.aniso_B[3][3]                            ? 
_refine.aniso_B[1][2]                            ? 
_refine.aniso_B[1][3]                            ? 
_refine.aniso_B[2][3]                            ? 
_refine.solvent_model_details                    ? 
_refine.solvent_model_param_ksol                 ? 
_refine.solvent_model_param_bsol                 ? 
_refine.pdbx_solvent_vdw_probe_radii             ? 
_refine.pdbx_solvent_ion_probe_radii             ? 
_refine.pdbx_solvent_shrinkage_radii             ? 
_refine.pdbx_ls_cross_valid_method               'FREE R-VALUE' 
_refine.details                                  ? 
_refine.pdbx_starting_model                      5E5J 
_refine.pdbx_method_to_determine_struct          'MOLECULAR REPLACEMENT' 
_refine.pdbx_isotropic_thermal_model             ? 
_refine.pdbx_stereochemistry_target_values       'ENGH AND HUBER' 
_refine.pdbx_stereochem_target_val_spec_case     ? 
_refine.pdbx_R_Free_selection_details            RANDOM 
_refine.pdbx_overall_ESU_R                       ? 
_refine.pdbx_overall_ESU_R_Free                  ? 
_refine.overall_SU_ML                            ? 
_refine.pdbx_overall_phase_error                 ? 
_refine.overall_SU_B                             ? 
_refine.overall_SU_R_Cruickshank_DPI             ? 
_refine.pdbx_overall_SU_R_free_Cruickshank_DPI   ? 
_refine.pdbx_overall_SU_R_Blow_DPI               ? 
_refine.pdbx_overall_SU_R_free_Blow_DPI          ? 
# 
_refine_analyze.pdbx_refine_id                  'X-RAY DIFFRACTION' 
_refine_analyze.entry_id                        6PU8 
_refine_analyze.Luzzati_coordinate_error_obs    ? 
_refine_analyze.Luzzati_sigma_a_obs             ? 
_refine_analyze.Luzzati_d_res_low_obs           ? 
_refine_analyze.Luzzati_coordinate_error_free   ? 
_refine_analyze.Luzzati_sigma_a_free            ? 
_refine_analyze.Luzzati_d_res_low_free          ? 
_refine_analyze.number_disordered_residues      0 
_refine_analyze.occupancy_sum_hydrogen          0.00 
_refine_analyze.occupancy_sum_non_hydrogen      1658.50 
# 
_refine_hist.pdbx_refine_id                   'X-RAY DIFFRACTION' 
_refine_hist.cycle_id                         1 
_refine_hist.pdbx_number_atoms_protein        1514 
_refine_hist.pdbx_number_atoms_nucleic_acid   0 
_refine_hist.pdbx_number_atoms_ligand         39 
_refine_hist.number_atoms_solvent             121 
_refine_hist.number_atoms_total               1674 
_refine_hist.d_res_high                       1.80 
_refine_hist.d_res_low                        20.00 
# 
loop_
_refine_ls_restr.type 
_refine_ls_restr.dev_ideal 
_refine_ls_restr.dev_ideal_target 
_refine_ls_restr.weight 
_refine_ls_restr.number 
_refine_ls_restr.pdbx_refine_id 
_refine_ls_restr.pdbx_restraint_function 
s_bond_d               0.009  ? ? ? 'X-RAY DIFFRACTION' ? 
s_angle_d              0.027  ? ? ? 'X-RAY DIFFRACTION' ? 
s_similar_dist         0.000  ? ? ? 'X-RAY DIFFRACTION' ? 
s_from_restr_planes    0.0252 ? ? ? 'X-RAY DIFFRACTION' ? 
s_zero_chiral_vol      0.047  ? ? ? 'X-RAY DIFFRACTION' ? 
s_non_zero_chiral_vol  0.064  ? ? ? 'X-RAY DIFFRACTION' ? 
s_anti_bump_dis_restr  0.025  ? ? ? 'X-RAY DIFFRACTION' ? 
s_rigid_bond_adp_cmpnt 0.000  ? ? ? 'X-RAY DIFFRACTION' ? 
s_similar_adp_cmpnt    0.085  ? ? ? 'X-RAY DIFFRACTION' ? 
s_approx_iso_adps      0.000  ? ? ? 'X-RAY DIFFRACTION' ? 
# 
_pdbx_refine.pdbx_refine_id                              'X-RAY DIFFRACTION' 
_pdbx_refine.entry_id                                    6PU8 
_pdbx_refine.R_factor_all_no_cutoff                      0.1903 
_pdbx_refine.R_factor_obs_no_cutoff                      0.1861 
_pdbx_refine.free_R_factor_no_cutoff                     0.2410 
_pdbx_refine.free_R_error_no_cutoff                      ? 
_pdbx_refine.free_R_val_test_set_size_perc_no_cutoff     5.0 
_pdbx_refine.free_R_val_test_set_ct_no_cutoff            1074 
_pdbx_refine.R_factor_all_4sig_cutoff                    0.1753 
_pdbx_refine.R_factor_obs_4sig_cutoff                    0.1711 
_pdbx_refine.free_R_factor_4sig_cutoff                   0.2245 
_pdbx_refine.free_R_val_test_set_size_perc_4sig_cutoff   5.0 
_pdbx_refine.free_R_val_test_set_ct_4sig_cutoff          919 
_pdbx_refine.number_reflns_obs_4sig_cutoff               18314 
# 
_struct.entry_id                     6PU8 
_struct.title                        
'Room temperature X-ray structure of HIV-1 protease triple mutant (V32I,I47V,V82I) with tetrahedral intermediate of keto-darunavir' 
_struct.pdbx_model_details           ? 
_struct.pdbx_formula_weight          ? 
_struct.pdbx_formula_weight_method   ? 
_struct.pdbx_model_type_details      ? 
_struct.pdbx_CASP_flag               N 
# 
_struct_keywords.entry_id        6PU8 
_struct_keywords.text            'HIV-1 protease, aspartic protease, tetrahedral intermediate inhibitor, homodimer, HYDROLASE' 
_struct_keywords.pdbx_keywords   HYDROLASE 
# 
loop_
_struct_asym.id 
_struct_asym.pdbx_blank_PDB_chainid_flag 
_struct_asym.pdbx_modified 
_struct_asym.entity_id 
_struct_asym.details 
A N N 1 ? 
B N N 1 ? 
C N N 2 ? 
D N N 3 ? 
E N N 3 ? 
# 
loop_
_struct_conf.conf_type_id 
_struct_conf.id 
_struct_conf.pdbx_PDB_helix_id 
_struct_conf.beg_label_comp_id 
_struct_conf.beg_label_asym_id 
_struct_conf.beg_label_seq_id 
_struct_conf.pdbx_beg_PDB_ins_code 
_struct_conf.end_label_comp_id 
_struct_conf.end_label_asym_id 
_struct_conf.end_label_seq_id 
_struct_conf.pdbx_end_PDB_ins_code 
_struct_conf.beg_auth_comp_id 
_struct_conf.beg_auth_asym_id 
_struct_conf.beg_auth_seq_id 
_struct_conf.end_auth_comp_id 
_struct_conf.end_auth_asym_id 
_struct_conf.end_auth_seq_id 
_struct_conf.pdbx_PDB_helix_class 
_struct_conf.details 
_struct_conf.pdbx_PDB_helix_length 
HELX_P HELX_P1 AA1 GLY A 86 ? THR A 91 ? GLY A 86  THR A 91  1 ? 6 
HELX_P HELX_P2 AA2 GLN A 92 ? GLY A 94 ? GLN A 92  GLY A 94  5 ? 3 
HELX_P HELX_P3 AA3 GLY B 86 ? THR B 91 ? GLY B 186 THR B 191 1 ? 6 
# 
_struct_conf_type.id          HELX_P 
_struct_conf_type.criteria    ? 
_struct_conf_type.reference   ? 
# 
loop_
_struct_sheet.id 
_struct_sheet.type 
_struct_sheet.number_strands 
_struct_sheet.details 
AA1 ? 4 ? 
AA2 ? 8 ? 
AA3 ? 8 ? 
# 
loop_
_struct_sheet_order.sheet_id 
_struct_sheet_order.range_id_1 
_struct_sheet_order.range_id_2 
_struct_sheet_order.offset 
_struct_sheet_order.sense 
AA1 1 2 ? anti-parallel 
AA1 2 3 ? anti-parallel 
AA1 3 4 ? anti-parallel 
AA2 1 2 ? anti-parallel 
AA2 2 3 ? anti-parallel 
AA2 3 4 ? parallel      
AA2 4 5 ? anti-parallel 
AA2 5 6 ? parallel      
AA2 6 7 ? anti-parallel 
AA2 7 8 ? anti-parallel 
AA3 1 2 ? anti-parallel 
AA3 2 3 ? anti-parallel 
AA3 3 4 ? parallel      
AA3 4 5 ? anti-parallel 
AA3 5 6 ? parallel      
AA3 6 7 ? anti-parallel 
AA3 7 8 ? anti-parallel 
# 
loop_
_struct_sheet_range.sheet_id 
_struct_sheet_range.id 
_struct_sheet_range.beg_label_comp_id 
_struct_sheet_range.beg_label_asym_id 
_struct_sheet_range.beg_label_seq_id 
_struct_sheet_range.pdbx_beg_PDB_ins_code 
_struct_sheet_range.end_label_comp_id 
_struct_sheet_range.end_label_asym_id 
_struct_sheet_range.end_label_seq_id 
_struct_sheet_range.pdbx_end_PDB_ins_code 
_struct_sheet_range.beg_auth_comp_id 
_struct_sheet_range.beg_auth_asym_id 
_struct_sheet_range.beg_auth_seq_id 
_struct_sheet_range.end_auth_comp_id 
_struct_sheet_range.end_auth_asym_id 
_struct_sheet_range.end_auth_seq_id 
AA1 1 GLN A 2  ? ILE A 3  ? GLN A 2   ILE A 3   
AA1 2 THR B 96 ? ASN B 98 ? THR B 196 ASN B 198 
AA1 3 THR A 96 ? ASN A 98 ? THR A 96  ASN A 98  
AA1 4 GLN B 2  ? ILE B 3  ? GLN B 102 ILE B 103 
AA2 1 LYS A 43 ? GLY A 49 ? LYS A 43  GLY A 49  
AA2 2 GLY A 52 ? ILE A 66 ? GLY A 52  ILE A 66  
AA2 3 HIS A 69 ? VAL A 77 ? HIS A 69  VAL A 77  
AA2 4 THR A 31 ? ILE A 33 ? THR A 31  ILE A 33  
AA2 5 ILE A 84 ? ILE A 85 ? ILE A 84  ILE A 85  
AA2 6 GLN A 18 ? LEU A 24 ? GLN A 18  LEU A 24  
AA2 7 LEU A 10 ? ILE A 15 ? LEU A 10  ILE A 15  
AA2 8 GLY A 52 ? ILE A 66 ? GLY A 52  ILE A 66  
AA3 1 LYS B 43 ? GLY B 49 ? LYS B 143 GLY B 149 
AA3 2 GLY B 52 ? ILE B 66 ? GLY B 152 ILE B 166 
AA3 3 HIS B 69 ? VAL B 77 ? HIS B 169 VAL B 177 
AA3 4 ILE B 32 ? ILE B 33 ? ILE B 132 ILE B 133 
AA3 5 ILE B 84 ? ILE B 85 ? ILE B 184 ILE B 185 
AA3 6 GLN B 18 ? LEU B 24 ? GLN B 118 LEU B 124 
AA3 7 LEU B 10 ? ILE B 15 ? LEU B 110 ILE B 115 
AA3 8 GLY B 52 ? ILE B 66 ? GLY B 152 ILE B 166 
# 
loop_
_pdbx_struct_sheet_hbond.sheet_id 
_pdbx_struct_sheet_hbond.range_id_1 
_pdbx_struct_sheet_hbond.range_id_2 
_pdbx_struct_sheet_hbond.range_1_label_atom_id 
_pdbx_struct_sheet_hbond.range_1_label_comp_id 
_pdbx_struct_sheet_hbond.range_1_label_asym_id 
_pdbx_struct_sheet_hbond.range_1_label_seq_id 
_pdbx_struct_sheet_hbond.range_1_PDB_ins_code 
_pdbx_struct_sheet_hbond.range_1_auth_atom_id 
_pdbx_struct_sheet_hbond.range_1_auth_comp_id 
_pdbx_struct_sheet_hbond.range_1_auth_asym_id 
_pdbx_struct_sheet_hbond.range_1_auth_seq_id 
_pdbx_struct_sheet_hbond.range_2_label_atom_id 
_pdbx_struct_sheet_hbond.range_2_label_comp_id 
_pdbx_struct_sheet_hbond.range_2_label_asym_id 
_pdbx_struct_sheet_hbond.range_2_label_seq_id 
_pdbx_struct_sheet_hbond.range_2_PDB_ins_code 
_pdbx_struct_sheet_hbond.range_2_auth_atom_id 
_pdbx_struct_sheet_hbond.range_2_auth_comp_id 
_pdbx_struct_sheet_hbond.range_2_auth_asym_id 
_pdbx_struct_sheet_hbond.range_2_auth_seq_id 
AA1 1 2 N ILE A 3  ? N ILE A 3   O LEU B 97 ? O LEU B 197 
AA1 2 3 O ASN B 98 ? O ASN B 198 N THR A 96 ? N THR A 96  
AA1 3 4 N LEU A 97 ? N LEU A 97  O ILE B 3  ? O ILE B 103 
AA2 1 2 N LYS A 43 ? N LYS A 43  O GLN A 58 ? O GLN A 58  
AA2 2 3 N ILE A 66 ? N ILE A 66  O HIS A 69 ? O HIS A 69  
AA2 3 4 O LEU A 76 ? O LEU A 76  N ILE A 33 ? N ILE A 33  
AA2 4 5 N ILE A 32 ? N ILE A 32  O ILE A 84 ? O ILE A 84  
AA2 5 6 O ILE A 85 ? O ILE A 85  N LEU A 23 ? N LEU A 23  
AA2 6 7 O LYS A 20 ? O LYS A 20  N ILE A 13 ? N ILE A 13  
AA2 7 8 N LYS A 14 ? N LYS A 14  O GLU A 65 ? O GLU A 65  
AA3 1 2 N VAL B 47 ? N VAL B 147 O ILE B 54 ? O ILE B 154 
AA3 2 3 N ILE B 66 ? N ILE B 166 O HIS B 69 ? O HIS B 169 
AA3 3 4 O LEU B 76 ? O LEU B 176 N ILE B 33 ? N ILE B 133 
AA3 4 5 N ILE B 32 ? N ILE B 132 O ILE B 84 ? O ILE B 184 
AA3 5 6 O ILE B 85 ? O ILE B 185 N LEU B 23 ? N LEU B 123 
AA3 6 7 O LYS B 20 ? O LYS B 120 N ILE B 13 ? N ILE B 113 
AA3 7 8 N LYS B 14 ? N LYS B 114 O GLU B 65 ? O GLU B 165 
# 
_struct_site.id                   AC1 
_struct_site.pdbx_evidence_code   Software 
_struct_site.pdbx_auth_asym_id    B 
_struct_site.pdbx_auth_comp_id    P3V 
_struct_site.pdbx_auth_seq_id     201 
_struct_site.pdbx_auth_ins_code   ? 
_struct_site.pdbx_num_residues    17 
_struct_site.details              'binding site for residue P3V B 201' 
# 
loop_
_struct_site_gen.id 
_struct_site_gen.site_id 
_struct_site_gen.pdbx_num_res 
_struct_site_gen.label_comp_id 
_struct_site_gen.label_asym_id 
_struct_site_gen.label_seq_id 
_struct_site_gen.pdbx_auth_ins_code 
_struct_site_gen.auth_comp_id 
_struct_site_gen.auth_asym_id 
_struct_site_gen.auth_seq_id 
_struct_site_gen.label_atom_id 
_struct_site_gen.label_alt_id 
_struct_site_gen.symmetry 
_struct_site_gen.details 
1  AC1 17 ASP A 25 ? ASP A 25  . ? 1_555 ? 
2  AC1 17 GLY A 27 ? GLY A 27  . ? 1_555 ? 
3  AC1 17 ALA A 28 ? ALA A 28  . ? 1_555 ? 
4  AC1 17 ASP A 30 ? ASP A 30  . ? 1_555 ? 
5  AC1 17 ILE A 32 ? ILE A 32  . ? 1_555 ? 
6  AC1 17 VAL A 47 ? VAL A 47  . ? 1_555 ? 
7  AC1 17 GLY A 48 ? GLY A 48  . ? 1_555 ? 
8  AC1 17 GLY A 49 ? GLY A 49  . ? 1_555 ? 
9  AC1 17 ILE A 82 ? ILE A 82  . ? 1_555 ? 
10 AC1 17 ASP B 25 ? ASP B 125 . ? 1_555 ? 
11 AC1 17 GLY B 27 ? GLY B 127 . ? 1_555 ? 
12 AC1 17 ASP B 29 ? ASP B 129 . ? 1_555 ? 
13 AC1 17 ASP B 30 ? ASP B 130 . ? 1_555 ? 
14 AC1 17 GLY B 48 ? GLY B 148 . ? 1_555 ? 
15 AC1 17 ILE B 50 ? ILE B 150 . ? 1_555 ? 
16 AC1 17 ILE B 82 ? ILE B 182 . ? 1_555 ? 
17 AC1 17 HOH E .  ? HOH B 318 . ? 1_555 ? 
# 
_atom_sites.entry_id                    6PU8 
_atom_sites.fract_transf_matrix[1][1]   -0.00811351 
_atom_sites.fract_transf_matrix[1][2]   0.00538295 
_atom_sites.fract_transf_matrix[1][3]   -0.01365386 
_atom_sites.fract_transf_matrix[2][1]   -0.00992524 
_atom_sites.fract_transf_matrix[2][2]   -0.00338883 
_atom_sites.fract_transf_matrix[2][3]   0.00456183 
_atom_sites.fract_transf_matrix[3][1]   -0.00243843 
_atom_sites.fract_transf_matrix[3][2]   0.01937428 
_atom_sites.fract_transf_matrix[3][3]   0.00908717 
_atom_sites.fract_transf_vector[1]      0.265257 
_atom_sites.fract_transf_vector[2]      -0.196181 
_atom_sites.fract_transf_vector[3]      -0.421563 
# 
loop_
_atom_type.symbol 
C 
N 
O 
S 
# 
loop_
_atom_site.group_PDB 
_atom_site.id 
_atom_site.type_symbol 
_atom_site.label_atom_id 
_atom_site.label_alt_id 
_atom_site.label_comp_id 
_atom_site.label_asym_id 
_atom_site.label_entity_id 
_atom_site.label_seq_id 
_atom_site.pdbx_PDB_ins_code 
_atom_site.Cartn_x 
_atom_site.Cartn_y 
_atom_site.Cartn_z 
_atom_site.occupancy 
_atom_site.B_iso_or_equiv 
_atom_site.pdbx_formal_charge 
_atom_site.auth_seq_id 
_atom_site.auth_comp_id 
_atom_site.auth_asym_id 
_atom_site.auth_atom_id 
_atom_site.pdbx_PDB_model_num 
ATOM   1    N N   . PRO A 1 1  ? -18.492 2.059   -5.015  1.00 38.37  ? 1   PRO A N   1 
ATOM   2    C CA  . PRO A 1 1  ? -17.813 2.289   -6.291  1.00 33.41  ? 1   PRO A CA  1 
ATOM   3    C C   . PRO A 1 1  ? -16.735 1.233   -6.536  1.00 36.89  ? 1   PRO A C   1 
ATOM   4    O O   . PRO A 1 1  ? -16.268 0.649   -5.555  1.00 40.59  ? 1   PRO A O   1 
ATOM   5    C CB  . PRO A 1 1  ? -17.140 3.647   -6.107  1.00 37.52  ? 1   PRO A CB  1 
ATOM   6    C CG  . PRO A 1 1  ? -16.940 3.724   -4.626  1.00 42.42  ? 1   PRO A CG  1 
ATOM   7    C CD  . PRO A 1 1  ? -18.164 3.096   -4.021  1.00 35.74  ? 1   PRO A CD  1 
ATOM   8    N N   . GLN A 1 2  ? -16.383 1.042   -7.809  1.00 37.02  ? 2   GLN A N   1 
ATOM   9    C CA  . GLN A 1 2  ? -15.341 0.134   -8.290  1.00 38.82  ? 2   GLN A CA  1 
ATOM   10   C C   . GLN A 1 2  ? -14.229 1.056   -8.777  1.00 37.67  ? 2   GLN A C   1 
ATOM   11   O O   . GLN A 1 2  ? -14.456 1.860   -9.683  1.00 41.01  ? 2   GLN A O   1 
ATOM   12   C CB  . GLN A 1 2  ? -15.807 -0.713  -9.448  1.00 33.67  ? 2   GLN A CB  1 
ATOM   13   C CG  . GLN A 1 2  ? -14.791 -1.727  -9.908  1.00 40.92  ? 2   GLN A CG  1 
ATOM   14   C CD  . GLN A 1 2  ? -15.383 -2.753  -10.834 1.00 52.58  ? 2   GLN A CD  1 
ATOM   15   O OE1 . GLN A 1 2  ? -15.313 -2.615  -12.031 1.00 68.42  ? 2   GLN A OE1 1 
ATOM   16   N NE2 . GLN A 1 2  ? -15.977 -3.777  -10.278 1.00 61.72  ? 2   GLN A NE2 1 
ATOM   17   N N   . ILE A 1 3  ? -13.089 0.960   -8.147  1.00 27.05  ? 3   ILE A N   1 
ATOM   18   C CA  . ILE A 1 3  ? -11.963 1.798   -8.421  1.00 23.98  ? 3   ILE A CA  1 
ATOM   19   C C   . ILE A 1 3  ? -10.939 1.004   -9.205  1.00 29.48  ? 3   ILE A C   1 
ATOM   20   O O   . ILE A 1 3  ? -10.443 0.031   -8.715  1.00 25.27  ? 3   ILE A O   1 
ATOM   21   C CB  . ILE A 1 3  ? -11.312 2.242   -7.090  1.00 25.39  ? 3   ILE A CB  1 
ATOM   22   C CG1 . ILE A 1 3  ? -12.369 2.785   -6.134  1.00 30.49  ? 3   ILE A CG1 1 
ATOM   23   C CG2 . ILE A 1 3  ? -10.211 3.225   -7.327  1.00 25.97  ? 3   ILE A CG2 1 
ATOM   24   C CD1 . ILE A 1 3  ? -12.092 4.131   -5.568  1.00 40.37  ? 3   ILE A CD1 1 
ATOM   25   N N   . THR A 1 4  ? -10.640 1.440   -10.434 1.00 23.68  ? 4   THR A N   1 
ATOM   26   C CA  . THR A 1 4  ? -9.592  0.798   -11.228 1.00 21.33  ? 4   THR A CA  1 
ATOM   27   C C   . THR A 1 4  ? -8.251  1.356   -10.770 1.00 21.31  ? 4   THR A C   1 
ATOM   28   O O   . THR A 1 4  ? -8.205  2.378   -10.065 1.00 23.89  ? 4   THR A O   1 
ATOM   29   C CB  . THR A 1 4  ? -9.773  1.076   -12.731 1.00 30.43  ? 4   THR A CB  1 
ATOM   30   O OG1 . THR A 1 4  ? -9.897  2.493   -12.918 1.00 44.14  ? 4   THR A OG1 1 
ATOM   31   C CG2 . THR A 1 4  ? -11.050 0.444   -13.259 1.00 24.93  ? 4   THR A CG2 1 
ATOM   32   N N   . LEU A 1 5  ? -7.143  0.731   -11.140 1.00 22.43  ? 5   LEU A N   1 
ATOM   33   C CA  . LEU A 1 5  ? -5.874  1.180   -10.562 1.00 20.95  ? 5   LEU A CA  1 
ATOM   34   C C   . LEU A 1 5  ? -4.928  1.753   -11.583 1.00 19.43  ? 5   LEU A C   1 
ATOM   35   O O   . LEU A 1 5  ? -3.720  1.801   -11.364 1.00 18.39  ? 5   LEU A O   1 
ATOM   36   C CB  . LEU A 1 5  ? -5.191  -0.002  -9.845  1.00 16.98  ? 5   LEU A CB  1 
ATOM   37   C CG  . LEU A 1 5  ? -6.077  -0.502  -8.686  1.00 19.69  ? 5   LEU A CG  1 
ATOM   38   C CD1 . LEU A 1 5  ? -5.556  -1.842  -8.180  1.00 24.49  ? 5   LEU A CD1 1 
ATOM   39   C CD2 . LEU A 1 5  ? -6.116  0.557   -7.600  1.00 19.55  ? 5   LEU A CD2 1 
ATOM   40   N N   . TRP A 1 6  ? -5.475  2.232   -12.693 1.00 18.15  ? 6   TRP A N   1 
ATOM   41   C CA  . TRP A 1 6  ? -4.604  2.970   -13.604 1.00 23.14  ? 6   TRP A CA  1 
ATOM   42   C C   . TRP A 1 6  ? -3.971  4.188   -12.946 1.00 22.96  ? 6   TRP A C   1 
ATOM   43   O O   . TRP A 1 6  ? -2.865  4.620   -13.288 1.00 23.42  ? 6   TRP A O   1 
ATOM   44   C CB  . TRP A 1 6  ? -5.435  3.452   -14.788 1.00 20.15  ? 6   TRP A CB  1 
ATOM   45   C CG  . TRP A 1 6  ? -6.155  2.384   -15.524 1.00 25.94  ? 6   TRP A CG  1 
ATOM   46   C CD1 . TRP A 1 6  ? -7.508  2.146   -15.529 1.00 29.98  ? 6   TRP A CD1 1 
ATOM   47   C CD2 . TRP A 1 6  ? -5.554  1.403   -16.375 1.00 22.38  ? 6   TRP A CD2 1 
ATOM   48   N NE1 . TRP A 1 6  ? -7.767  1.070   -16.339 1.00 29.57  ? 6   TRP A NE1 1 
ATOM   49   C CE2 . TRP A 1 6  ? -6.598  0.594   -16.870 1.00 34.15  ? 6   TRP A CE2 1 
ATOM   50   C CE3 . TRP A 1 6  ? -4.250  1.133   -16.768 1.00 20.00  ? 6   TRP A CE3 1 
ATOM   51   C CZ2 . TRP A 1 6  ? -6.370  -0.471  -17.739 1.00 39.63  ? 6   TRP A CZ2 1 
ATOM   52   C CZ3 . TRP A 1 6  ? -4.028  0.076   -17.630 1.00 23.67  ? 6   TRP A CZ3 1 
ATOM   53   C CH2 . TRP A 1 6  ? -5.073  -0.717  -18.110 1.00 33.88  ? 6   TRP A CH2 1 
ATOM   54   N N   . LYS A 1 7  ? -4.677  4.784   -11.994 1.00 16.58  ? 7   LYS A N   1 
ATOM   55   C CA  . LYS A 1 7  ? -4.118  5.908   -11.250 1.00 16.85  ? 7   LYS A CA  1 
ATOM   56   C C   . LYS A 1 7  ? -4.105  5.635   -9.746  1.00 17.52  ? 7   LYS A C   1 
ATOM   57   O O   . LYS A 1 7  ? -4.775  4.704   -9.295  1.00 17.15  ? 7   LYS A O   1 
ATOM   58   C CB  . LYS A 1 7  ? -4.958  7.171   -11.479 1.00 25.51  ? 7   LYS A CB  1 
ATOM   59   C CG  . LYS A 1 7  ? -5.080  7.571   -12.939 1.00 51.16  ? 7   LYS A CG  1 
ATOM   60   C CD  . LYS A 1 7  ? -4.821  9.048   -13.168 1.00 65.90  ? 7   LYS A CD  1 
ATOM   61   C CE  . LYS A 1 7  ? -4.033  9.303   -14.443 1.00 73.76  ? 7   LYS A CE  1 
ATOM   62   N NZ  . LYS A 1 7  ? -4.221  10.691  -14.962 1.00 85.86  ? 7   LYS A NZ  1 
ATOM   63   N N   . ARG A 1 8  ? -3.408  6.452   -8.954  1.00 16.67  ? 8   ARG A N   1 
ATOM   64   C CA  . ARG A 1 8  ? -3.550  6.281   -7.502  1.00 17.22  ? 8   ARG A CA  1 
ATOM   65   C C   . ARG A 1 8  ? -5.009  6.373   -7.054  1.00 17.95  ? 8   ARG A C   1 
ATOM   66   O O   . ARG A 1 8  ? -5.718  7.279   -7.486  1.00 21.12  ? 8   ARG A O   1 
ATOM   67   C CB  . ARG A 1 8  ? -2.720  7.327   -6.766  1.00 18.19  ? 8   ARG A CB  1 
ATOM   68   C CG  . ARG A 1 8  ? -1.228  7.228   -7.060  1.00 21.96  ? 8   ARG A CG  1 
ATOM   69   C CD  . ARG A 1 8  ? -0.397  8.060   -6.094  1.00 18.46  ? 8   ARG A CD  1 
ATOM   70   N NE  . ARG A 1 8  ? 1.042   7.783   -6.284  1.00 24.53  ? 8   ARG A NE  1 
ATOM   71   C CZ  . ARG A 1 8  ? 1.971   8.495   -5.648  1.00 30.89  ? 8   ARG A CZ  1 
ATOM   72   N NH1 . ARG A 1 8  ? 1.610   9.474   -4.823  1.00 38.37  ? 8   ARG A NH1 1 
ATOM   73   N NH2 . ARG A 1 8  ? 3.258   8.242   -5.826  1.00 29.76  ? 8   ARG A NH2 1 
ATOM   74   N N   . PRO A 1 9  ? -5.466  5.458   -6.214  1.00 18.07  ? 9   PRO A N   1 
ATOM   75   C CA  . PRO A 1 9  ? -6.835  5.468   -5.676  1.00 15.95  ? 9   PRO A CA  1 
ATOM   76   C C   . PRO A 1 9  ? -6.976  6.469   -4.540  1.00 17.97  ? 9   PRO A C   1 
ATOM   77   O O   . PRO A 1 9  ? -6.943  6.118   -3.365  1.00 22.60  ? 9   PRO A O   1 
ATOM   78   C CB  . PRO A 1 9  ? -7.021  4.044   -5.140  1.00 18.05  ? 9   PRO A CB  1 
ATOM   79   C CG  . PRO A 1 9  ? -5.645  3.584   -4.777  1.00 14.67  ? 9   PRO A CG  1 
ATOM   80   C CD  . PRO A 1 9  ? -4.707  4.287   -5.725  1.00 23.18  ? 9   PRO A CD  1 
ATOM   81   N N   . LEU A 1 10 ? -7.125  7.732   -4.901  1.00 22.59  ? 10  LEU A N   1 
ATOM   82   C CA  . LEU A 1 10 ? -7.241  8.845   -3.983  1.00 23.25  ? 10  LEU A CA  1 
ATOM   83   C C   . LEU A 1 10 ? -8.724  9.141   -3.764  1.00 26.43  ? 10  LEU A C   1 
ATOM   84   O O   . LEU A 1 10 ? -9.517  9.093   -4.707  1.00 25.12  ? 10  LEU A O   1 
ATOM   85   C CB  . LEU A 1 10 ? -6.524  10.097  -4.494  1.00 27.99  ? 10  LEU A CB  1 
ATOM   86   C CG  . LEU A 1 10 ? -5.036  10.044  -4.810  1.00 35.83  ? 10  LEU A CG  1 
ATOM   87   C CD1 . LEU A 1 10 ? -4.513  11.377  -5.347  1.00 29.51  ? 10  LEU A CD1 1 
ATOM   88   C CD2 . LEU A 1 10 ? -4.222  9.658   -3.584  1.00 29.85  ? 10  LEU A CD2 1 
ATOM   89   N N   . VAL A 1 11 ? -9.078  9.407   -2.517  1.00 23.35  ? 11  VAL A N   1 
ATOM   90   C CA  . VAL A 1 11 ? -10.431 9.785   -2.162  1.00 20.45  ? 11  VAL A CA  1 
ATOM   91   C C   . VAL A 1 11 ? -10.382 10.928  -1.147  1.00 18.99  ? 11  VAL A C   1 
ATOM   92   O O   . VAL A 1 11 ? -9.371  11.158  -0.488  1.00 18.47  ? 11  VAL A O   1 
ATOM   93   C CB  . VAL A 1 11 ? -11.258 8.654   -1.529  1.00 30.08  ? 11  VAL A CB  1 
ATOM   94   C CG1 . VAL A 1 11 ? -11.440 7.508   -2.502  1.00 44.82  ? 11  VAL A CG1 1 
ATOM   95   C CG2 . VAL A 1 11 ? -10.599 8.159   -0.253  1.00 27.04  ? 11  VAL A CG2 1 
ATOM   96   N N   . THR A 1 12 ? -11.514 11.605  -1.040  1.00 25.26  ? 12  THR A N   1 
ATOM   97   C CA  . THR A 1 12 ? -11.684 12.697  -0.086  1.00 29.44  ? 12  THR A CA  1 
ATOM   98   C C   . THR A 1 12 ? -12.053 12.141  1.275   1.00 25.59  ? 12  THR A C   1 
ATOM   99   O O   . THR A 1 12 ? -12.896 11.257  1.374   1.00 25.32  ? 12  THR A O   1 
ATOM   100  C CB  . THR A 1 12 ? -12.761 13.682  -0.591  1.00 31.30  ? 12  THR A CB  1 
ATOM   101  O OG1 . THR A 1 12 ? -12.211 14.369  -1.725  1.00 35.34  ? 12  THR A OG1 1 
ATOM   102  C CG2 . THR A 1 12 ? -13.068 14.723  0.470   1.00 35.08  ? 12  THR A CG2 1 
ATOM   103  N N   . ILE A 1 13 ? -11.419 12.606  2.342   1.00 22.35  ? 13  ILE A N   1 
ATOM   104  C CA  . ILE A 1 13 ? -11.786 12.132  3.677   1.00 25.09  ? 13  ILE A CA  1 
ATOM   105  C C   . ILE A 1 13 ? -12.079 13.346  4.566   1.00 28.96  ? 13  ILE A C   1 
ATOM   106  O O   . ILE A 1 13 ? -11.572 14.448  4.322   1.00 26.87  ? 13  ILE A O   1 
ATOM   107  C CB  . ILE A 1 13 ? -10.678 11.289  4.337   1.00 22.66  ? 13  ILE A CB  1 
ATOM   108  C CG1 . ILE A 1 13 ? -9.447  12.137  4.650   1.00 23.30  ? 13  ILE A CG1 1 
ATOM   109  C CG2 . ILE A 1 13 ? -10.321 10.077  3.493   1.00 18.47  ? 13  ILE A CG2 1 
ATOM   110  C CD1 . ILE A 1 13 ? -8.464  11.555  5.643   1.00 28.40  ? 13  ILE A CD1 1 
ATOM   111  N N   . LYS A 1 14 ? -12.887 13.132  5.594   1.00 24.44  ? 14  LYS A N   1 
ATOM   112  C CA  . LYS A 1 14 ? -13.163 14.189  6.565   1.00 23.81  ? 14  LYS A CA  1 
ATOM   113  C C   . LYS A 1 14 ? -12.734 13.699  7.941   1.00 24.06  ? 14  LYS A C   1 
ATOM   114  O O   . LYS A 1 14 ? -13.231 12.675  8.435   1.00 26.80  ? 14  LYS A O   1 
ATOM   115  C CB  . LYS A 1 14 ? -14.630 14.602  6.581   1.00 27.79  ? 14  LYS A CB  1 
ATOM   116  C CG  . LYS A 1 14 ? -14.920 15.691  7.606   1.00 45.06  ? 14  LYS A CG  1 
ATOM   117  C CD  . LYS A 1 14 ? -16.244 16.391  7.336   1.00 54.51  ? 14  LYS A CD  1 
ATOM   118  C CE  . LYS A 1 14 ? -16.438 17.575  8.273   1.00 57.15  ? 14  LYS A CE  1 
ATOM   119  N NZ  . LYS A 1 14 ? -17.821 17.633  8.830   1.00 57.48  ? 14  LYS A NZ  1 
ATOM   120  N N   . ILE A 1 15 ? -11.788 14.443  8.514   1.00 23.43  ? 15  ILE A N   1 
ATOM   121  C CA  . ILE A 1 15 ? -11.232 14.026  9.801   1.00 30.78  ? 15  ILE A CA  1 
ATOM   122  C C   . ILE A 1 15 ? -10.973 15.279  10.644  1.00 29.58  ? 15  ILE A C   1 
ATOM   123  O O   . ILE A 1 15 ? -10.429 16.231  10.101  1.00 28.94  ? 15  ILE A O   1 
ATOM   124  C CB  . ILE A 1 15 ? -9.936  13.192  9.708   1.00 25.40  ? 15  ILE A CB  1 
ATOM   125  C CG1 . ILE A 1 15 ? -9.355  12.825  11.075  1.00 30.42  ? 15  ILE A CG1 1 
ATOM   126  C CG2 . ILE A 1 15 ? -8.875  13.869  8.850   1.00 19.63  ? 15  ILE A CG2 1 
ATOM   127  C CD1 . ILE A 1 15 ? -8.124  11.943  11.030  1.00 37.93  ? 15  ILE A CD1 1 
ATOM   128  N N   . GLY A 1 16 ? -11.380 15.214  11.897  1.00 35.24  ? 16  GLY A N   1 
ATOM   129  C CA  . GLY A 1 16 ? -11.231 16.282  12.860  1.00 38.10  ? 16  GLY A CA  1 
ATOM   130  C C   . GLY A 1 16 ? -11.712 17.608  12.288  1.00 36.86  ? 16  GLY A C   1 
ATOM   131  O O   . GLY A 1 16 ? -11.044 18.608  12.519  1.00 40.73  ? 16  GLY A O   1 
ATOM   132  N N   . GLY A 1 17 ? -12.816 17.587  11.563  1.00 36.78  ? 17  GLY A N   1 
ATOM   133  C CA  . GLY A 1 17 ? -13.398 18.747  10.930  1.00 45.32  ? 17  GLY A CA  1 
ATOM   134  C C   . GLY A 1 17 ? -12.745 19.169  9.637   1.00 50.21  ? 17  GLY A C   1 
ATOM   135  O O   . GLY A 1 17 ? -13.212 20.103  8.978   1.00 43.34  ? 17  GLY A O   1 
ATOM   136  N N   . GLN A 1 18 ? -11.638 18.567  9.243   1.00 41.63  ? 18  GLN A N   1 
ATOM   137  C CA  . GLN A 1 18 ? -10.999 19.019  8.015   1.00 35.39  ? 18  GLN A CA  1 
ATOM   138  C C   . GLN A 1 18 ? -11.216 18.033  6.875   1.00 35.76  ? 18  GLN A C   1 
ATOM   139  O O   . GLN A 1 18 ? -11.380 16.863  7.108   1.00 35.11  ? 18  GLN A O   1 
ATOM   140  C CB  . GLN A 1 18 ? -9.486  19.240  8.213   1.00 41.90  ? 18  GLN A CB  1 
ATOM   141  C CG  . GLN A 1 18 ? -9.002  20.056  9.433   1.00 43.42  ? 18  GLN A CG  1 
ATOM   142  C CD  . GLN A 1 18 ? -7.472  20.128  9.570   1.00 45.58  ? 18  GLN A CD  1 
ATOM   143  O OE1 . GLN A 1 18 ? -6.944  20.323  10.633  1.00 53.06  ? 18  GLN A OE1 1 
ATOM   144  N NE2 . GLN A 1 18 ? -6.789  19.967  8.489   1.00 56.63  ? 18  GLN A NE2 1 
ATOM   145  N N   . LEU A 1 19 ? -11.188 18.536  5.645   1.00 29.67  ? 19  LEU A N   1 
ATOM   146  C CA  . LEU A 1 19 ? -11.316 17.735  4.438   1.00 35.82  ? 19  LEU A CA  1 
ATOM   147  C C   . LEU A 1 19 ? -9.926  17.460  3.865   1.00 42.01  ? 19  LEU A C   1 
ATOM   148  O O   . LEU A 1 19 ? -9.130  18.361  3.731   1.00 39.37  ? 19  LEU A O   1 
ATOM   149  C CB  . LEU A 1 19 ? -12.151 18.441  3.388   1.00 47.03  ? 19  LEU A CB  1 
ATOM   150  C CG  . LEU A 1 19 ? -13.649 18.184  3.291   1.00 47.35  ? 19  LEU A CG  1 
ATOM   151  C CD1 . LEU A 1 19 ? -14.397 19.468  3.501   1.00 51.46  ? 19  LEU A CD1 1 
ATOM   152  C CD2 . LEU A 1 19 ? -13.995 17.630  1.931   1.00 69.45  ? 19  LEU A CD2 1 
ATOM   153  N N   . LYS A 1 20 ? -9.637  16.211  3.534   1.00 28.55  ? 20  LYS A N   1 
ATOM   154  C CA  . LYS A 1 20 ? -8.283  15.914  3.075   1.00 22.19  ? 20  LYS A CA  1 
ATOM   155  C C   . LYS A 1 20 ? -8.409  14.900  1.937   1.00 22.93  ? 20  LYS A C   1 
ATOM   156  O O   . LYS A 1 20 ? -9.463  14.267  1.849   1.00 33.00  ? 20  LYS A O   1 
ATOM   157  C CB  . LYS A 1 20 ? -7.421  15.365  4.199   1.00 25.20  ? 20  LYS A CB  1 
ATOM   158  C CG  . LYS A 1 20 ? -7.024  16.368  5.274   1.00 29.01  ? 20  LYS A CG  1 
ATOM   159  C CD  . LYS A 1 20 ? -6.126  15.709  6.306   1.00 35.57  ? 20  LYS A CD  1 
ATOM   160  C CE  . LYS A 1 20 ? -5.717  16.688  7.396   1.00 43.14  ? 20  LYS A CE  1 
ATOM   161  N NZ  . LYS A 1 20 ? -4.582  17.547  6.956   1.00 48.64  ? 20  LYS A NZ  1 
ATOM   162  N N   . GLU A 1 21 ? -7.354  14.784  1.154   1.00 19.40  ? 21  GLU A N   1 
ATOM   163  C CA  . GLU A 1 21 ? -7.182  13.747  0.148   1.00 22.38  ? 21  GLU A CA  1 
ATOM   164  C C   . GLU A 1 21 ? -6.398  12.589  0.766   1.00 23.03  ? 21  GLU A C   1 
ATOM   165  O O   . GLU A 1 21 ? -5.410  12.795  1.481   1.00 25.01  ? 21  GLU A O   1 
ATOM   166  C CB  . GLU A 1 21 ? -6.421  14.269  -1.070  1.00 33.07  ? 21  GLU A CB  1 
ATOM   167  C CG  . GLU A 1 21 ? -6.944  13.962  -2.454  1.00 53.55  ? 21  GLU A CG  1 
ATOM   168  C CD  . GLU A 1 21 ? -5.977  14.307  -3.576  1.00 64.88  ? 21  GLU A CD  1 
ATOM   169  O OE1 . GLU A 1 21 ? -4.739  14.260  -3.388  1.00 66.19  ? 21  GLU A OE1 1 
ATOM   170  O OE2 . GLU A 1 21 ? -6.444  14.636  -4.692  1.00 91.68  ? 21  GLU A OE2 1 
ATOM   171  N N   . ALA A 1 22 ? -6.798  11.348  0.507   1.00 23.73  ? 22  ALA A N   1 
ATOM   172  C CA  . ALA A 1 22 ? -6.000  10.248  1.038   1.00 13.08  ? 22  ALA A CA  1 
ATOM   173  C C   . ALA A 1 22 ? -6.029  9.050   0.094   1.00 20.43  ? 22  ALA A C   1 
ATOM   174  O O   . ALA A 1 22 ? -6.957  8.861   -0.691  1.00 20.89  ? 22  ALA A O   1 
ATOM   175  C CB  . ALA A 1 22 ? -6.545  9.845   2.401   1.00 18.01  ? 22  ALA A CB  1 
ATOM   176  N N   . LEU A 1 23 ? -4.990  8.233   0.206   1.00 17.67  ? 23  LEU A N   1 
ATOM   177  C CA  . LEU A 1 23 ? -4.757  7.058   -0.619  1.00 15.69  ? 23  LEU A CA  1 
ATOM   178  C C   . LEU A 1 23 ? -5.408  5.813   -0.050  1.00 16.63  ? 23  LEU A C   1 
ATOM   179  O O   . LEU A 1 23 ? -5.179  5.499   1.121   1.00 16.72  ? 23  LEU A O   1 
ATOM   180  C CB  . LEU A 1 23 ? -3.239  6.897   -0.669  1.00 21.73  ? 23  LEU A CB  1 
ATOM   181  C CG  . LEU A 1 23 ? -2.644  5.832   -1.570  1.00 24.27  ? 23  LEU A CG  1 
ATOM   182  C CD1 . LEU A 1 23 ? -2.992  6.108   -3.012  1.00 20.97  ? 23  LEU A CD1 1 
ATOM   183  C CD2 . LEU A 1 23 ? -1.134  5.794   -1.366  1.00 23.56  ? 23  LEU A CD2 1 
ATOM   184  N N   . LEU A 1 24 ? -6.227  5.071   -0.790  1.00 16.89  ? 24  LEU A N   1 
ATOM   185  C CA  . LEU A 1 24 ? -6.759  3.804   -0.288  1.00 17.31  ? 24  LEU A CA  1 
ATOM   186  C C   . LEU A 1 24 ? -5.711  2.707   -0.409  1.00 17.08  ? 24  LEU A C   1 
ATOM   187  O O   . LEU A 1 24 ? -5.363  2.313   -1.533  1.00 17.24  ? 24  LEU A O   1 
ATOM   188  C CB  . LEU A 1 24 ? -8.023  3.407   -1.067  1.00 15.58  ? 24  LEU A CB  1 
ATOM   189  C CG  . LEU A 1 24 ? -9.192  4.384   -0.915  1.00 23.86  ? 24  LEU A CG  1 
ATOM   190  C CD1 . LEU A 1 24 ? -10.448 3.839   -1.580  1.00 33.15  ? 24  LEU A CD1 1 
ATOM   191  C CD2 . LEU A 1 24 ? -9.475  4.675   0.556   1.00 19.56  ? 24  LEU A CD2 1 
ATOM   192  N N   . ASP A 1 25 ? -5.173  2.226   0.710   1.00 11.54  ? 25  ASP A N   1 
ATOM   193  C CA  . ASP A 1 25 ? -3.918  1.462   0.579   1.00 7.39   ? 25  ASP A CA  1 
ATOM   194  C C   . ASP A 1 25 ? -4.002  0.082   1.192   1.00 13.41  ? 25  ASP A C   1 
ATOM   195  O O   . ASP A 1 25 ? -3.960  -0.075  2.421   1.00 11.93  ? 25  ASP A O   1 
ATOM   196  C CB  . ASP A 1 25 ? -2.811  2.254   1.272   1.00 8.18   ? 25  ASP A CB  1 
ATOM   197  C CG  . ASP A 1 25 ? -1.418  1.689   1.088   1.00 22.81  ? 25  ASP A CG  1 
ATOM   198  O OD1 . ASP A 1 25 ? -1.276  0.530   0.635   1.00 16.83  ? 25  ASP A OD1 1 
ATOM   199  O OD2 . ASP A 1 25 ? -0.438  2.404   1.390   1.00 16.51  ? 25  ASP A OD2 1 
ATOM   200  N N   . THR A 1 26 ? -4.125  -0.948  0.355   1.00 11.89  ? 26  THR A N   1 
ATOM   201  C CA  . THR A 1 26 ? -4.305  -2.292  0.920   1.00 14.18  ? 26  THR A CA  1 
ATOM   202  C C   . THR A 1 26 ? -3.014  -2.834  1.517   1.00 14.26  ? 26  THR A C   1 
ATOM   203  O O   . THR A 1 26 ? -3.039  -3.857  2.220   1.00 15.53  ? 26  THR A O   1 
ATOM   204  C CB  . THR A 1 26 ? -4.785  -3.295  -0.148  1.00 14.31  ? 26  THR A CB  1 
ATOM   205  O OG1 . THR A 1 26 ? -3.793  -3.313  -1.200  1.00 10.41  ? 26  THR A OG1 1 
ATOM   206  C CG2 . THR A 1 26 ? -6.113  -2.892  -0.766  1.00 10.18  ? 26  THR A CG2 1 
ATOM   207  N N   . GLY A 1 27 ? -1.887  -2.174  1.256   1.00 11.48  ? 27  GLY A N   1 
ATOM   208  C CA  . GLY A 1 27 ? -0.597  -2.632  1.765   1.00 10.38  ? 27  GLY A CA  1 
ATOM   209  C C   . GLY A 1 27 ? -0.323  -2.014  3.131   1.00 14.69  ? 27  GLY A C   1 
ATOM   210  O O   . GLY A 1 27 ? 0.663   -2.362  3.775   1.00 14.30  ? 27  GLY A O   1 
ATOM   211  N N   . ALA A 1 28 ? -1.191  -1.099  3.574   1.00 13.47  ? 28  ALA A N   1 
ATOM   212  C CA  . ALA A 1 28 ? -0.963  -0.459  4.872   1.00 13.60  ? 28  ALA A CA  1 
ATOM   213  C C   . ALA A 1 28 ? -1.775  -1.105  5.985   1.00 14.88  ? 28  ALA A C   1 
ATOM   214  O O   . ALA A 1 28 ? -2.993  -1.166  5.882   1.00 14.14  ? 28  ALA A O   1 
ATOM   215  C CB  . ALA A 1 28 ? -1.307  1.014   4.761   1.00 11.35  ? 28  ALA A CB  1 
ATOM   216  N N   . ASP A 1 29 ? -1.148  -1.593  7.057   1.00 13.56  ? 29  ASP A N   1 
ATOM   217  C CA  . ASP A 1 29 ? -1.930  -2.206  8.133   1.00 18.67  ? 29  ASP A CA  1 
ATOM   218  C C   . ASP A 1 29 ? -2.783  -1.154  8.843   1.00 17.42  ? 29  ASP A C   1 
ATOM   219  O O   . ASP A 1 29 ? -3.920  -1.437  9.223   1.00 18.37  ? 29  ASP A O   1 
ATOM   220  C CB  . ASP A 1 29 ? -1.054  -2.855  9.200   1.00 14.72  ? 29  ASP A CB  1 
ATOM   221  C CG  . ASP A 1 29 ? -0.244  -4.035  8.712   1.00 22.11  ? 29  ASP A CG  1 
ATOM   222  O OD1 . ASP A 1 29 ? -0.648  -4.697  7.733   1.00 18.91  ? 29  ASP A OD1 1 
ATOM   223  O OD2 . ASP A 1 29 ? 0.810   -4.301  9.325   1.00 25.56  ? 29  ASP A OD2 1 
ATOM   224  N N   . ASP A 1 30 ? -2.207  0.032   9.023   1.00 15.23  ? 30  ASP A N   1 
ATOM   225  C CA  . ASP A 1 30 ? -2.859  1.075   9.803   1.00 18.64  ? 30  ASP A CA  1 
ATOM   226  C C   . ASP A 1 30 ? -2.896  2.400   9.048   1.00 21.88  ? 30  ASP A C   1 
ATOM   227  O O   . ASP A 1 30 ? -2.130  2.612   8.119   1.00 20.13  ? 30  ASP A O   1 
ATOM   228  C CB  . ASP A 1 30 ? -2.106  1.315   11.112  1.00 29.83  ? 30  ASP A CB  1 
ATOM   229  C CG  . ASP A 1 30 ? -2.392  0.247   12.154  1.00 37.12  ? 30  ASP A CG  1 
ATOM   230  O OD1 . ASP A 1 30 ? -3.554  0.096   12.582  1.00 44.76  ? 30  ASP A OD1 1 
ATOM   231  O OD2 . ASP A 1 30 ? -1.418  -0.425  12.525  1.00 31.97  ? 30  ASP A OD2 1 
ATOM   232  N N   . THR A 1 31 ? -3.808  3.249   9.478   1.00 18.48  ? 31  THR A N   1 
ATOM   233  C CA  . THR A 1 31 ? -4.052  4.539   8.849   1.00 15.80  ? 31  THR A CA  1 
ATOM   234  C C   . THR A 1 31 ? -3.075  5.555   9.421   1.00 15.25  ? 31  THR A C   1 
ATOM   235  O O   . THR A 1 31 ? -2.878  5.598   10.634  1.00 16.51  ? 31  THR A O   1 
ATOM   236  C CB  . THR A 1 31 ? -5.510  4.936   9.118   1.00 16.94  ? 31  THR A CB  1 
ATOM   237  O OG1 . THR A 1 31 ? -6.326  3.979   8.417   1.00 16.46  ? 31  THR A OG1 1 
ATOM   238  C CG2 . THR A 1 31 ? -5.826  6.329   8.600   1.00 14.67  ? 31  THR A CG2 1 
ATOM   239  N N   . ILE A 1 32 ? -2.475  6.315   8.525   1.00 13.44  ? 32  ILE A N   1 
ATOM   240  C CA  . ILE A 1 32 ? -1.490  7.328   8.829   1.00 15.92  ? 32  ILE A CA  1 
ATOM   241  C C   . ILE A 1 32 ? -1.845  8.624   8.112   1.00 21.94  ? 32  ILE A C   1 
ATOM   242  O O   . ILE A 1 32 ? -1.933  8.654   6.931   1.00 15.77  ? 32  ILE A O   1 
ATOM   243  C CB  . ILE A 1 32 ? -0.031  6.921   8.462   1.00 17.78  ? 32  ILE A CB  1 
ATOM   244  C CG1 . ILE A 1 32 ? 0.286   5.515   8.957   1.00 27.84  ? 32  ILE A CG1 1 
ATOM   245  C CG2 . ILE A 1 32 ? 0.950   7.896   9.084   1.00 19.39  ? 32  ILE A CG2 1 
ATOM   246  C CD1 . ILE A 1 32 ? 1.663   5.004   8.693   1.00 29.88  ? 32  ILE A CD1 1 
ATOM   247  N N   . ILE A 1 33 ? -1.953  9.669   8.907   1.00 17.66  ? 33  ILE A N   1 
ATOM   248  C CA  . ILE A 1 33 ? -2.378  10.999  8.469   1.00 19.58  ? 33  ILE A CA  1 
ATOM   249  C C   . ILE A 1 33 ? -1.292  12.022  8.742   1.00 16.94  ? 33  ILE A C   1 
ATOM   250  O O   . ILE A 1 33 ? -0.582  11.901  9.759   1.00 16.63  ? 33  ILE A O   1 
ATOM   251  C CB  . ILE A 1 33 ? -3.663  11.353  9.252   1.00 26.71  ? 33  ILE A CB  1 
ATOM   252  C CG1 . ILE A 1 33 ? -4.785  10.322  9.041   1.00 33.52  ? 33  ILE A CG1 1 
ATOM   253  C CG2 . ILE A 1 33 ? -4.143  12.758  8.967   1.00 24.29  ? 33  ILE A CG2 1 
ATOM   254  C CD1 . ILE A 1 33 ? -5.271  10.230  7.618   1.00 23.42  ? 33  ILE A CD1 1 
ATOM   255  N N   . GLU A 1 34 ? -1.126  13.022  7.880   1.00 16.95  ? 34  GLU A N   1 
ATOM   256  C CA  . GLU A 1 34 ? -0.070  14.025  8.085   1.00 16.31  ? 34  GLU A CA  1 
ATOM   257  C C   . GLU A 1 34 ? -0.327  14.850  9.337   1.00 21.80  ? 34  GLU A C   1 
ATOM   258  O O   . GLU A 1 34 ? -1.464  14.837  9.850   1.00 23.41  ? 34  GLU A O   1 
ATOM   259  C CB  . GLU A 1 34 ? -0.033  14.944  6.855   1.00 21.40  ? 34  GLU A CB  1 
ATOM   260  C CG  . GLU A 1 34 ? -1.321  15.762  6.768   1.00 36.24  ? 34  GLU A CG  1 
ATOM   261  C CD  . GLU A 1 34 ? -1.651  16.242  5.373   1.00 40.58  ? 34  GLU A CD  1 
ATOM   262  O OE1 . GLU A 1 34 ? -0.751  16.235  4.505   1.00 61.22  ? 34  GLU A OE1 1 
ATOM   263  O OE2 . GLU A 1 34 ? -2.824  16.623  5.152   1.00 39.49  ? 34  GLU A OE2 1 
ATOM   264  N N   . GLU A 1 35 ? 0.700   15.538  9.805   1.00 24.36  ? 35  GLU A N   1 
ATOM   265  C CA  . GLU A 1 35 ? 0.710   16.295  11.043  1.00 28.81  ? 35  GLU A CA  1 
ATOM   266  C C   . GLU A 1 35 ? -0.546  17.148  11.187  1.00 28.60  ? 35  GLU A C   1 
ATOM   267  O O   . GLU A 1 35 ? -0.751  17.970  10.302  1.00 26.46  ? 35  GLU A O   1 
ATOM   268  C CB  . GLU A 1 35 ? 1.905   17.255  11.128  1.00 32.84  ? 35  GLU A CB  1 
ATOM   269  C CG  . GLU A 1 35 ? 3.173   16.554  11.597  1.00 46.48  ? 35  GLU A CG  1 
ATOM   270  C CD  . GLU A 1 35 ? 2.992   16.060  13.026  1.00 55.22  ? 35  GLU A CD  1 
ATOM   271  O OE1 . GLU A 1 35 ? 1.965   16.429  13.641  1.00 48.03  ? 35  GLU A OE1 1 
ATOM   272  O OE2 . GLU A 1 35 ? 3.882   15.315  13.485  1.00 64.48  ? 35  GLU A OE2 1 
ATOM   273  N N   . MET A 1 36 ? -1.285  16.894  12.255  1.00 23.26  ? 36  MET A N   1 
ATOM   274  C CA  . MET A 1 36 ? -2.479  17.680  12.568  1.00 28.93  ? 36  MET A CA  1 
ATOM   275  C C   . MET A 1 36 ? -2.839  17.505  14.046  1.00 35.18  ? 36  MET A C   1 
ATOM   276  O O   . MET A 1 36 ? -2.319  16.628  14.734  1.00 27.42  ? 36  MET A O   1 
ATOM   277  C CB  . MET A 1 36 ? -3.653  17.303  11.673  1.00 27.21  ? 36  MET A CB  1 
ATOM   278  C CG  . MET A 1 36 ? -4.273  15.954  12.020  1.00 25.15  ? 36  MET A CG  1 
ATOM   279  S SD  . MET A 1 36 ? -5.694  15.592  10.968  1.00 34.61  ? 36  MET A SD  1 
ATOM   280  C CE  . MET A 1 36 ? -6.981  16.594  11.719  1.00 23.92  ? 36  MET A CE  1 
ATOM   281  N N   . SER A 1 37 ? -3.731  18.363  14.527  1.00 36.00  ? 37  SER A N   1 
ATOM   282  C CA  . SER A 1 37 ? -4.191  18.298  15.904  1.00 47.61  ? 37  SER A CA  1 
ATOM   283  C C   . SER A 1 37 ? -5.456  17.451  15.985  1.00 43.12  ? 37  SER A C   1 
ATOM   284  O O   . SER A 1 37 ? -6.418  17.614  15.239  1.00 32.72  ? 37  SER A O   1 
ATOM   285  C CB  . SER A 1 37 ? -4.438  19.689  16.492  1.00 56.21  ? 37  SER A CB  1 
ATOM   286  O OG  . SER A 1 37 ? -4.518  19.596  17.907  1.00 78.14  ? 37  SER A OG  1 
ATOM   287  N N   . LEU A 1 38 ? -5.430  16.505  16.919  1.00 33.24  ? 38  LEU A N   1 
ATOM   288  C CA  . LEU A 1 38 ? -6.619  15.683  17.107  1.00 30.99  ? 38  LEU A CA  1 
ATOM   289  C C   . LEU A 1 38 ? -6.850  15.629  18.614  1.00 36.34  ? 38  LEU A C   1 
ATOM   290  O O   . LEU A 1 38 ? -5.909  15.776  19.396  1.00 37.39  ? 38  LEU A O   1 
ATOM   291  C CB  . LEU A 1 38 ? -6.485  14.287  16.532  1.00 30.17  ? 38  LEU A CB  1 
ATOM   292  C CG  . LEU A 1 38 ? -6.655  14.099  15.029  1.00 26.44  ? 38  LEU A CG  1 
ATOM   293  C CD1 . LEU A 1 38 ? -6.399  12.651  14.632  1.00 27.00  ? 38  LEU A CD1 1 
ATOM   294  C CD2 . LEU A 1 38 ? -8.039  14.541  14.590  1.00 42.93  ? 38  LEU A CD2 1 
ATOM   295  N N   . PRO A 1 39 ? -8.083  15.410  19.025  1.00 42.18  ? 39  PRO A N   1 
ATOM   296  C CA  . PRO A 1 39 ? -8.382  15.566  20.452  1.00 45.28  ? 39  PRO A CA  1 
ATOM   297  C C   . PRO A 1 39 ? -8.039  14.263  21.134  1.00 36.09  ? 39  PRO A C   1 
ATOM   298  O O   . PRO A 1 39 ? -8.100  13.230  20.461  1.00 37.29  ? 39  PRO A O   1 
ATOM   299  C CB  . PRO A 1 39 ? -9.899  15.767  20.421  1.00 45.49  ? 39  PRO A CB  1 
ATOM   300  C CG  . PRO A 1 39 ? -10.292 14.762  19.370  1.00 51.08  ? 39  PRO A CG  1 
ATOM   301  C CD  . PRO A 1 39 ? -9.263  14.962  18.278  1.00 47.17  ? 39  PRO A CD  1 
ATOM   302  N N   . GLY A 1 40 ? -7.722  14.296  22.418  1.00 44.89  ? 40  GLY A N   1 
ATOM   303  C CA  . GLY A 1 40 ? -7.632  13.012  23.099  1.00 45.90  ? 40  GLY A CA  1 
ATOM   304  C C   . GLY A 1 40 ? -6.243  12.645  23.532  1.00 48.35  ? 40  GLY A C   1 
ATOM   305  O O   . GLY A 1 40 ? -5.252  13.368  23.441  1.00 39.15  ? 40  GLY A O   1 
ATOM   306  N N   . ARG A 1 41 ? -6.131  11.427  24.076  1.00 50.55  ? 41  ARG A N   1 
ATOM   307  C CA  . ARG A 1 41 ? -4.784  11.103  24.556  1.00 55.20  ? 41  ARG A CA  1 
ATOM   308  C C   . ARG A 1 41 ? -4.126  10.288  23.456  1.00 44.60  ? 41  ARG A C   1 
ATOM   309  O O   . ARG A 1 41 ? -4.842  9.666   22.676  1.00 41.76  ? 41  ARG A O   1 
ATOM   310  C CB  . ARG A 1 41 ? -4.826  10.376  25.890  1.00 75.44  ? 41  ARG A CB  1 
ATOM   311  C CG  . ARG A 1 41 ? -4.659  11.302  27.089  1.00 95.54  ? 41  ARG A CG  1 
ATOM   312  C CD  . ARG A 1 41 ? -3.203  11.547  27.417  1.00 115.06 ? 41  ARG A CD  1 
ATOM   313  N NE  . ARG A 1 41 ? -2.890  12.950  27.665  1.00 130.03 ? 41  ARG A NE  1 
ATOM   314  C CZ  . ARG A 1 41 ? -3.489  13.758  28.523  1.00 140.11 ? 41  ARG A CZ  1 
ATOM   315  N NH1 . ARG A 1 41 ? -4.495  13.314  29.282  1.00 154.02 ? 41  ARG A NH1 1 
ATOM   316  N NH2 . ARG A 1 41 ? -3.077  15.026  28.630  1.00 146.00 ? 41  ARG A NH2 1 
ATOM   317  N N   . TRP A 1 42 ? -2.803  10.311  23.400  1.00 43.33  ? 42  TRP A N   1 
ATOM   318  C CA  . TRP A 1 42 ? -2.157  9.490   22.377  1.00 37.65  ? 42  TRP A CA  1 
ATOM   319  C C   . TRP A 1 42 ? -0.922  8.815   22.938  1.00 43.13  ? 42  TRP A C   1 
ATOM   320  O O   . TRP A 1 42 ? -0.419  9.156   24.005  1.00 36.35  ? 42  TRP A O   1 
ATOM   321  C CB  . TRP A 1 42 ? -1.798  10.365  21.187  1.00 32.02  ? 42  TRP A CB  1 
ATOM   322  C CG  . TRP A 1 42 ? -0.992  11.575  21.527  1.00 39.97  ? 42  TRP A CG  1 
ATOM   323  C CD1 . TRP A 1 42 ? -1.471  12.843  21.713  1.00 51.57  ? 42  TRP A CD1 1 
ATOM   324  C CD2 . TRP A 1 42 ? 0.425   11.636  21.717  1.00 38.74  ? 42  TRP A CD2 1 
ATOM   325  N NE1 . TRP A 1 42 ? -0.428  13.686  22.007  1.00 50.06  ? 42  TRP A NE1 1 
ATOM   326  C CE2 . TRP A 1 42 ? 0.740   12.976  22.015  1.00 41.98  ? 42  TRP A CE2 1 
ATOM   327  C CE3 . TRP A 1 42 ? 1.459   10.691  21.659  1.00 42.89  ? 42  TRP A CE3 1 
ATOM   328  C CZ2 . TRP A 1 42 ? 2.046   13.394  22.259  1.00 36.59  ? 42  TRP A CZ2 1 
ATOM   329  C CZ3 . TRP A 1 42 ? 2.755   11.107  21.900  1.00 43.97  ? 42  TRP A CZ3 1 
ATOM   330  C CH2 . TRP A 1 42 ? 3.036   12.448  22.197  1.00 39.59  ? 42  TRP A CH2 1 
ATOM   331  N N   . LYS A 1 43 ? -0.409  7.860   22.199  1.00 28.04  ? 43  LYS A N   1 
ATOM   332  C CA  . LYS A 1 43 ? 0.794   7.191   22.616  1.00 24.02  ? 43  LYS A CA  1 
ATOM   333  C C   . LYS A 1 43 ? 1.795   7.202   21.468  1.00 26.66  ? 43  LYS A C   1 
ATOM   334  O O   . LYS A 1 43 ? 1.423   7.261   20.338  1.00 23.84  ? 43  LYS A O   1 
ATOM   335  C CB  . LYS A 1 43 ? 0.529   5.812   23.139  1.00 27.86  ? 43  LYS A CB  1 
ATOM   336  C CG  . LYS A 1 43 ? -0.123  4.861   22.193  1.00 49.24  ? 43  LYS A CG  1 
ATOM   337  C CD  . LYS A 1 43 ? -0.061  3.454   22.771  1.00 68.98  ? 43  LYS A CD  1 
ATOM   338  C CE  . LYS A 1 43 ? -1.294  3.111   23.563  1.00 83.98  ? 43  LYS A CE  1 
ATOM   339  N NZ  . LYS A 1 43 ? -1.864  1.864   23.022  1.00 114.44 ? 43  LYS A NZ  1 
ATOM   340  N N   . PRO A 1 44 ? 3.075   7.184   21.809  1.00 29.90  ? 44  PRO A N   1 
ATOM   341  C CA  . PRO A 1 44 ? 4.052   7.258   20.714  1.00 24.74  ? 44  PRO A CA  1 
ATOM   342  C C   . PRO A 1 44 ? 4.261   5.871   20.128  1.00 25.99  ? 44  PRO A C   1 
ATOM   343  O O   . PRO A 1 44 ? 4.161   4.837   20.781  1.00 22.84  ? 44  PRO A O   1 
ATOM   344  C CB  . PRO A 1 44 ? 5.337   7.746   21.372  1.00 29.24  ? 44  PRO A CB  1 
ATOM   345  C CG  . PRO A 1 44 ? 5.121   7.600   22.839  1.00 30.84  ? 44  PRO A CG  1 
ATOM   346  C CD  . PRO A 1 44 ? 3.735   7.097   23.121  1.00 31.12  ? 44  PRO A CD  1 
ATOM   347  N N   . LYS A 1 45 ? 4.574   5.812   18.867  1.00 21.42  ? 45  LYS A N   1 
ATOM   348  C CA  . LYS A 1 45 ? 4.763   4.553   18.227  1.00 22.81  ? 45  LYS A CA  1 
ATOM   349  C C   . LYS A 1 45 ? 5.723   4.733   17.059  1.00 18.48  ? 45  LYS A C   1 
ATOM   350  O O   . LYS A 1 45 ? 5.858   5.801   16.580  1.00 17.38  ? 45  LYS A O   1 
ATOM   351  C CB  . LYS A 1 45 ? 3.400   4.093   17.691  1.00 29.10  ? 45  LYS A CB  1 
ATOM   352  C CG  . LYS A 1 45 ? 3.318   2.719   17.077  1.00 31.01  ? 45  LYS A CG  1 
ATOM   353  C CD  . LYS A 1 45 ? 2.005   2.643   16.363  1.00 43.39  ? 45  LYS A CD  1 
ATOM   354  C CE  . LYS A 1 45 ? 1.236   1.428   16.753  1.00 54.26  ? 45  LYS A CE  1 
ATOM   355  N NZ  . LYS A 1 45 ? 1.622   0.443   15.731  1.00 72.23  ? 45  LYS A NZ  1 
ATOM   356  N N   . MET A 1 46 ? 6.400   3.664   16.671  1.00 16.85  ? 46  MET A N   1 
ATOM   357  C CA  . MET A 1 46 ? 7.240   3.719   15.477  1.00 18.46  ? 46  MET A CA  1 
ATOM   358  C C   . MET A 1 46 ? 6.613   2.886   14.356  1.00 23.10  ? 46  MET A C   1 
ATOM   359  O O   . MET A 1 46 ? 6.217   1.748   14.595  1.00 22.19  ? 46  MET A O   1 
ATOM   360  C CB  . MET A 1 46 ? 8.633   3.174   15.752  1.00 20.85  ? 46  MET A CB  1 
ATOM   361  C CG  . MET A 1 46 ? 9.399   3.964   16.805  1.00 24.85  ? 46  MET A CG  1 
ATOM   362  S SD  . MET A 1 46 ? 9.986   5.514   16.096  1.00 34.26  ? 46  MET A SD  1 
ATOM   363  C CE  . MET A 1 46 ? 11.452  4.890   15.270  1.00 38.02  ? 46  MET A CE  1 
ATOM   364  N N   . VAL A 1 47 ? 6.525   3.427   13.147  1.00 18.96  ? 47  VAL A N   1 
ATOM   365  C CA  . VAL A 1 47 ? 5.989   2.667   12.021  1.00 16.99  ? 47  VAL A CA  1 
ATOM   366  C C   . VAL A 1 47 ? 7.094   2.603   10.964  1.00 15.23  ? 47  VAL A C   1 
ATOM   367  O O   . VAL A 1 47 ? 7.753   3.603   10.711  1.00 17.38  ? 47  VAL A O   1 
ATOM   368  C CB  . VAL A 1 47 ? 4.709   3.244   11.396  1.00 27.01  ? 47  VAL A CB  1 
ATOM   369  C CG1 . VAL A 1 47 ? 4.796   4.746   11.217  1.00 31.42  ? 47  VAL A CG1 1 
ATOM   370  C CG2 . VAL A 1 47 ? 4.425   2.614   10.036  1.00 31.93  ? 47  VAL A CG2 1 
ATOM   371  N N   . GLY A 1 48 ? 7.248   1.397   10.428  1.00 24.29  ? 48  GLY A N   1 
ATOM   372  C CA  . GLY A 1 48 ? 8.276   1.094   9.456   1.00 28.56  ? 48  GLY A CA  1 
ATOM   373  C C   . GLY A 1 48 ? 7.752   0.783   8.078   1.00 19.20  ? 48  GLY A C   1 
ATOM   374  O O   . GLY A 1 48 ? 6.736   0.119   7.877   1.00 20.20  ? 48  GLY A O   1 
ATOM   375  N N   . GLY A 1 49 ? 8.458   1.265   7.067   1.00 20.44  ? 49  GLY A N   1 
ATOM   376  C CA  . GLY A 1 49 ? 8.157   0.917   5.695   1.00 27.51  ? 49  GLY A CA  1 
ATOM   377  C C   . GLY A 1 49 ? 9.423   0.973   4.861   1.00 28.41  ? 49  GLY A C   1 
ATOM   378  O O   . GLY A 1 49 ? 10.539  0.890   5.364   1.00 25.54  ? 49  GLY A O   1 
ATOM   379  N N   . ILE A 1 50 ? 9.255   1.142   3.560   1.00 16.98  ? 50  ILE A N   1 
ATOM   380  C CA  . ILE A 1 50 ? 10.421  1.352   2.711   1.00 21.80  ? 50  ILE A CA  1 
ATOM   381  C C   . ILE A 1 50 ? 11.124  2.628   3.146   1.00 23.02  ? 50  ILE A C   1 
ATOM   382  O O   . ILE A 1 50 ? 10.532  3.687   3.394   1.00 23.86  ? 50  ILE A O   1 
ATOM   383  C CB  . ILE A 1 50 ? 9.964   1.391   1.243   1.00 26.60  ? 50  ILE A CB  1 
ATOM   384  C CG1 . ILE A 1 50 ? 9.827   -0.038  0.672   1.00 26.42  ? 50  ILE A CG1 1 
ATOM   385  C CG2 . ILE A 1 50 ? 10.856  2.245   0.371   1.00 32.18  ? 50  ILE A CG2 1 
ATOM   386  C CD1 . ILE A 1 50 ? 9.187   -0.109  -0.683  1.00 33.29  ? 50  ILE A CD1 1 
ATOM   387  N N   . GLY A 1 51 ? 12.444  2.523   3.254   1.00 24.42  ? 51  GLY A N   1 
ATOM   388  C CA  . GLY A 1 51 ? 13.221  3.677   3.637   1.00 21.91  ? 51  GLY A CA  1 
ATOM   389  C C   . GLY A 1 51 ? 13.443  3.755   5.129   1.00 27.31  ? 51  GLY A C   1 
ATOM   390  O O   . GLY A 1 51 ? 14.237  4.600   5.532   1.00 31.22  ? 51  GLY A O   1 
ATOM   391  N N   . GLY A 1 52 ? 12.769  2.967   5.968   1.00 28.04  ? 52  GLY A N   1 
ATOM   392  C CA  . GLY A 1 52 ? 12.947  3.103   7.403   1.00 23.56  ? 52  GLY A CA  1 
ATOM   393  C C   . GLY A 1 52 ? 11.736  3.433   8.241   1.00 27.93  ? 52  GLY A C   1 
ATOM   394  O O   . GLY A 1 52 ? 10.580  3.262   7.847   1.00 26.50  ? 52  GLY A O   1 
ATOM   395  N N   . PHE A 1 53 ? 11.971  3.897   9.471   1.00 18.77  ? 53  PHE A N   1 
ATOM   396  C CA  . PHE A 1 53 ? 10.901  4.033   10.427  1.00 15.38  ? 53  PHE A CA  1 
ATOM   397  C C   . PHE A 1 53 ? 10.603  5.494   10.727  1.00 24.42  ? 53  PHE A C   1 
ATOM   398  O O   . PHE A 1 53 ? 11.534  6.277   10.644  1.00 22.35  ? 53  PHE A O   1 
ATOM   399  C CB  . PHE A 1 53 ? 11.259  3.355   11.746  1.00 17.92  ? 53  PHE A CB  1 
ATOM   400  C CG  . PHE A 1 53 ? 11.010  1.856   11.741  1.00 20.82  ? 53  PHE A CG  1 
ATOM   401  C CD1 . PHE A 1 53 ? 11.912  1.012   11.101  1.00 21.32  ? 53  PHE A CD1 1 
ATOM   402  C CD2 . PHE A 1 53 ? 9.893   1.342   12.358  1.00 19.32  ? 53  PHE A CD2 1 
ATOM   403  C CE1 . PHE A 1 53 ? 11.657  -0.344  11.122  1.00 21.53  ? 53  PHE A CE1 1 
ATOM   404  C CE2 . PHE A 1 53 ? 9.648   -0.020  12.392  1.00 27.56  ? 53  PHE A CE2 1 
ATOM   405  C CZ  . PHE A 1 53 ? 10.549  -0.851  11.762  1.00 23.97  ? 53  PHE A CZ  1 
ATOM   406  N N   . ILE A 1 54 ? 9.362   5.823   11.070  1.00 17.71  ? 54  ILE A N   1 
ATOM   407  C CA  . ILE A 1 54 ? 9.044   7.174   11.513  1.00 14.11  ? 54  ILE A CA  1 
ATOM   408  C C   . ILE A 1 54 ? 8.279   7.077   12.831  1.00 19.19  ? 54  ILE A C   1 
ATOM   409  O O   . ILE A 1 54 ? 7.641   6.071   13.114  1.00 20.88  ? 54  ILE A O   1 
ATOM   410  C CB  . ILE A 1 54 ? 8.179   7.966   10.533  1.00 21.86  ? 54  ILE A CB  1 
ATOM   411  C CG1 . ILE A 1 54 ? 6.862   7.261   10.166  1.00 19.92  ? 54  ILE A CG1 1 
ATOM   412  C CG2 . ILE A 1 54 ? 8.965   8.295   9.275   1.00 27.71  ? 54  ILE A CG2 1 
ATOM   413  C CD1 . ILE A 1 54 ? 5.909   8.132   9.386   1.00 26.98  ? 54  ILE A CD1 1 
ATOM   414  N N   . LYS A 1 55 ? 8.369   8.130   13.620  1.00 20.61  ? 55  LYS A N   1 
ATOM   415  C CA  . LYS A 1 55 ? 7.716   8.230   14.904  1.00 19.95  ? 55  LYS A CA  1 
ATOM   416  C C   . LYS A 1 55 ? 6.379   8.910   14.633  1.00 20.25  ? 55  LYS A C   1 
ATOM   417  O O   . LYS A 1 55 ? 6.269   9.839   13.889  1.00 21.33  ? 55  LYS A O   1 
ATOM   418  C CB  . LYS A 1 55 ? 8.558   9.045   15.865  1.00 27.31  ? 55  LYS A CB  1 
ATOM   419  C CG  . LYS A 1 55 ? 8.170   8.950   17.312  1.00 33.98  ? 55  LYS A CG  1 
ATOM   420  C CD  . LYS A 1 55 ? 9.009   9.893   18.150  1.00 44.58  ? 55  LYS A CD  1 
ATOM   421  C CE  . LYS A 1 55 ? 8.285   10.425  19.378  1.00 53.94  ? 55  LYS A CE  1 
ATOM   422  N NZ  . LYS A 1 55 ? 8.913   9.900   20.611  1.00 55.75  ? 55  LYS A NZ  1 
ATOM   423  N N   . VAL A 1 56 ? 5.341   8.354   15.202  1.00 18.19  ? 56  VAL A N   1 
ATOM   424  C CA  . VAL A 1 56 ? 3.984   8.849   15.028  1.00 13.83  ? 56  VAL A CA  1 
ATOM   425  C C   . VAL A 1 56 ? 3.259   8.892   16.371  1.00 22.92  ? 56  VAL A C   1 
ATOM   426  O O   . VAL A 1 56 ? 3.651   8.246   17.342  1.00 21.19  ? 56  VAL A O   1 
ATOM   427  C CB  . VAL A 1 56 ? 3.196   7.930   14.078  1.00 12.41  ? 56  VAL A CB  1 
ATOM   428  C CG1 . VAL A 1 56 ? 3.833   7.863   12.696  1.00 10.43  ? 56  VAL A CG1 1 
ATOM   429  C CG2 . VAL A 1 56 ? 3.108   6.529   14.669  1.00 16.08  ? 56  VAL A CG2 1 
ATOM   430  N N   . ARG A 1 57 ? 2.151   9.626   16.428  1.00 17.23  ? 57  ARG A N   1 
ATOM   431  C CA  . ARG A 1 57 ? 1.300   9.678   17.607  1.00 15.77  ? 57  ARG A CA  1 
ATOM   432  C C   . ARG A 1 57 ? 0.086   8.767   17.338  1.00 20.51  ? 57  ARG A C   1 
ATOM   433  O O   . ARG A 1 57 ? -0.568  8.933   16.338  1.00 21.47  ? 57  ARG A O   1 
ATOM   434  C CB  . ARG A 1 57 ? 0.860   11.122  17.878  1.00 19.44  ? 57  ARG A CB  1 
ATOM   435  C CG  . ARG A 1 57 ? 2.062   12.021  18.084  1.00 33.46  ? 57  ARG A CG  1 
ATOM   436  C CD  . ARG A 1 57 ? 1.779   13.389  18.638  1.00 42.11  ? 57  ARG A CD  1 
ATOM   437  N NE  . ARG A 1 57 ? 0.566   13.922  18.098  1.00 53.77  ? 57  ARG A NE  1 
ATOM   438  C CZ  . ARG A 1 57 ? 0.496   14.679  17.024  1.00 56.31  ? 57  ARG A CZ  1 
ATOM   439  N NH1 . ARG A 1 57 ? 1.592   15.011  16.360  1.00 47.74  ? 57  ARG A NH1 1 
ATOM   440  N NH2 . ARG A 1 57 ? -0.677  15.112  16.628  1.00 48.96  ? 57  ARG A NH2 1 
ATOM   441  N N   . GLN A 1 58 ? -0.175  7.815   18.217  1.00 20.01  ? 58  GLN A N   1 
ATOM   442  C CA  . GLN A 1 58 ? -1.311  6.945   17.999  1.00 13.80  ? 58  GLN A CA  1 
ATOM   443  C C   . GLN A 1 58 ? -2.551  7.469   18.712  1.00 23.28  ? 58  GLN A C   1 
ATOM   444  O O   . GLN A 1 58 ? -2.499  7.526   19.944  1.00 24.13  ? 58  GLN A O   1 
ATOM   445  C CB  . GLN A 1 58 ? -0.982  5.552   18.541  1.00 15.21  ? 58  GLN A CB  1 
ATOM   446  C CG  . GLN A 1 58 ? -2.214  4.643   18.476  1.00 25.34  ? 58  GLN A CG  1 
ATOM   447  C CD  . GLN A 1 58 ? -1.906  3.243   18.971  1.00 33.71  ? 58  GLN A CD  1 
ATOM   448  O OE1 . GLN A 1 58 ? -0.781  2.759   18.871  1.00 43.05  ? 58  GLN A OE1 1 
ATOM   449  N NE2 . GLN A 1 58 ? -2.929  2.592   19.518  1.00 45.00  ? 58  GLN A NE2 1 
ATOM   450  N N   . TYR A 1 59 ? -3.591  7.809   17.970  1.00 20.97  ? 59  TYR A N   1 
ATOM   451  C CA  . TYR A 1 59 ? -4.882  8.202   18.526  1.00 17.29  ? 59  TYR A CA  1 
ATOM   452  C C   . TYR A 1 59 ? -5.867  7.055   18.400  1.00 24.66  ? 59  TYR A C   1 
ATOM   453  O O   . TYR A 1 59 ? -5.958  6.406   17.352  1.00 28.42  ? 59  TYR A O   1 
ATOM   454  C CB  . TYR A 1 59 ? -5.420  9.437   17.811  1.00 19.37  ? 59  TYR A CB  1 
ATOM   455  C CG  . TYR A 1 59 ? -4.672  10.708  18.122  1.00 29.54  ? 59  TYR A CG  1 
ATOM   456  C CD1 . TYR A 1 59 ? -3.607  11.113  17.317  1.00 28.46  ? 59  TYR A CD1 1 
ATOM   457  C CD2 . TYR A 1 59 ? -5.020  11.501  19.213  1.00 26.41  ? 59  TYR A CD2 1 
ATOM   458  C CE1 . TYR A 1 59 ? -2.922  12.282  17.607  1.00 29.60  ? 59  TYR A CE1 1 
ATOM   459  C CE2 . TYR A 1 59 ? -4.337  12.676  19.503  1.00 22.89  ? 59  TYR A CE2 1 
ATOM   460  C CZ  . TYR A 1 59 ? -3.290  13.056  18.692  1.00 30.42  ? 59  TYR A CZ  1 
ATOM   461  O OH  . TYR A 1 59 ? -2.591  14.208  18.958  1.00 43.69  ? 59  TYR A OH  1 
ATOM   462  N N   . ASP A 1 60 ? -6.639  6.796   19.446  1.00 27.39  ? 60  ASP A N   1 
ATOM   463  C CA  . ASP A 1 60 ? -7.625  5.705   19.329  1.00 31.14  ? 60  ASP A CA  1 
ATOM   464  C C   . ASP A 1 60 ? -9.041  6.236   19.170  1.00 30.48  ? 60  ASP A C   1 
ATOM   465  O O   . ASP A 1 60 ? -9.380  7.365   19.543  1.00 27.85  ? 60  ASP A O   1 
ATOM   466  C CB  . ASP A 1 60 ? -7.482  4.792   20.548  1.00 45.14  ? 60  ASP A CB  1 
ATOM   467  C CG  . ASP A 1 60 ? -6.248  3.906   20.526  1.00 54.03  ? 60  ASP A CG  1 
ATOM   468  O OD1 . ASP A 1 60 ? -5.704  3.596   19.441  1.00 44.02  ? 60  ASP A OD1 1 
ATOM   469  O OD2 . ASP A 1 60 ? -5.794  3.484   21.617  1.00 45.57  ? 60  ASP A OD2 1 
ATOM   470  N N   . GLN A 1 61 ? -9.906  5.402   18.606  1.00 30.48  ? 61  GLN A N   1 
ATOM   471  C CA  . GLN A 1 61 ? -11.333 5.725   18.429  1.00 30.66  ? 61  GLN A CA  1 
ATOM   472  C C   . GLN A 1 61 ? -11.640 7.046   17.775  1.00 35.13  ? 61  GLN A C   1 
ATOM   473  O O   . GLN A 1 61 ? -12.398 7.834   18.281  1.00 35.12  ? 61  GLN A O   1 
ATOM   474  C CB  . GLN A 1 61 ? -12.080 5.638   19.767  1.00 36.20  ? 61  GLN A CB  1 
ATOM   475  C CG  . GLN A 1 61 ? -12.460 4.226   20.163  1.00 54.52  ? 61  GLN A CG  1 
ATOM   476  C CD  . GLN A 1 61 ? -12.772 4.076   21.629  1.00 72.51  ? 61  GLN A CD  1 
ATOM   477  O OE1 . GLN A 1 61 ? -11.916 3.737   22.416  1.00 82.18  ? 61  GLN A OE1 1 
ATOM   478  N NE2 . GLN A 1 61 ? -14.011 4.275   21.985  1.00 114.22 ? 61  GLN A NE2 1 
ATOM   479  N N   . ILE A 1 62 ? -11.013 7.291   16.657  1.00 27.53  ? 62  ILE A N   1 
ATOM   480  C CA  . ILE A 1 62 ? -11.268 8.523   15.932  1.00 25.35  ? 62  ILE A CA  1 
ATOM   481  C C   . ILE A 1 62 ? -12.295 8.266   14.851  1.00 29.61  ? 62  ILE A C   1 
ATOM   482  O O   . ILE A 1 62 ? -12.288 7.191   14.242  1.00 23.46  ? 62  ILE A O   1 
ATOM   483  C CB  . ILE A 1 62 ? -9.965  9.036   15.290  1.00 22.32  ? 62  ILE A CB  1 
ATOM   484  C CG1 . ILE A 1 62 ? -8.898  9.334   16.346  1.00 20.91  ? 62  ILE A CG1 1 
ATOM   485  C CG2 . ILE A 1 62 ? -10.256 10.213  14.380  1.00 26.28  ? 62  ILE A CG2 1 
ATOM   486  C CD1 . ILE A 1 62 ? -9.331  10.393  17.342  1.00 30.09  ? 62  ILE A CD1 1 
ATOM   487  N N   . ILE A 1 63 ? -13.161 9.247   14.616  1.00 26.38  ? 63  ILE A N   1 
ATOM   488  C CA  . ILE A 1 63 ? -14.118 9.027   13.533  1.00 30.58  ? 63  ILE A CA  1 
ATOM   489  C C   . ILE A 1 63 ? -13.650 9.706   12.250  1.00 32.41  ? 63  ILE A C   1 
ATOM   490  O O   . ILE A 1 63 ? -13.226 10.863  12.230  1.00 31.44  ? 63  ILE A O   1 
ATOM   491  C CB  . ILE A 1 63 ? -15.520 9.529   13.929  1.00 37.96  ? 63  ILE A CB  1 
ATOM   492  C CG1 . ILE A 1 63 ? -16.247 8.627   14.924  1.00 34.92  ? 63  ILE A CG1 1 
ATOM   493  C CG2 . ILE A 1 63 ? -16.360 9.764   12.681  1.00 56.18  ? 63  ILE A CG2 1 
ATOM   494  C CD1 . ILE A 1 63 ? -16.508 9.285   16.256  1.00 53.56  ? 63  ILE A CD1 1 
ATOM   495  N N   . ILE A 1 64 ? -13.665 8.939   11.170  1.00 30.50  ? 64  ILE A N   1 
ATOM   496  C CA  . ILE A 1 64 ? -13.339 9.403   9.842   1.00 31.17  ? 64  ILE A CA  1 
ATOM   497  C C   . ILE A 1 64 ? -14.430 9.087   8.831   1.00 26.37  ? 64  ILE A C   1 
ATOM   498  O O   . ILE A 1 64 ? -14.976 8.029   8.845   1.00 30.73  ? 64  ILE A O   1 
ATOM   499  C CB  . ILE A 1 64 ? -12.077 8.710   9.295   1.00 38.26  ? 64  ILE A CB  1 
ATOM   500  C CG1 . ILE A 1 64 ? -10.953 8.745   10.293  1.00 51.52  ? 64  ILE A CG1 1 
ATOM   501  C CG2 . ILE A 1 64 ? -11.570 9.356   8.007   1.00 39.45  ? 64  ILE A CG2 1 
ATOM   502  C CD1 . ILE A 1 64 ? -9.596  8.763   9.637   1.00 53.05  ? 64  ILE A CD1 1 
ATOM   503  N N   . GLU A 1 65 ? -14.725 10.018  7.948   1.00 21.07  ? 65  GLU A N   1 
ATOM   504  C CA  . GLU A 1 65 ? -15.642 9.788   6.868   1.00 28.86  ? 65  GLU A CA  1 
ATOM   505  C C   . GLU A 1 65 ? -14.808 9.498   5.642   1.00 26.54  ? 65  GLU A C   1 
ATOM   506  O O   . GLU A 1 65 ? -14.060 10.345  5.253   1.00 31.69  ? 65  GLU A O   1 
ATOM   507  C CB  . GLU A 1 65 ? -16.490 11.008  6.556   1.00 40.21  ? 65  GLU A CB  1 
ATOM   508  C CG  . GLU A 1 65 ? -17.508 11.344  7.604   1.00 55.60  ? 65  GLU A CG  1 
ATOM   509  C CD  . GLU A 1 65 ? -18.670 12.150  7.040   1.00 59.35  ? 65  GLU A CD  1 
ATOM   510  O OE1 . GLU A 1 65 ? -18.991 12.041  5.860   1.00 56.98  ? 65  GLU A OE1 1 
ATOM   511  O OE2 . GLU A 1 65 ? -19.244 12.890  7.828   1.00 59.53  ? 65  GLU A OE2 1 
ATOM   512  N N   . ILE A 1 66 ? -14.947 8.310   5.066   1.00 26.17  ? 66  ILE A N   1 
ATOM   513  C CA  . ILE A 1 66 ? -14.171 7.928   3.884   1.00 28.46  ? 66  ILE A CA  1 
ATOM   514  C C   . ILE A 1 66 ? -15.139 7.752   2.713   1.00 34.29  ? 66  ILE A C   1 
ATOM   515  O O   . ILE A 1 66 ? -15.986 6.867   2.750   1.00 28.57  ? 66  ILE A O   1 
ATOM   516  C CB  . ILE A 1 66 ? -13.342 6.652   4.079   1.00 29.47  ? 66  ILE A CB  1 
ATOM   517  C CG1 . ILE A 1 66 ? -12.455 6.674   5.322   1.00 27.72  ? 66  ILE A CG1 1 
ATOM   518  C CG2 . ILE A 1 66 ? -12.512 6.353   2.830   1.00 26.86  ? 66  ILE A CG2 1 
ATOM   519  C CD1 . ILE A 1 66 ? -12.363 5.370   6.078   1.00 28.45  ? 66  ILE A CD1 1 
ATOM   520  N N   . ALA A 1 67 ? -14.961 8.637   1.743   1.00 40.86  ? 67  ALA A N   1 
ATOM   521  C CA  . ALA A 1 67 ? -15.813 8.659   0.560   1.00 49.47  ? 67  ALA A CA  1 
ATOM   522  C C   . ALA A 1 67 ? -17.277 8.580   0.971   1.00 43.76  ? 67  ALA A C   1 
ATOM   523  O O   . ALA A 1 67 ? -18.018 7.736   0.475   1.00 58.24  ? 67  ALA A O   1 
ATOM   524  C CB  . ALA A 1 67 ? -15.447 7.514   -0.367  1.00 66.42  ? 67  ALA A CB  1 
ATOM   525  N N   . GLY A 1 68 ? -17.676 9.440   1.902   1.00 34.71  ? 68  GLY A N   1 
ATOM   526  C CA  . GLY A 1 68 ? -19.049 9.452   2.379   1.00 35.57  ? 68  GLY A CA  1 
ATOM   527  C C   . GLY A 1 68 ? -19.375 8.358   3.365   1.00 41.75  ? 68  GLY A C   1 
ATOM   528  O O   . GLY A 1 68 ? -20.537 8.163   3.731   1.00 41.30  ? 68  GLY A O   1 
ATOM   529  N N   . HIS A 1 69 ? -18.415 7.573   3.811   1.00 37.07  ? 69  HIS A N   1 
ATOM   530  C CA  . HIS A 1 69 ? -18.712 6.461   4.709   1.00 33.75  ? 69  HIS A CA  1 
ATOM   531  C C   . HIS A 1 69 ? -18.026 6.605   6.075   1.00 33.73  ? 69  HIS A C   1 
ATOM   532  O O   . HIS A 1 69 ? -16.820 6.650   6.139   1.00 44.53  ? 69  HIS A O   1 
ATOM   533  C CB  . HIS A 1 69 ? -18.266 5.117   4.116   1.00 38.16  ? 69  HIS A CB  1 
ATOM   534  C CG  . HIS A 1 69 ? -18.898 4.736   2.814   1.00 52.03  ? 69  HIS A CG  1 
ATOM   535  N ND1 . HIS A 1 69 ? -18.601 5.361   1.628   1.00 50.60  ? 69  HIS A ND1 1 
ATOM   536  C CD2 . HIS A 1 69 ? -19.747 3.730   2.500   1.00 59.40  ? 69  HIS A CD2 1 
ATOM   537  C CE1 . HIS A 1 69 ? -19.270 4.789   0.650   1.00 56.94  ? 69  HIS A CE1 1 
ATOM   538  N NE2 . HIS A 1 69 ? -19.967 3.791   1.149   1.00 60.78  ? 69  HIS A NE2 1 
ATOM   539  N N   . LYS A 1 70 ? -18.805 6.606   7.141   1.00 28.81  ? 70  LYS A N   1 
ATOM   540  C CA  . LYS A 1 70 ? -18.364 6.735   8.512   1.00 30.22  ? 70  LYS A CA  1 
ATOM   541  C C   . LYS A 1 70 ? -17.623 5.488   8.969   1.00 35.01  ? 70  LYS A C   1 
ATOM   542  O O   . LYS A 1 70 ? -18.096 4.368   8.787   1.00 46.52  ? 70  LYS A O   1 
ATOM   543  C CB  . LYS A 1 70 ? -19.536 6.965   9.468   1.00 38.28  ? 70  LYS A CB  1 
ATOM   544  C CG  . LYS A 1 70 ? -19.205 7.887   10.632  1.00 50.00  ? 70  LYS A CG  1 
ATOM   545  C CD  . LYS A 1 70 ? -20.439 8.296   11.416  1.00 70.42  ? 70  LYS A CD  1 
ATOM   546  C CE  . LYS A 1 70 ? -21.111 9.550   10.878  1.00 78.46  ? 70  LYS A CE  1 
ATOM   547  N NZ  . LYS A 1 70 ? -22.593 9.492   11.045  1.00 83.22  ? 70  LYS A NZ  1 
ATOM   548  N N   . ALA A 1 71 ? -16.457 5.690   9.583   1.00 27.00  ? 71  ALA A N   1 
ATOM   549  C CA  . ALA A 1 71 ? -15.727 4.517   10.080  1.00 24.08  ? 71  ALA A CA  1 
ATOM   550  C C   . ALA A 1 71 ? -15.076 4.947   11.377  1.00 27.12  ? 71  ALA A C   1 
ATOM   551  O O   . ALA A 1 71 ? -14.838 6.151   11.519  1.00 33.32  ? 71  ALA A O   1 
ATOM   552  C CB  . ALA A 1 71 ? -14.742 4.024   9.029   1.00 19.77  ? 71  ALA A CB  1 
ATOM   553  N N   . ILE A 1 72 ? -14.798 4.053   12.306  1.00 29.31  ? 72  ILE A N   1 
ATOM   554  C CA  . ILE A 1 72 ? -14.064 4.454   13.510  1.00 21.61  ? 72  ILE A CA  1 
ATOM   555  C C   . ILE A 1 72 ? -12.866 3.544   13.729  1.00 22.18  ? 72  ILE A C   1 
ATOM   556  O O   . ILE A 1 72 ? -12.925 2.329   13.488  1.00 21.20  ? 72  ILE A O   1 
ATOM   557  C CB  . ILE A 1 72 ? -14.958 4.437   14.762  1.00 28.91  ? 72  ILE A CB  1 
ATOM   558  C CG1 . ILE A 1 72 ? -14.219 4.727   16.065  1.00 33.12  ? 72  ILE A CG1 1 
ATOM   559  C CG2 . ILE A 1 72 ? -15.698 3.113   14.838  1.00 34.00  ? 72  ILE A CG2 1 
ATOM   560  C CD1 . ILE A 1 72 ? -15.055 5.413   17.121  1.00 37.07  ? 72  ILE A CD1 1 
ATOM   561  N N   . GLY A 1 73 ? -11.758 4.138   14.190  1.00 22.85  ? 73  GLY A N   1 
ATOM   562  C CA  . GLY A 1 73 ? -10.601 3.280   14.471  1.00 21.98  ? 73  GLY A CA  1 
ATOM   563  C C   . GLY A 1 73 ? -9.392  4.088   14.919  1.00 16.53  ? 73  GLY A C   1 
ATOM   564  O O   . GLY A 1 73 ? -9.420  5.275   15.217  1.00 20.26  ? 73  GLY A O   1 
ATOM   565  N N   . THR A 1 74 ? -8.269  3.391   14.970  1.00 16.32  ? 74  THR A N   1 
ATOM   566  C CA  . THR A 1 74 ? -7.017  4.035   15.308  1.00 17.97  ? 74  THR A CA  1 
ATOM   567  C C   . THR A 1 74 ? -6.474  4.788   14.103  1.00 25.41  ? 74  THR A C   1 
ATOM   568  O O   . THR A 1 74 ? -6.541  4.326   12.960  1.00 19.31  ? 74  THR A O   1 
ATOM   569  C CB  . THR A 1 74 ? -6.016  2.976   15.805  1.00 24.25  ? 74  THR A CB  1 
ATOM   570  O OG1 . THR A 1 74 ? -6.506  2.505   17.065  1.00 26.38  ? 74  THR A OG1 1 
ATOM   571  C CG2 . THR A 1 74 ? -4.630  3.558   16.032  1.00 20.19  ? 74  THR A CG2 1 
ATOM   572  N N   . VAL A 1 75 ? -5.946  5.964   14.434  1.00 19.02  ? 75  VAL A N   1 
ATOM   573  C CA  . VAL A 1 75 ? -5.309  6.829   13.455  1.00 17.09  ? 75  VAL A CA  1 
ATOM   574  C C   . VAL A 1 75 ? -3.921  7.205   13.949  1.00 18.24  ? 75  VAL A C   1 
ATOM   575  O O   . VAL A 1 75 ? -3.758  7.601   15.103  1.00 21.44  ? 75  VAL A O   1 
ATOM   576  C CB  . VAL A 1 75 ? -6.156  8.078   13.172  1.00 23.18  ? 75  VAL A CB  1 
ATOM   577  C CG1 . VAL A 1 75 ? -5.410  9.104   12.334  1.00 21.01  ? 75  VAL A CG1 1 
ATOM   578  C CG2 . VAL A 1 75 ? -7.426  7.639   12.451  1.00 19.33  ? 75  VAL A CG2 1 
ATOM   579  N N   . LEU A 1 76 ? -2.951  7.038   13.065  1.00 15.11  ? 76  LEU A N   1 
ATOM   580  C CA  . LEU A 1 76 ? -1.577  7.406   13.402  1.00 16.88  ? 76  LEU A CA  1 
ATOM   581  C C   . LEU A 1 76 ? -1.285  8.760   12.767  1.00 20.01  ? 76  LEU A C   1 
ATOM   582  O O   . LEU A 1 76 ? -1.606  8.942   11.594  1.00 18.52  ? 76  LEU A O   1 
ATOM   583  C CB  . LEU A 1 76 ? -0.576  6.349   12.907  1.00 16.84  ? 76  LEU A CB  1 
ATOM   584  C CG  . LEU A 1 76 ? -0.826  4.908   13.340  1.00 19.22  ? 76  LEU A CG  1 
ATOM   585  C CD1 . LEU A 1 76 ? 0.253   3.977   12.797  1.00 19.72  ? 76  LEU A CD1 1 
ATOM   586  C CD2 . LEU A 1 76 ? -0.876  4.789   14.862  1.00 18.98  ? 76  LEU A CD2 1 
ATOM   587  N N   . VAL A 1 77 ? -0.698  9.689   13.511  1.00 20.39  ? 77  VAL A N   1 
ATOM   588  C CA  . VAL A 1 77 ? -0.435  11.044  13.038  1.00 20.13  ? 77  VAL A CA  1 
ATOM   589  C C   . VAL A 1 77 ? 1.062   11.307  13.038  1.00 21.91  ? 77  VAL A C   1 
ATOM   590  O O   . VAL A 1 77 ? 1.707   11.145  14.078  1.00 21.93  ? 77  VAL A O   1 
ATOM   591  C CB  . VAL A 1 77 ? -1.154  12.100  13.903  1.00 24.05  ? 77  VAL A CB  1 
ATOM   592  C CG1 . VAL A 1 77 ? -0.772  13.509  13.494  1.00 18.74  ? 77  VAL A CG1 1 
ATOM   593  C CG2 . VAL A 1 77 ? -2.663  11.917  13.770  1.00 20.24  ? 77  VAL A CG2 1 
ATOM   594  N N   . GLY A 1 78 ? 1.593   11.682  11.873  1.00 17.27  ? 78  GLY A N   1 
ATOM   595  C CA  . GLY A 1 78 ? 3.037   11.900  11.855  1.00 20.71  ? 78  GLY A CA  1 
ATOM   596  C C   . GLY A 1 78 ? 3.510   12.370  10.489  1.00 19.65  ? 78  GLY A C   1 
ATOM   597  O O   . GLY A 1 78 ? 2.674   12.663  9.630   1.00 21.32  ? 78  GLY A O   1 
ATOM   598  N N   . PRO A 1 79 ? 4.832   12.442  10.352  1.00 21.81  ? 79  PRO A N   1 
ATOM   599  C CA  . PRO A 1 79 ? 5.418   13.051  9.153   1.00 25.95  ? 79  PRO A CA  1 
ATOM   600  C C   . PRO A 1 79 ? 5.352   12.115  7.957   1.00 25.91  ? 79  PRO A C   1 
ATOM   601  O O   . PRO A 1 79 ? 6.386   11.720  7.431   1.00 31.31  ? 79  PRO A O   1 
ATOM   602  C CB  . PRO A 1 79 ? 6.868   13.323  9.564   1.00 23.99  ? 79  PRO A CB  1 
ATOM   603  C CG  . PRO A 1 79 ? 7.151   12.346  10.658  1.00 30.18  ? 79  PRO A CG  1 
ATOM   604  C CD  . PRO A 1 79 ? 5.848   11.983  11.311  1.00 23.17  ? 79  PRO A CD  1 
ATOM   605  N N   . THR A 1 80 ? 4.157   11.766  7.508   1.00 28.23  ? 80  THR A N   1 
ATOM   606  C CA  . THR A 1 80 ? 4.022   10.925  6.318   1.00 24.81  ? 80  THR A CA  1 
ATOM   607  C C   . THR A 1 80 ? 3.913   11.791  5.070   1.00 24.91  ? 80  THR A C   1 
ATOM   608  O O   . THR A 1 80 ? 3.280   12.852  5.093   1.00 23.12  ? 80  THR A O   1 
ATOM   609  C CB  . THR A 1 80 ? 2.799   9.994   6.444   1.00 22.38  ? 80  THR A CB  1 
ATOM   610  O OG1 . THR A 1 80 ? 2.625   9.292   5.210   1.00 19.90  ? 80  THR A OG1 1 
ATOM   611  C CG2 . THR A 1 80 ? 1.548   10.830  6.687   1.00 20.87  ? 80  THR A CG2 1 
ATOM   612  N N   . PRO A 1 81 ? 4.517   11.360  3.962   1.00 27.28  ? 81  PRO A N   1 
ATOM   613  C CA  . PRO A 1 81 ? 4.472   12.193  2.750   1.00 31.43  ? 81  PRO A CA  1 
ATOM   614  C C   . PRO A 1 81 ? 3.082   12.215  2.127   1.00 37.44  ? 81  PRO A C   1 
ATOM   615  O O   . PRO A 1 81 ? 2.751   13.070  1.310   1.00 36.44  ? 81  PRO A O   1 
ATOM   616  C CB  . PRO A 1 81 ? 5.475   11.517  1.818   1.00 26.48  ? 81  PRO A CB  1 
ATOM   617  C CG  . PRO A 1 81 ? 5.597   10.114  2.301   1.00 25.25  ? 81  PRO A CG  1 
ATOM   618  C CD  . PRO A 1 81 ? 5.263   10.110  3.767   1.00 21.28  ? 81  PRO A CD  1 
ATOM   619  N N   . ILE A 1 82 ? 2.203   11.289  2.495   1.00 26.14  ? 82  ILE A N   1 
ATOM   620  C CA  . ILE A 1 82 ? 0.887   11.193  1.872   1.00 18.94  ? 82  ILE A CA  1 
ATOM   621  C C   . ILE A 1 82 ? -0.102  10.638  2.883   1.00 17.80  ? 82  ILE A C   1 
ATOM   622  O O   . ILE A 1 82 ? 0.301   9.832   3.715   1.00 20.55  ? 82  ILE A O   1 
ATOM   623  C CB  . ILE A 1 82 ? 1.013   10.287  0.632   1.00 26.56  ? 82  ILE A CB  1 
ATOM   624  C CG1 . ILE A 1 82 ? -0.214  10.250  -0.281  1.00 32.94  ? 82  ILE A CG1 1 
ATOM   625  C CG2 . ILE A 1 82 ? 1.413   8.878   1.040   1.00 30.01  ? 82  ILE A CG2 1 
ATOM   626  C CD1 . ILE A 1 82 ? -1.039  11.523  -0.155  1.00 58.25  ? 82  ILE A CD1 1 
ATOM   627  N N   . ASN A 1 83 ? -1.369  11.053  2.861   1.00 18.68  ? 83  ASN A N   1 
ATOM   628  C CA  . ASN A 1 83 ? -2.304  10.494  3.839   1.00 12.82  ? 83  ASN A CA  1 
ATOM   629  C C   . ASN A 1 83 ? -2.696  9.107   3.322   1.00 18.25  ? 83  ASN A C   1 
ATOM   630  O O   . ASN A 1 83 ? -2.973  8.951   2.137   1.00 18.56  ? 83  ASN A O   1 
ATOM   631  C CB  . ASN A 1 83 ? -3.537  11.360  4.044   1.00 14.62  ? 83  ASN A CB  1 
ATOM   632  C CG  . ASN A 1 83 ? -3.228  12.708  4.679   1.00 26.42  ? 83  ASN A CG  1 
ATOM   633  O OD1 . ASN A 1 83 ? -2.483  12.857  5.646   1.00 28.23  ? 83  ASN A OD1 1 
ATOM   634  N ND2 . ASN A 1 83 ? -3.816  13.750  4.105   1.00 24.30  ? 83  ASN A ND2 1 
ATOM   635  N N   . ILE A 1 84 ? -2.714  8.135   4.209   1.00 16.48  ? 84  ILE A N   1 
ATOM   636  C CA  . ILE A 1 84 ? -2.931  6.733   3.872   1.00 13.18  ? 84  ILE A CA  1 
ATOM   637  C C   . ILE A 1 84 ? -4.052  6.141   4.712   1.00 14.50  ? 84  ILE A C   1 
ATOM   638  O O   . ILE A 1 84 ? -4.025  6.130   5.950   1.00 17.37  ? 84  ILE A O   1 
ATOM   639  C CB  . ILE A 1 84 ? -1.601  5.985   4.113   1.00 15.29  ? 84  ILE A CB  1 
ATOM   640  C CG1 . ILE A 1 84 ? -0.487  6.390   3.130   1.00 16.37  ? 84  ILE A CG1 1 
ATOM   641  C CG2 . ILE A 1 84 ? -1.783  4.490   4.123   1.00 20.41  ? 84  ILE A CG2 1 
ATOM   642  C CD1 . ILE A 1 84 ? 0.862   5.895   3.647   1.00 27.85  ? 84  ILE A CD1 1 
ATOM   643  N N   . ILE A 1 85 ? -5.061  5.638   4.018   1.00 14.49  ? 85  ILE A N   1 
ATOM   644  C CA  . ILE A 1 85 ? -6.118  4.861   4.657   1.00 13.61  ? 85  ILE A CA  1 
ATOM   645  C C   . ILE A 1 85 ? -5.730  3.385   4.611   1.00 16.88  ? 85  ILE A C   1 
ATOM   646  O O   . ILE A 1 85 ? -5.617  2.801   3.532   1.00 12.97  ? 85  ILE A O   1 
ATOM   647  C CB  . ILE A 1 85 ? -7.466  5.102   3.966   1.00 12.08  ? 85  ILE A CB  1 
ATOM   648  C CG1 . ILE A 1 85 ? -7.905  6.564   3.874   1.00 16.34  ? 85  ILE A CG1 1 
ATOM   649  C CG2 . ILE A 1 85 ? -8.526  4.258   4.671   1.00 19.91  ? 85  ILE A CG2 1 
ATOM   650  C CD1 . ILE A 1 85 ? -8.138  7.226   5.218   1.00 25.21  ? 85  ILE A CD1 1 
ATOM   651  N N   . GLY A 1 86 ? -5.476  2.750   5.756   1.00 15.79  ? 86  GLY A N   1 
ATOM   652  C CA  . GLY A 1 86 ? -5.000  1.375   5.712   1.00 16.28  ? 86  GLY A CA  1 
ATOM   653  C C   . GLY A 1 86 ? -6.106  0.382   6.073   1.00 13.07  ? 86  GLY A C   1 
ATOM   654  O O   . GLY A 1 86 ? -7.251  0.807   6.202   1.00 11.41  ? 86  GLY A O   1 
ATOM   655  N N   . ARG A 1 87 ? -5.764  -0.888  6.228   1.00 10.96  ? 87  ARG A N   1 
ATOM   656  C CA  . ARG A 1 87 ? -6.771  -1.935  6.370   1.00 13.95  ? 87  ARG A CA  1 
ATOM   657  C C   . ARG A 1 87 ? -7.679  -1.770  7.581   1.00 17.24  ? 87  ARG A C   1 
ATOM   658  O O   . ARG A 1 87 ? -8.839  -2.209  7.532   1.00 15.51  ? 87  ARG A O   1 
ATOM   659  C CB  . ARG A 1 87 ? -6.033  -3.280  6.427   1.00 14.18  ? 87  ARG A CB  1 
ATOM   660  C CG  . ARG A 1 87 ? -5.385  -3.604  5.067   1.00 13.49  ? 87  ARG A CG  1 
ATOM   661  C CD  . ARG A 1 87 ? -4.887  -5.057  5.097   1.00 13.24  ? 87  ARG A CD  1 
ATOM   662  N NE  . ARG A 1 87 ? -3.861  -5.268  6.124   1.00 13.61  ? 87  ARG A NE  1 
ATOM   663  C CZ  . ARG A 1 87 ? -4.077  -5.877  7.282   1.00 19.78  ? 87  ARG A CZ  1 
ATOM   664  N NH1 . ARG A 1 87 ? -5.262  -6.369  7.664   1.00 16.07  ? 87  ARG A NH1 1 
ATOM   665  N NH2 . ARG A 1 87 ? -3.054  -6.003  8.120   1.00 17.66  ? 87  ARG A NH2 1 
ATOM   666  N N   . ASN A 1 88 ? -7.206  -1.134  8.657   1.00 13.37  ? 88  ASN A N   1 
ATOM   667  C CA  . ASN A 1 88 ? -7.993  -1.062  9.906   1.00 11.75  ? 88  ASN A CA  1 
ATOM   668  C C   . ASN A 1 88 ? -9.281  -0.314  9.629   1.00 17.24  ? 88  ASN A C   1 
ATOM   669  O O   . ASN A 1 88 ? -10.288 -0.597  10.278  1.00 17.13  ? 88  ASN A O   1 
ATOM   670  C CB  . ASN A 1 88 ? -7.194  -0.446  11.048  1.00 14.45  ? 88  ASN A CB  1 
ATOM   671  C CG  . ASN A 1 88 ? -6.940  1.044   10.961  1.00 27.46  ? 88  ASN A CG  1 
ATOM   672  O OD1 . ASN A 1 88 ? -6.476  1.564   9.930   1.00 26.19  ? 88  ASN A OD1 1 
ATOM   673  N ND2 . ASN A 1 88 ? -7.234  1.807   12.014  1.00 17.35  ? 88  ASN A ND2 1 
ATOM   674  N N   . LEU A 1 89 ? -9.224  0.619   8.672   1.00 13.75  ? 89  LEU A N   1 
ATOM   675  C CA  . LEU A 1 89 ? -10.435 1.365   8.329   1.00 16.34  ? 89  LEU A CA  1 
ATOM   676  C C   . LEU A 1 89 ? -11.028 0.874   7.012   1.00 17.78  ? 89  LEU A C   1 
ATOM   677  O O   . LEU A 1 89 ? -12.244 0.995   6.859   1.00 15.41  ? 89  LEU A O   1 
ATOM   678  C CB  . LEU A 1 89 ? -10.196 2.879   8.234   1.00 16.44  ? 89  LEU A CB  1 
ATOM   679  C CG  . LEU A 1 89 ? -9.708  3.471   9.568   1.00 21.46  ? 89  LEU A CG  1 
ATOM   680  C CD1 . LEU A 1 89 ? -9.543  4.967   9.441   1.00 22.41  ? 89  LEU A CD1 1 
ATOM   681  C CD2 . LEU A 1 89 ? -10.707 3.095   10.650  1.00 27.66  ? 89  LEU A CD2 1 
ATOM   682  N N   . LEU A 1 90 ? -10.240 0.339   6.084   1.00 13.39  ? 90  LEU A N   1 
ATOM   683  C CA  . LEU A 1 90 ? -10.852 -0.171  4.847   1.00 14.09  ? 90  LEU A CA  1 
ATOM   684  C C   . LEU A 1 90 ? -11.850 -1.279  5.145   1.00 15.87  ? 90  LEU A C   1 
ATOM   685  O O   . LEU A 1 90 ? -12.884 -1.418  4.479   1.00 21.07  ? 90  LEU A O   1 
ATOM   686  C CB  . LEU A 1 90 ? -9.791  -0.732  3.872   1.00 15.01  ? 90  LEU A CB  1 
ATOM   687  C CG  . LEU A 1 90 ? -8.769  0.303   3.368   1.00 15.79  ? 90  LEU A CG  1 
ATOM   688  C CD1 . LEU A 1 90 ? -7.622  -0.342  2.610   1.00 13.11  ? 90  LEU A CD1 1 
ATOM   689  C CD2 . LEU A 1 90 ? -9.467  1.324   2.484   1.00 16.56  ? 90  LEU A CD2 1 
ATOM   690  N N   . THR A 1 91 ? -11.537 -2.098  6.156   1.00 13.07  ? 91  THR A N   1 
ATOM   691  C CA  . THR A 1 91 ? -12.498 -3.188  6.423   1.00 14.58  ? 91  THR A CA  1 
ATOM   692  C C   . THR A 1 91 ? -13.836 -2.629  6.881   1.00 19.23  ? 91  THR A C   1 
ATOM   693  O O   . THR A 1 91 ? -14.882 -3.216  6.647   1.00 19.63  ? 91  THR A O   1 
ATOM   694  C CB  . THR A 1 91 ? -11.984 -4.117  7.524   1.00 14.36  ? 91  THR A CB  1 
ATOM   695  O OG1 . THR A 1 91 ? -11.667 -3.288  8.663   1.00 21.38  ? 91  THR A OG1 1 
ATOM   696  C CG2 . THR A 1 91 ? -10.689 -4.817  7.174   1.00 16.05  ? 91  THR A CG2 1 
ATOM   697  N N   . GLN A 1 92 ? -13.820 -1.491  7.577   1.00 15.66  ? 92  GLN A N   1 
ATOM   698  C CA  . GLN A 1 92 ? -15.060 -0.977  8.151   1.00 18.52  ? 92  GLN A CA  1 
ATOM   699  C C   . GLN A 1 92 ? -15.998 -0.494  7.049   1.00 26.24  ? 92  GLN A C   1 
ATOM   700  O O   . GLN A 1 92 ? -17.217 -0.422  7.228   1.00 24.42  ? 92  GLN A O   1 
ATOM   701  C CB  . GLN A 1 92 ? -14.793 0.139   9.177   1.00 16.35  ? 92  GLN A CB  1 
ATOM   702  C CG  . GLN A 1 92 ? -13.903 -0.328  10.334  1.00 14.17  ? 92  GLN A CG  1 
ATOM   703  C CD  . GLN A 1 92 ? -14.593 -1.422  11.150  1.00 18.37  ? 92  GLN A CD  1 
ATOM   704  O OE1 . GLN A 1 92 ? -15.539 -1.127  11.869  1.00 18.66  ? 92  GLN A OE1 1 
ATOM   705  N NE2 . GLN A 1 92 ? -14.113 -2.647  11.038  1.00 16.06  ? 92  GLN A NE2 1 
ATOM   706  N N   . ILE A 1 93 ? -15.450 -0.067  5.933   1.00 19.11  ? 93  ILE A N   1 
ATOM   707  C CA  . ILE A 1 93 ? -16.296 0.398   4.885   1.00 19.62  ? 93  ILE A CA  1 
ATOM   708  C C   . ILE A 1 93 ? -16.631 -0.703  3.877   1.00 21.15  ? 93  ILE A C   1 
ATOM   709  O O   . ILE A 1 93 ? -17.299 -0.470  2.925   1.00 26.72  ? 93  ILE A O   1 
ATOM   710  C CB  . ILE A 1 93 ? -15.739 1.640   4.209   1.00 27.40  ? 93  ILE A CB  1 
ATOM   711  C CG1 . ILE A 1 93 ? -14.411 1.327   3.513   1.00 24.26  ? 93  ILE A CG1 1 
ATOM   712  C CG2 . ILE A 1 93 ? -15.669 2.780   5.203   1.00 33.01  ? 93  ILE A CG2 1 
ATOM   713  C CD1 . ILE A 1 93 ? -13.998 2.404   2.547   1.00 22.60  ? 93  ILE A CD1 1 
ATOM   714  N N   . GLY A 1 94 ? -16.142 -1.901  4.145   1.00 22.51  ? 94  GLY A N   1 
ATOM   715  C CA  . GLY A 1 94 ? -16.452 -3.082  3.361   1.00 26.74  ? 94  GLY A CA  1 
ATOM   716  C C   . GLY A 1 94 ? -15.644 -3.169  2.088   1.00 28.03  ? 94  GLY A C   1 
ATOM   717  O O   . GLY A 1 94 ? -16.028 -3.771  1.080   1.00 22.41  ? 94  GLY A O   1 
ATOM   718  N N   . ALA A 1 95 ? -14.464 -2.553  2.094   1.00 17.76  ? 95  ALA A N   1 
ATOM   719  C CA  . ALA A 1 95 ? -13.686 -2.580  0.846   1.00 23.02  ? 95  ALA A CA  1 
ATOM   720  C C   . ALA A 1 95 ? -13.117 -3.957  0.562   1.00 26.60  ? 95  ALA A C   1 
ATOM   721  O O   . ALA A 1 95 ? -12.694 -4.628  1.510   1.00 28.26  ? 95  ALA A O   1 
ATOM   722  C CB  . ALA A 1 95 ? -12.526 -1.601  0.911   1.00 20.90  ? 95  ALA A CB  1 
ATOM   723  N N   . THR A 1 96 ? -13.094 -4.356  -0.709  1.00 21.07  ? 96  THR A N   1 
ATOM   724  C CA  . THR A 1 96 ? -12.479 -5.633  -1.065  1.00 15.74  ? 96  THR A CA  1 
ATOM   725  C C   . THR A 1 96 ? -11.590 -5.467  -2.299  1.00 15.53  ? 96  THR A C   1 
ATOM   726  O O   . THR A 1 96 ? -11.782 -4.528  -3.067  1.00 17.77  ? 96  THR A O   1 
ATOM   727  C CB  . THR A 1 96 ? -13.488 -6.758  -1.358  1.00 18.54  ? 96  THR A CB  1 
ATOM   728  O OG1 . THR A 1 96 ? -14.371 -6.290  -2.382  1.00 23.93  ? 96  THR A OG1 1 
ATOM   729  C CG2 . THR A 1 96 ? -14.278 -7.059  -0.094  1.00 23.56  ? 96  THR A CG2 1 
ATOM   730  N N   . LEU A 1 97 ? -10.637 -6.389  -2.428  1.00 18.33  ? 97  LEU A N   1 
ATOM   731  C CA  . LEU A 1 97 ? -9.810  -6.393  -3.639  1.00 20.13  ? 97  LEU A CA  1 
ATOM   732  C C   . LEU A 1 97 ? -10.370 -7.513  -4.521  1.00 22.23  ? 97  LEU A C   1 
ATOM   733  O O   . LEU A 1 97 ? -10.570 -8.605  -3.997  1.00 23.30  ? 97  LEU A O   1 
ATOM   734  C CB  . LEU A 1 97 ? -8.353  -6.641  -3.323  1.00 19.54  ? 97  LEU A CB  1 
ATOM   735  C CG  . LEU A 1 97 ? -7.316  -5.556  -3.544  1.00 32.68  ? 97  LEU A CG  1 
ATOM   736  C CD1 . LEU A 1 97 ? -5.917  -6.178  -3.473  1.00 46.81  ? 97  LEU A CD1 1 
ATOM   737  C CD2 . LEU A 1 97 ? -7.477  -4.818  -4.858  1.00 25.41  ? 97  LEU A CD2 1 
ATOM   738  N N   . ASN A 1 98 ? -10.604 -7.235  -5.770  1.00 20.05  ? 98  ASN A N   1 
ATOM   739  C CA  . ASN A 1 98 ? -11.206 -8.210  -6.643  1.00 20.52  ? 98  ASN A CA  1 
ATOM   740  C C   . ASN A 1 98 ? -10.505 -8.398  -7.987  1.00 28.60  ? 98  ASN A C   1 
ATOM   741  O O   . ASN A 1 98 ? -10.227 -7.418  -8.651  1.00 27.56  ? 98  ASN A O   1 
ATOM   742  C CB  . ASN A 1 98 ? -12.649 -7.790  -6.952  1.00 18.78  ? 98  ASN A CB  1 
ATOM   743  C CG  . ASN A 1 98 ? -13.533 -7.726  -5.714  1.00 28.24  ? 98  ASN A CG  1 
ATOM   744  O OD1 . ASN A 1 98 ? -13.474 -6.801  -4.972  1.00 48.21  ? 98  ASN A OD1 1 
ATOM   745  N ND2 . ASN A 1 98 ? -14.304 -8.736  -5.498  1.00 41.83  ? 98  ASN A ND2 1 
ATOM   746  N N   . PHE A 1 99 ? -10.215 -9.629  -8.351  1.00 21.73  ? 99  PHE A N   1 
ATOM   747  C CA  . PHE A 1 99 ? -9.706  -9.837  -9.708  1.00 26.59  ? 99  PHE A CA  1 
ATOM   748  C C   . PHE A 1 99 ? -10.060 -11.251 -10.155 1.00 33.21  ? 99  PHE A C   1 
ATOM   749  O O   . PHE A 1 99 ? -9.556  -11.692 -11.195 1.00 37.24  ? 99  PHE A O   1 
ATOM   750  C CB  . PHE A 1 99 ? -8.202  -9.595  -9.780  1.00 29.49  ? 99  PHE A CB  1 
ATOM   751  C CG  . PHE A 1 99 ? -7.409  -10.439 -8.800  1.00 27.69  ? 99  PHE A CG  1 
ATOM   752  C CD1 . PHE A 1 99 ? -7.221  -10.020 -7.499  1.00 29.05  ? 99  PHE A CD1 1 
ATOM   753  C CD2 . PHE A 1 99 ? -6.868  -11.643 -9.198  1.00 25.13  ? 99  PHE A CD2 1 
ATOM   754  C CE1 . PHE A 1 99 ? -6.513  -10.783 -6.598  1.00 28.38  ? 99  PHE A CE1 1 
ATOM   755  C CE2 . PHE A 1 99 ? -6.153  -12.414 -8.305  1.00 34.54  ? 99  PHE A CE2 1 
ATOM   756  C CZ  . PHE A 1 99 ? -5.965  -11.983 -7.002  1.00 33.41  ? 99  PHE A CZ  1 
ATOM   757  O OXT . PHE A 1 99 ? -10.853 -11.903 -9.439  1.00 39.64  ? 99  PHE A OXT 1 
ATOM   758  N N   . PRO B 1 1  ? -10.676 -13.760 -7.722  1.00 56.39  ? 101 PRO B N   1 
ATOM   759  C CA  . PRO B 1 1  ? -11.256 -13.914 -6.386  1.00 50.89  ? 101 PRO B CA  1 
ATOM   760  C C   . PRO B 1 1  ? -11.634 -12.560 -5.800  1.00 37.57  ? 101 PRO B C   1 
ATOM   761  O O   . PRO B 1 1  ? -11.272 -11.537 -6.382  1.00 32.87  ? 101 PRO B O   1 
ATOM   762  C CB  . PRO B 1 1  ? -10.114 -14.504 -5.558  1.00 53.76  ? 101 PRO B CB  1 
ATOM   763  C CG  . PRO B 1 1  ? -8.878  -14.038 -6.244  1.00 50.73  ? 101 PRO B CG  1 
ATOM   764  C CD  . PRO B 1 1  ? -9.209  -13.883 -7.700  1.00 54.94  ? 101 PRO B CD  1 
ATOM   765  N N   . GLN B 1 2  ? -12.366 -12.553 -4.685  1.00 31.60  ? 102 GLN B N   1 
ATOM   766  C CA  . GLN B 1 2  ? -12.727 -11.350 -3.959  1.00 28.90  ? 102 GLN B CA  1 
ATOM   767  C C   . GLN B 1 2  ? -12.005 -11.473 -2.622  1.00 37.92  ? 102 GLN B C   1 
ATOM   768  O O   . GLN B 1 2  ? -12.192 -12.421 -1.888  1.00 45.89  ? 102 GLN B O   1 
ATOM   769  C CB  . GLN B 1 2  ? -14.228 -11.193 -3.801  1.00 32.40  ? 102 GLN B CB  1 
ATOM   770  C CG  . GLN B 1 2  ? -14.677 -10.467 -2.559  1.00 41.21  ? 102 GLN B CG  1 
ATOM   771  C CD  . GLN B 1 2  ? -16.079 -9.889  -2.686  1.00 57.16  ? 102 GLN B CD  1 
ATOM   772  O OE1 . GLN B 1 2  ? -16.368 -9.055  -3.543  1.00 71.34  ? 102 GLN B OE1 1 
ATOM   773  N NE2 . GLN B 1 2  ? -16.938 -10.305 -1.805  1.00 51.54  ? 102 GLN B NE2 1 
ATOM   774  N N   . ILE B 1 3  ? -11.147 -10.512 -2.340  1.00 30.06  ? 103 ILE B N   1 
ATOM   775  C CA  . ILE B 1 3  ? -10.312 -10.571 -1.142  1.00 22.74  ? 103 ILE B CA  1 
ATOM   776  C C   . ILE B 1 3  ? -10.710 -9.471  -0.172  1.00 28.58  ? 103 ILE B C   1 
ATOM   777  O O   . ILE B 1 3  ? -10.773 -8.288  -0.511  1.00 19.25  ? 103 ILE B O   1 
ATOM   778  C CB  . ILE B 1 3  ? -8.827  -10.470 -1.524  1.00 25.92  ? 103 ILE B CB  1 
ATOM   779  C CG1 . ILE B 1 3  ? -8.321  -11.725 -2.263  1.00 33.76  ? 103 ILE B CG1 1 
ATOM   780  C CG2 . ILE B 1 3  ? -7.963  -10.157 -0.321  1.00 29.19  ? 103 ILE B CG2 1 
ATOM   781  C CD1 . ILE B 1 3  ? -6.859  -11.667 -2.631  1.00 30.61  ? 103 ILE B CD1 1 
ATOM   782  N N   . THR B 1 4  ? -10.998 -9.895  1.060   1.00 23.58  ? 104 THR B N   1 
ATOM   783  C CA  . THR B 1 4  ? -11.281 -8.919  2.114   1.00 22.73  ? 104 THR B CA  1 
ATOM   784  C C   . THR B 1 4  ? -9.988  -8.572  2.846   1.00 18.41  ? 104 THR B C   1 
ATOM   785  O O   . THR B 1 4  ? -8.913  -9.160  2.636   1.00 24.02  ? 104 THR B O   1 
ATOM   786  C CB  . THR B 1 4  ? -12.371 -9.473  3.052   1.00 32.01  ? 104 THR B CB  1 
ATOM   787  O OG1 . THR B 1 4  ? -11.845 -10.596 3.778   1.00 24.16  ? 104 THR B OG1 1 
ATOM   788  C CG2 . THR B 1 4  ? -13.542 -9.978  2.220   1.00 26.27  ? 104 THR B CG2 1 
ATOM   789  N N   . LEU B 1 5  ? -10.068 -7.584  3.743   1.00 15.58  ? 105 LEU B N   1 
ATOM   790  C CA  . LEU B 1 5  ? -8.821  -6.994  4.242   1.00 15.71  ? 105 LEU B CA  1 
ATOM   791  C C   . LEU B 1 5  ? -8.646  -7.126  5.735   1.00 19.74  ? 105 LEU B C   1 
ATOM   792  O O   . LEU B 1 5  ? -7.880  -6.376  6.362   1.00 15.92  ? 105 LEU B O   1 
ATOM   793  C CB  . LEU B 1 5  ? -8.825  -5.532  3.761   1.00 18.27  ? 105 LEU B CB  1 
ATOM   794  C CG  . LEU B 1 5  ? -8.819  -5.417  2.222   1.00 19.62  ? 105 LEU B CG  1 
ATOM   795  C CD1 . LEU B 1 5  ? -9.167  -4.003  1.804   1.00 19.33  ? 105 LEU B CD1 1 
ATOM   796  C CD2 . LEU B 1 5  ? -7.459  -5.868  1.684   1.00 15.51  ? 105 LEU B CD2 1 
ATOM   797  N N   . TRP B 1 6  ? -9.331  -8.095  6.344   1.00 16.21  ? 106 TRP B N   1 
ATOM   798  C CA  . TRP B 1 6  ? -9.143  -8.335  7.777   1.00 19.05  ? 106 TRP B CA  1 
ATOM   799  C C   . TRP B 1 6  ? -7.727  -8.801  8.069   1.00 16.82  ? 106 TRP B C   1 
ATOM   800  O O   . TRP B 1 6  ? -7.209  -8.556  9.168   1.00 22.95  ? 106 TRP B O   1 
ATOM   801  C CB  . TRP B 1 6  ? -10.184 -9.342  8.320   1.00 17.98  ? 106 TRP B CB  1 
ATOM   802  C CG  . TRP B 1 6  ? -11.561 -8.827  8.001   1.00 13.73  ? 106 TRP B CG  1 
ATOM   803  C CD1 . TRP B 1 6  ? -12.353 -9.191  6.942   1.00 16.17  ? 106 TRP B CD1 1 
ATOM   804  C CD2 . TRP B 1 6  ? -12.292 -7.846  8.747   1.00 14.73  ? 106 TRP B CD2 1 
ATOM   805  N NE1 . TRP B 1 6  ? -13.552 -8.493  6.983   1.00 19.97  ? 106 TRP B NE1 1 
ATOM   806  C CE2 . TRP B 1 6  ? -13.527 -7.666  8.088   1.00 20.50  ? 106 TRP B CE2 1 
ATOM   807  C CE3 . TRP B 1 6  ? -11.996 -7.123  9.915   1.00 18.66  ? 106 TRP B CE3 1 
ATOM   808  C CZ2 . TRP B 1 6  ? -14.480 -6.769  8.571   1.00 23.52  ? 106 TRP B CZ2 1 
ATOM   809  C CZ3 . TRP B 1 6  ? -12.935 -6.235  10.393  1.00 17.28  ? 106 TRP B CZ3 1 
ATOM   810  C CH2 . TRP B 1 6  ? -14.160 -6.073  9.713   1.00 23.52  ? 106 TRP B CH2 1 
ATOM   811  N N   . LYS B 1 7  ? -7.104  -9.448  7.115   1.00 16.36  ? 107 LYS B N   1 
ATOM   812  C CA  . LYS B 1 7  ? -5.734  -9.945  7.134   1.00 18.03  ? 107 LYS B CA  1 
ATOM   813  C C   . LYS B 1 7  ? -4.929  -9.308  5.996   1.00 23.09  ? 107 LYS B C   1 
ATOM   814  O O   . LYS B 1 7  ? -5.547  -8.875  5.020   1.00 17.23  ? 107 LYS B O   1 
ATOM   815  C CB  . LYS B 1 7  ? -5.638  -11.459 6.911   1.00 20.51  ? 107 LYS B CB  1 
ATOM   816  C CG  . LYS B 1 7  ? -6.096  -12.322 8.071   1.00 49.68  ? 107 LYS B CG  1 
ATOM   817  C CD  . LYS B 1 7  ? -4.941  -13.034 8.760   1.00 71.08  ? 107 LYS B CD  1 
ATOM   818  C CE  . LYS B 1 7  ? -5.266  -14.483 9.095   1.00 80.65  ? 107 LYS B CE  1 
ATOM   819  N NZ  . LYS B 1 7  ? -6.283  -14.586 10.186  1.00 97.33  ? 107 LYS B NZ  1 
ATOM   820  N N   . ARG B 1 8  ? -3.600  -9.285  6.114   1.00 19.13  ? 108 ARG B N   1 
ATOM   821  C CA  . ARG B 1 8  ? -2.824  -8.774  4.988   1.00 15.49  ? 108 ARG B CA  1 
ATOM   822  C C   . ARG B 1 8  ? -3.162  -9.545  3.721   1.00 18.24  ? 108 ARG B C   1 
ATOM   823  O O   . ARG B 1 8  ? -3.225  -10.773 3.785   1.00 17.94  ? 108 ARG B O   1 
ATOM   824  C CB  . ARG B 1 8  ? -1.308  -8.911  5.244   1.00 14.49  ? 108 ARG B CB  1 
ATOM   825  C CG  . ARG B 1 8  ? -0.811  -7.872  6.237   1.00 17.03  ? 108 ARG B CG  1 
ATOM   826  C CD  . ARG B 1 8  ? 0.675   -8.100  6.518   1.00 18.70  ? 108 ARG B CD  1 
ATOM   827  N NE  . ARG B 1 8  ? 1.204   -6.921  7.189   1.00 27.27  ? 108 ARG B NE  1 
ATOM   828  C CZ  . ARG B 1 8  ? 2.489   -6.611  7.291   1.00 47.99  ? 108 ARG B CZ  1 
ATOM   829  N NH1 . ARG B 1 8  ? 3.426   -7.385  6.768   1.00 61.19  ? 108 ARG B NH1 1 
ATOM   830  N NH2 . ARG B 1 8  ? 2.854   -5.508  7.924   1.00 35.23  ? 108 ARG B NH2 1 
ATOM   831  N N   . PRO B 1 9  ? -3.357  -8.871  2.594   1.00 15.19  ? 109 PRO B N   1 
ATOM   832  C CA  . PRO B 1 9  ? -3.629  -9.575  1.343   1.00 13.48  ? 109 PRO B CA  1 
ATOM   833  C C   . PRO B 1 9  ? -2.386  -10.164 0.683   1.00 20.51  ? 109 PRO B C   1 
ATOM   834  O O   . PRO B 1 9  ? -1.914  -9.659  -0.330  1.00 19.45  ? 109 PRO B O   1 
ATOM   835  C CB  . PRO B 1 9  ? -4.239  -8.473  0.466   1.00 18.11  ? 109 PRO B CB  1 
ATOM   836  C CG  . PRO B 1 9  ? -3.667  -7.204  1.000   1.00 15.75  ? 109 PRO B CG  1 
ATOM   837  C CD  . PRO B 1 9  ? -3.391  -7.405  2.457   1.00 15.12  ? 109 PRO B CD  1 
ATOM   838  N N   . LEU B 1 10 ? -1.875  -11.261 1.223   1.00 15.17  ? 110 LEU B N   1 
ATOM   839  C CA  . LEU B 1 10 ? -0.705  -11.973 0.737   1.00 17.91  ? 110 LEU B CA  1 
ATOM   840  C C   . LEU B 1 10 ? -1.084  -12.984 -0.329  1.00 21.80  ? 110 LEU B C   1 
ATOM   841  O O   . LEU B 1 10 ? -2.091  -13.683 -0.232  1.00 22.24  ? 110 LEU B O   1 
ATOM   842  C CB  . LEU B 1 10 ? 0.031   -12.711 1.871   1.00 17.28  ? 110 LEU B CB  1 
ATOM   843  C CG  . LEU B 1 10 ? 0.559   -11.814 2.992   1.00 29.41  ? 110 LEU B CG  1 
ATOM   844  C CD1 . LEU B 1 10 ? 1.121   -12.643 4.140   1.00 28.85  ? 110 LEU B CD1 1 
ATOM   845  C CD2 . LEU B 1 10 ? 1.613   -10.858 2.453   1.00 26.26  ? 110 LEU B CD2 1 
ATOM   846  N N   . VAL B 1 11 ? -0.286  -13.098 -1.375  1.00 15.95  ? 111 VAL B N   1 
ATOM   847  C CA  . VAL B 1 11 ? -0.506  -14.118 -2.390  1.00 19.07  ? 111 VAL B CA  1 
ATOM   848  C C   . VAL B 1 11 ? 0.842   -14.770 -2.701  1.00 20.74  ? 111 VAL B C   1 
ATOM   849  O O   . VAL B 1 11 ? 1.894   -14.303 -2.288  1.00 22.50  ? 111 VAL B O   1 
ATOM   850  C CB  . VAL B 1 11 ? -1.060  -13.632 -3.741  1.00 24.66  ? 111 VAL B CB  1 
ATOM   851  C CG1 . VAL B 1 11 ? -2.502  -13.177 -3.607  1.00 28.31  ? 111 VAL B CG1 1 
ATOM   852  C CG2 . VAL B 1 11 ? -0.149  -12.535 -4.274  1.00 18.93  ? 111 VAL B CG2 1 
ATOM   853  N N   . THR B 1 12 ? 0.763   -15.860 -3.441  1.00 20.48  ? 112 THR B N   1 
ATOM   854  C CA  . THR B 1 12 ? 1.980   -16.557 -3.831  1.00 19.51  ? 112 THR B CA  1 
ATOM   855  C C   . THR B 1 12 ? 2.357   -16.028 -5.207  1.00 21.10  ? 112 THR B C   1 
ATOM   856  O O   . THR B 1 12 ? 1.454   -15.889 -6.045  1.00 22.32  ? 112 THR B O   1 
ATOM   857  C CB  . THR B 1 12 ? 1.774   -18.083 -3.887  1.00 29.69  ? 112 THR B CB  1 
ATOM   858  O OG1 . THR B 1 12 ? 1.713   -18.594 -2.550  1.00 30.93  ? 112 THR B OG1 1 
ATOM   859  C CG2 . THR B 1 12 ? 2.948   -18.769 -4.565  1.00 35.62  ? 112 THR B CG2 1 
ATOM   860  N N   . ILE B 1 13 ? 3.653   -15.741 -5.373  1.00 16.59  ? 113 ILE B N   1 
ATOM   861  C CA  . ILE B 1 13 ? 4.043   -15.316 -6.720  1.00 17.02  ? 113 ILE B CA  1 
ATOM   862  C C   . ILE B 1 13 ? 5.108   -16.287 -7.198  1.00 19.43  ? 113 ILE B C   1 
ATOM   863  O O   . ILE B 1 13 ? 5.759   -16.962 -6.405  1.00 22.61  ? 113 ILE B O   1 
ATOM   864  C CB  . ILE B 1 13 ? 4.588   -13.883 -6.777  1.00 20.68  ? 113 ILE B CB  1 
ATOM   865  C CG1 . ILE B 1 13 ? 5.848   -13.689 -5.927  1.00 23.51  ? 113 ILE B CG1 1 
ATOM   866  C CG2 . ILE B 1 13 ? 3.460   -12.920 -6.419  1.00 16.85  ? 113 ILE B CG2 1 
ATOM   867  C CD1 . ILE B 1 13 ? 6.495   -12.327 -6.065  1.00 20.49  ? 113 ILE B CD1 1 
ATOM   868  N N   . LYS B 1 14 ? 5.311   -16.364 -8.488  1.00 19.60  ? 114 LYS B N   1 
ATOM   869  C CA  . LYS B 1 14 ? 6.392   -17.185 -9.001  1.00 19.79  ? 114 LYS B CA  1 
ATOM   870  C C   . LYS B 1 14 ? 7.204   -16.281 -9.899  1.00 21.46  ? 114 LYS B C   1 
ATOM   871  O O   . LYS B 1 14 ? 6.704   -15.734 -10.869 1.00 17.51  ? 114 LYS B O   1 
ATOM   872  C CB  . LYS B 1 14 ? 5.866   -18.412 -9.748  1.00 30.96  ? 114 LYS B CB  1 
ATOM   873  C CG  . LYS B 1 14 ? 6.827   -19.558 -10.052 1.00 32.11  ? 114 LYS B CG  1 
ATOM   874  C CD  . LYS B 1 14 ? 6.155   -20.513 -11.059 1.00 41.61  ? 114 LYS B CD  1 
ATOM   875  C CE  . LYS B 1 14 ? 6.555   -21.963 -10.932 1.00 57.14  ? 114 LYS B CE  1 
ATOM   876  N NZ  . LYS B 1 14 ? 5.782   -22.783 -11.898 1.00 71.35  ? 114 LYS B NZ  1 
ATOM   877  N N   . ILE B 1 15 ? 8.457   -16.099 -9.501  1.00 21.74  ? 115 ILE B N   1 
ATOM   878  C CA  . ILE B 1 15 ? 9.332   -15.234 -10.297 1.00 21.75  ? 115 ILE B CA  1 
ATOM   879  C C   . ILE B 1 15 ? 10.696  -15.898 -10.325 1.00 34.75  ? 115 ILE B C   1 
ATOM   880  O O   . ILE B 1 15 ? 11.128  -16.392 -9.284  1.00 39.30  ? 115 ILE B O   1 
ATOM   881  C CB  . ILE B 1 15 ? 9.410   -13.812 -9.732  1.00 22.73  ? 115 ILE B CB  1 
ATOM   882  C CG1 . ILE B 1 15 ? 10.430  -12.892 -10.429 1.00 36.84  ? 115 ILE B CG1 1 
ATOM   883  C CG2 . ILE B 1 15 ? 9.709   -13.782 -8.246  1.00 30.45  ? 115 ILE B CG2 1 
ATOM   884  C CD1 . ILE B 1 15 ? 10.135  -11.434 -10.128 1.00 26.39  ? 115 ILE B CD1 1 
ATOM   885  N N   . GLY B 1 16 ? 11.329  -15.913 -11.485 1.00 48.99  ? 116 GLY B N   1 
ATOM   886  C CA  . GLY B 1 16 ? 12.626  -16.584 -11.594 1.00 53.29  ? 116 GLY B CA  1 
ATOM   887  C C   . GLY B 1 16 ? 12.490  -18.046 -11.238 1.00 49.41  ? 116 GLY B C   1 
ATOM   888  O O   . GLY B 1 16 ? 13.367  -18.662 -10.638 1.00 46.85  ? 116 GLY B O   1 
ATOM   889  N N   . GLY B 1 17 ? 11.356  -18.670 -11.572 1.00 40.65  ? 117 GLY B N   1 
ATOM   890  C CA  . GLY B 1 17 ? 11.217  -20.062 -11.192 1.00 36.23  ? 117 GLY B CA  1 
ATOM   891  C C   . GLY B 1 17 ? 11.081  -20.281 -9.700  1.00 47.16  ? 117 GLY B C   1 
ATOM   892  O O   . GLY B 1 17 ? 10.911  -21.438 -9.277  1.00 56.44  ? 117 GLY B O   1 
ATOM   893  N N   . GLN B 1 18 ? 11.130  -19.247 -8.859  1.00 33.93  ? 118 GLN B N   1 
ATOM   894  C CA  . GLN B 1 18 ? 10.940  -19.479 -7.432  1.00 37.10  ? 118 GLN B CA  1 
ATOM   895  C C   . GLN B 1 18 ? 9.539   -19.038 -6.992  1.00 31.41  ? 118 GLN B C   1 
ATOM   896  O O   . GLN B 1 18 ? 9.015   -18.099 -7.575  1.00 25.90  ? 118 GLN B O   1 
ATOM   897  C CB  . GLN B 1 18 ? 11.930  -18.748 -6.532  1.00 32.12  ? 118 GLN B CB  1 
ATOM   898  C CG  . GLN B 1 18 ? 12.988  -17.914 -7.219  1.00 53.82  ? 118 GLN B CG  1 
ATOM   899  C CD  . GLN B 1 18 ? 14.131  -17.576 -6.271  1.00 66.25  ? 118 GLN B CD  1 
ATOM   900  O OE1 . GLN B 1 18 ? 14.452  -16.418 -6.009  1.00 78.64  ? 118 GLN B OE1 1 
ATOM   901  N NE2 . GLN B 1 18 ? 14.751  -18.628 -5.745  1.00 77.07  ? 118 GLN B NE2 1 
ATOM   902  N N   . LEU B 1 19 ? 9.041   -19.734 -5.973  1.00 25.47  ? 119 LEU B N   1 
ATOM   903  C CA  . LEU B 1 19 ? 7.817   -19.320 -5.294  1.00 25.79  ? 119 LEU B CA  1 
ATOM   904  C C   . LEU B 1 19 ? 8.165   -18.371 -4.140  1.00 34.40  ? 119 LEU B C   1 
ATOM   905  O O   . LEU B 1 19 ? 9.077   -18.635 -3.353  1.00 27.88  ? 119 LEU B O   1 
ATOM   906  C CB  . LEU B 1 19 ? 7.013   -20.509 -4.793  1.00 31.58  ? 119 LEU B CB  1 
ATOM   907  C CG  . LEU B 1 19 ? 6.310   -21.378 -5.837  1.00 40.91  ? 119 LEU B CG  1 
ATOM   908  C CD1 . LEU B 1 19 ? 5.614   -22.547 -5.149  1.00 38.47  ? 119 LEU B CD1 1 
ATOM   909  C CD2 . LEU B 1 19 ? 5.305   -20.589 -6.662  1.00 24.99  ? 119 LEU B CD2 1 
ATOM   910  N N   . LYS B 1 20 ? 7.450   -17.263 -4.077  1.00 21.27  ? 120 LYS B N   1 
ATOM   911  C CA  . LYS B 1 20 ? 7.584   -16.283 -3.027  1.00 19.43  ? 120 LYS B CA  1 
ATOM   912  C C   . LYS B 1 20 ? 6.207   -15.719 -2.609  1.00 15.43  ? 120 LYS B C   1 
ATOM   913  O O   . LYS B 1 20 ? 5.268   -15.852 -3.301  1.00 23.42  ? 120 LYS B O   1 
ATOM   914  C CB  . LYS B 1 20 ? 8.463   -15.126 -3.466  1.00 25.37  ? 120 LYS B CB  1 
ATOM   915  C CG  . LYS B 1 20 ? 9.909   -15.481 -3.740  1.00 44.09  ? 120 LYS B CG  1 
ATOM   916  C CD  . LYS B 1 20 ? 10.642  -14.273 -4.273  1.00 52.42  ? 120 LYS B CD  1 
ATOM   917  C CE  . LYS B 1 20 ? 12.087  -14.581 -4.573  1.00 56.05  ? 120 LYS B CE  1 
ATOM   918  N NZ  . LYS B 1 20 ? 12.815  -14.556 -3.324  1.00 39.75  ? 120 LYS B NZ  1 
ATOM   919  N N   . GLU B 1 21 ? 6.141   -15.158 -1.428  1.00 20.46  ? 121 GLU B N   1 
ATOM   920  C CA  . GLU B 1 21 ? 4.939   -14.472 -0.969  1.00 29.78  ? 121 GLU B CA  1 
ATOM   921  C C   . GLU B 1 21 ? 5.053   -12.971 -1.240  1.00 20.17  ? 121 GLU B C   1 
ATOM   922  O O   . GLU B 1 21 ? 6.135   -12.379 -1.129  1.00 19.14  ? 121 GLU B O   1 
ATOM   923  C CB  . GLU B 1 21 ? 4.739   -14.725 0.531   1.00 36.46  ? 121 GLU B CB  1 
ATOM   924  C CG  . GLU B 1 21 ? 3.286   -14.991 0.890   1.00 57.83  ? 121 GLU B CG  1 
ATOM   925  C CD  . GLU B 1 21 ? 3.131   -15.680 2.231   1.00 69.13  ? 121 GLU B CD  1 
ATOM   926  O OE1 . GLU B 1 21 ? 2.363   -16.663 2.293   1.00 70.48  ? 121 GLU B OE1 1 
ATOM   927  O OE2 . GLU B 1 21 ? 3.780   -15.215 3.193   1.00 90.15  ? 121 GLU B OE2 1 
ATOM   928  N N   . ALA B 1 22 ? 3.941   -12.341 -1.580  1.00 15.02  ? 122 ALA B N   1 
ATOM   929  C CA  . ALA B 1 22 ? 3.958   -10.903 -1.829  1.00 8.95   ? 122 ALA B CA  1 
ATOM   930  C C   . ALA B 1 22 ? 2.639   -10.298 -1.347  1.00 18.93  ? 122 ALA B C   1 
ATOM   931  O O   . ALA B 1 22 ? 1.638   -11.009 -1.217  1.00 17.88  ? 122 ALA B O   1 
ATOM   932  C CB  . ALA B 1 22 ? 4.207   -10.635 -3.295  1.00 12.55  ? 122 ALA B CB  1 
ATOM   933  N N   . LEU B 1 23 ? 2.698   -9.004  -1.088  1.00 13.91  ? 123 LEU B N   1 
ATOM   934  C CA  . LEU B 1 23 ? 1.572   -8.195  -0.625  1.00 11.99  ? 123 LEU B CA  1 
ATOM   935  C C   . LEU B 1 23 ? 0.907   -7.509  -1.800  1.00 17.78  ? 123 LEU B C   1 
ATOM   936  O O   . LEU B 1 23 ? 1.571   -6.833  -2.605  1.00 15.77  ? 123 LEU B O   1 
ATOM   937  C CB  . LEU B 1 23 ? 2.175   -7.219  0.375   1.00 15.79  ? 123 LEU B CB  1 
ATOM   938  C CG  . LEU B 1 23 ? 1.316   -6.268  1.196   1.00 25.36  ? 123 LEU B CG  1 
ATOM   939  C CD1 . LEU B 1 23 ? 0.277   -7.023  2.000   1.00 29.07  ? 123 LEU B CD1 1 
ATOM   940  C CD2 . LEU B 1 23 ? 2.208   -5.421  2.125   1.00 18.49  ? 123 LEU B CD2 1 
ATOM   941  N N   . LEU B 1 24 ? -0.411  -7.648  -1.960  1.00 11.52  ? 124 LEU B N   1 
ATOM   942  C CA  . LEU B 1 24 ? -1.097  -6.857  -2.985  1.00 15.81  ? 124 LEU B CA  1 
ATOM   943  C C   . LEU B 1 24 ? -1.321  -5.459  -2.441  1.00 21.08  ? 124 LEU B C   1 
ATOM   944  O O   . LEU B 1 24 ? -1.985  -5.291  -1.404  1.00 18.70  ? 124 LEU B O   1 
ATOM   945  C CB  . LEU B 1 24 ? -2.439  -7.496  -3.376  1.00 18.61  ? 124 LEU B CB  1 
ATOM   946  C CG  . LEU B 1 24 ? -2.305  -8.977  -3.767  1.00 23.49  ? 124 LEU B CG  1 
ATOM   947  C CD1 . LEU B 1 24 ? -3.675  -9.630  -3.838  1.00 26.37  ? 124 LEU B CD1 1 
ATOM   948  C CD2 . LEU B 1 24 ? -1.561  -9.092  -5.092  1.00 19.31  ? 124 LEU B CD2 1 
ATOM   949  N N   . ASP B 1 25 ? -0.742  -4.475  -3.133  1.00 11.59  ? 125 ASP B N   1 
ATOM   950  C CA  . ASP B 1 25 ? -0.563  -3.175  -2.485  1.00 11.24  ? 125 ASP B CA  1 
ATOM   951  C C   . ASP B 1 25 ? -1.054  -2.052  -3.361  1.00 14.76  ? 125 ASP B C   1 
ATOM   952  O O   . ASP B 1 25 ? -0.303  -1.590  -4.216  1.00 13.08  ? 125 ASP B O   1 
ATOM   953  C CB  . ASP B 1 25 ? 0.939   -3.012  -2.180  1.00 11.60  ? 125 ASP B CB  1 
ATOM   954  C CG  . ASP B 1 25 ? 1.226   -1.838  -1.270  1.00 22.31  ? 125 ASP B CG  1 
ATOM   955  O OD1 . ASP B 1 25 ? 0.412   -0.898  -1.247  1.00 16.09  ? 125 ASP B OD1 1 
ATOM   956  O OD2 . ASP B 1 25 ? 2.254   -1.850  -0.569  1.00 15.26  ? 125 ASP B OD2 1 
ATOM   957  N N   . THR B 1 26 ? -2.298  -1.607  -3.164  1.00 12.45  ? 126 THR B N   1 
ATOM   958  C CA  . THR B 1 26 ? -2.840  -0.575  -4.033  1.00 10.38  ? 126 THR B CA  1 
ATOM   959  C C   . THR B 1 26 ? -2.137  0.767   -3.821  1.00 14.13  ? 126 THR B C   1 
ATOM   960  O O   . THR B 1 26 ? -2.265  1.639   -4.687  1.00 13.14  ? 126 THR B O   1 
ATOM   961  C CB  . THR B 1 26 ? -4.351  -0.377  -3.821  1.00 11.89  ? 126 THR B CB  1 
ATOM   962  O OG1 . THR B 1 26 ? -4.601  -0.120  -2.438  1.00 13.39  ? 126 THR B OG1 1 
ATOM   963  C CG2 . THR B 1 26 ? -5.132  -1.629  -4.201  1.00 13.72  ? 126 THR B CG2 1 
ATOM   964  N N   . GLY B 1 27 ? -1.453  0.917   -2.693  1.00 12.80  ? 127 GLY B N   1 
ATOM   965  C CA  . GLY B 1 27 ? -0.745  2.135   -2.320  1.00 12.70  ? 127 GLY B CA  1 
ATOM   966  C C   . GLY B 1 27 ? 0.646   2.237   -2.952  1.00 16.40  ? 127 GLY B C   1 
ATOM   967  O O   . GLY B 1 27 ? 1.325   3.261   -2.812  1.00 14.53  ? 127 GLY B O   1 
ATOM   968  N N   . ALA B 1 28 ? 1.103   1.198   -3.624  1.00 15.27  ? 128 ALA B N   1 
ATOM   969  C CA  . ALA B 1 28 ? 2.379   1.167   -4.329  1.00 14.46  ? 128 ALA B CA  1 
ATOM   970  C C   . ALA B 1 28 ? 2.230   1.415   -5.820  1.00 12.30  ? 128 ALA B C   1 
ATOM   971  O O   . ALA B 1 28 ? 1.541   0.673   -6.521  1.00 11.77  ? 128 ALA B O   1 
ATOM   972  C CB  . ALA B 1 28 ? 3.074   -0.200  -4.157  1.00 12.24  ? 128 ALA B CB  1 
ATOM   973  N N   . ASP B 1 29 ? 2.886   2.464   -6.341  1.00 10.91  ? 129 ASP B N   1 
ATOM   974  C CA  . ASP B 1 29 ? 2.859   2.632   -7.787  1.00 15.27  ? 129 ASP B CA  1 
ATOM   975  C C   . ASP B 1 29 ? 3.557   1.492   -8.515  1.00 17.81  ? 129 ASP B C   1 
ATOM   976  O O   . ASP B 1 29 ? 3.132   1.053   -9.569  1.00 14.78  ? 129 ASP B O   1 
ATOM   977  C CB  . ASP B 1 29 ? 3.614   3.918   -8.144  1.00 18.68  ? 129 ASP B CB  1 
ATOM   978  C CG  . ASP B 1 29 ? 2.967   5.189   -7.655  1.00 22.16  ? 129 ASP B CG  1 
ATOM   979  O OD1 . ASP B 1 29 ? 1.784   5.222   -7.267  1.00 15.97  ? 129 ASP B OD1 1 
ATOM   980  O OD2 . ASP B 1 29 ? 3.681   6.219   -7.668  1.00 25.34  ? 129 ASP B OD2 1 
ATOM   981  N N   . ASP B 1 30 ? 4.680   1.036   -7.978  1.00 13.25  ? 130 ASP B N   1 
ATOM   982  C CA  . ASP B 1 30 ? 5.538   0.042   -8.588  1.00 12.83  ? 130 ASP B CA  1 
ATOM   983  C C   . ASP B 1 30 ? 5.661   -1.234  -7.766  1.00 13.40  ? 130 ASP B C   1 
ATOM   984  O O   . ASP B 1 30 ? 5.410   -1.303  -6.575  1.00 19.58  ? 130 ASP B O   1 
ATOM   985  C CB  . ASP B 1 30 ? 6.972   0.604   -8.710  1.00 18.93  ? 130 ASP B CB  1 
ATOM   986  C CG  . ASP B 1 30 ? 6.974   1.976   -9.380  1.00 25.26  ? 130 ASP B CG  1 
ATOM   987  O OD1 . ASP B 1 30 ? 6.460   2.032   -10.511 1.00 29.25  ? 130 ASP B OD1 1 
ATOM   988  O OD2 . ASP B 1 30 ? 7.462   2.945   -8.766  1.00 33.76  ? 130 ASP B OD2 1 
ATOM   989  N N   . THR B 1 31 ? 6.092   -2.294  -8.398  1.00 13.56  ? 131 THR B N   1 
ATOM   990  C CA  . THR B 1 31 ? 6.345   -3.591  -7.799  1.00 12.49  ? 131 THR B CA  1 
ATOM   991  C C   . THR B 1 31 ? 7.791   -3.691  -7.356  1.00 18.77  ? 131 THR B C   1 
ATOM   992  O O   . THR B 1 31 ? 8.701   -3.430  -8.149  1.00 15.29  ? 131 THR B O   1 
ATOM   993  C CB  . THR B 1 31 ? 6.065   -4.665  -8.856  1.00 17.96  ? 131 THR B CB  1 
ATOM   994  O OG1 . THR B 1 31 ? 4.645   -4.637  -9.109  1.00 16.11  ? 131 THR B OG1 1 
ATOM   995  C CG2 . THR B 1 31 ? 6.452   -6.051  -8.363  1.00 15.83  ? 131 THR B CG2 1 
ATOM   996  N N   . ILE B 1 32 ? 7.950   -4.045  -6.080  1.00 14.36  ? 132 ILE B N   1 
ATOM   997  C CA  . ILE B 1 32 ? 9.294   -4.100  -5.532  1.00 15.55  ? 132 ILE B CA  1 
ATOM   998  C C   . ILE B 1 32 ? 9.522   -5.437  -4.830  1.00 17.54  ? 132 ILE B C   1 
ATOM   999  O O   . ILE B 1 32 ? 8.706   -5.805  -3.986  1.00 17.53  ? 132 ILE B O   1 
ATOM   1000 C CB  . ILE B 1 32 ? 9.540   -3.015  -4.475  1.00 18.64  ? 132 ILE B CB  1 
ATOM   1001 C CG1 . ILE B 1 32 ? 9.011   -1.636  -4.820  1.00 26.13  ? 132 ILE B CG1 1 
ATOM   1002 C CG2 . ILE B 1 32 ? 11.046  -3.005  -4.160  1.00 18.50  ? 132 ILE B CG2 1 
ATOM   1003 C CD1 . ILE B 1 32 ? 9.780   -0.524  -4.134  1.00 38.83  ? 132 ILE B CD1 1 
ATOM   1004 N N   . ILE B 1 33 ? 10.619  -6.079  -5.169  1.00 12.05  ? 133 ILE B N   1 
ATOM   1005 C CA  . ILE B 1 33 ? 10.887  -7.448  -4.713  1.00 14.66  ? 133 ILE B CA  1 
ATOM   1006 C C   . ILE B 1 33 ? 12.203  -7.475  -3.962  1.00 20.01  ? 133 ILE B C   1 
ATOM   1007 O O   . ILE B 1 33 ? 13.125  -6.723  -4.319  1.00 16.49  ? 133 ILE B O   1 
ATOM   1008 C CB  . ILE B 1 33 ? 10.952  -8.363  -5.954  1.00 24.81  ? 133 ILE B CB  1 
ATOM   1009 C CG1 . ILE B 1 33 ? 9.580   -8.617  -6.616  1.00 22.83  ? 133 ILE B CG1 1 
ATOM   1010 C CG2 . ILE B 1 33 ? 11.633  -9.681  -5.669  1.00 34.19  ? 133 ILE B CG2 1 
ATOM   1011 C CD1 . ILE B 1 33 ? 8.532   -9.113  -5.671  1.00 21.82  ? 133 ILE B CD1 1 
ATOM   1012 N N   . GLU B 1 34 ? 12.364  -8.313  -2.954  1.00 18.17  ? 134 GLU B N   1 
ATOM   1013 C CA  . GLU B 1 34 ? 13.649  -8.335  -2.243  1.00 22.47  ? 134 GLU B CA  1 
ATOM   1014 C C   . GLU B 1 34 ? 14.771  -8.809  -3.144  1.00 25.74  ? 134 GLU B C   1 
ATOM   1015 O O   . GLU B 1 34 ? 14.501  -9.424  -4.184  1.00 19.83  ? 134 GLU B O   1 
ATOM   1016 C CB  . GLU B 1 34 ? 13.511  -9.254  -1.020  1.00 22.88  ? 134 GLU B CB  1 
ATOM   1017 C CG  . GLU B 1 34 ? 13.071  -10.653 -1.433  1.00 37.90  ? 134 GLU B CG  1 
ATOM   1018 C CD  . GLU B 1 34 ? 12.706  -11.520 -0.236  1.00 58.16  ? 134 GLU B CD  1 
ATOM   1019 O OE1 . GLU B 1 34 ? 12.853  -12.757 -0.350  1.00 57.03  ? 134 GLU B OE1 1 
ATOM   1020 O OE2 . GLU B 1 34 ? 12.278  -10.980 0.811   1.00 56.27  ? 134 GLU B OE2 1 
ATOM   1021 N N   . GLU B 1 35 ? 16.012  -8.542  -2.753  1.00 27.03  ? 135 GLU B N   1 
ATOM   1022 C CA  . GLU B 1 35 ? 17.192  -8.927  -3.520  1.00 24.66  ? 135 GLU B CA  1 
ATOM   1023 C C   . GLU B 1 35 ? 17.135  -10.342 -4.072  1.00 24.67  ? 135 GLU B C   1 
ATOM   1024 O O   . GLU B 1 35 ? 16.858  -11.311 -3.358  1.00 36.13  ? 135 GLU B O   1 
ATOM   1025 C CB  . GLU B 1 35 ? 18.440  -8.812  -2.625  1.00 33.46  ? 135 GLU B CB  1 
ATOM   1026 C CG  . GLU B 1 35 ? 19.698  -9.264  -3.350  1.00 52.11  ? 135 GLU B CG  1 
ATOM   1027 C CD  . GLU B 1 35 ? 19.972  -8.543  -4.658  1.00 53.56  ? 135 GLU B CD  1 
ATOM   1028 O OE1 . GLU B 1 35 ? 19.749  -7.314  -4.744  1.00 34.91  ? 135 GLU B OE1 1 
ATOM   1029 O OE2 . GLU B 1 35 ? 20.431  -9.217  -5.613  1.00 48.58  ? 135 GLU B OE2 1 
ATOM   1030 N N   . MET B 1 36 ? 17.374  -10.477 -5.362  1.00 24.58  ? 136 MET B N   1 
ATOM   1031 C CA  . MET B 1 36 ? 17.488  -11.757 -6.032  1.00 23.78  ? 136 MET B CA  1 
ATOM   1032 C C   . MET B 1 36 ? 18.069  -11.479 -7.420  1.00 31.49  ? 136 MET B C   1 
ATOM   1033 O O   . MET B 1 36 ? 18.132  -10.323 -7.823  1.00 32.86  ? 136 MET B O   1 
ATOM   1034 C CB  . MET B 1 36 ? 16.170  -12.498 -6.187  1.00 28.74  ? 136 MET B CB  1 
ATOM   1035 C CG  . MET B 1 36 ? 15.210  -11.895 -7.194  1.00 29.27  ? 136 MET B CG  1 
ATOM   1036 S SD  . MET B 1 36 ? 13.575  -12.677 -7.247  1.00 37.26  ? 136 MET B SD  1 
ATOM   1037 C CE  . MET B 1 36 ? 13.869  -14.007 -8.408  1.00 35.68  ? 136 MET B CE  1 
ATOM   1038 N N   . SER B 1 37 ? 18.456  -12.529 -8.120  1.00 37.81  ? 137 SER B N   1 
ATOM   1039 C CA  . SER B 1 37 ? 19.073  -12.364 -9.428  1.00 40.40  ? 137 SER B CA  1 
ATOM   1040 C C   . SER B 1 37 ? 18.054  -12.461 -10.546 1.00 30.77  ? 137 SER B C   1 
ATOM   1041 O O   . SER B 1 37 ? 17.345  -13.454 -10.698 1.00 43.79  ? 137 SER B O   1 
ATOM   1042 C CB  . SER B 1 37 ? 20.162  -13.425 -9.663  1.00 46.85  ? 137 SER B CB  1 
ATOM   1043 O OG  . SER B 1 37 ? 21.429  -12.908 -9.264  1.00 84.86  ? 137 SER B OG  1 
ATOM   1044 N N   . LEU B 1 38 ? 18.001  -11.401 -11.344 1.00 26.61  ? 138 LEU B N   1 
ATOM   1045 C CA  . LEU B 1 38 ? 17.112  -11.444 -12.502 1.00 30.13  ? 138 LEU B CA  1 
ATOM   1046 C C   . LEU B 1 38 ? 17.948  -11.295 -13.769 1.00 36.95  ? 138 LEU B C   1 
ATOM   1047 O O   . LEU B 1 38 ? 19.049  -10.752 -13.641 1.00 27.38  ? 138 LEU B O   1 
ATOM   1048 C CB  . LEU B 1 38 ? 16.046  -10.362 -12.356 1.00 26.36  ? 138 LEU B CB  1 
ATOM   1049 C CG  . LEU B 1 38 ? 15.097  -10.583 -11.164 1.00 35.36  ? 138 LEU B CG  1 
ATOM   1050 C CD1 . LEU B 1 38 ? 14.187  -9.380  -10.978 1.00 32.48  ? 138 LEU B CD1 1 
ATOM   1051 C CD2 . LEU B 1 38 ? 14.318  -11.881 -11.362 1.00 31.14  ? 138 LEU B CD2 1 
ATOM   1052 N N   . PRO B 1 39 ? 17.447  -11.754 -14.908 1.00 36.53  ? 139 PRO B N   1 
ATOM   1053 C CA  . PRO B 1 39 ? 18.164  -11.618 -16.176 1.00 38.20  ? 139 PRO B CA  1 
ATOM   1054 C C   . PRO B 1 39 ? 18.061  -10.209 -16.762 1.00 32.09  ? 139 PRO B C   1 
ATOM   1055 O O   . PRO B 1 39 ? 17.137  -9.457  -16.482 1.00 33.32  ? 139 PRO B O   1 
ATOM   1056 C CB  . PRO B 1 39 ? 17.445  -12.605 -17.114 1.00 34.20  ? 139 PRO B CB  1 
ATOM   1057 C CG  . PRO B 1 39 ? 16.053  -12.625 -16.583 1.00 42.82  ? 139 PRO B CG  1 
ATOM   1058 C CD  . PRO B 1 39 ? 16.162  -12.452 -15.091 1.00 36.88  ? 139 PRO B CD  1 
ATOM   1059 N N   . GLY B 1 40 ? 19.052  -9.887  -17.590 1.00 26.61  ? 140 GLY B N   1 
ATOM   1060 C CA  . GLY B 1 40 ? 19.117  -8.696  -18.391 1.00 27.92  ? 140 GLY B CA  1 
ATOM   1061 C C   . GLY B 1 40 ? 19.842  -7.544  -17.720 1.00 24.74  ? 140 GLY B C   1 
ATOM   1062 O O   . GLY B 1 40 ? 20.447  -7.684  -16.659 1.00 28.97  ? 140 GLY B O   1 
ATOM   1063 N N   . ARG B 1 41 ? 19.762  -6.388  -18.383 1.00 23.37  ? 141 ARG B N   1 
ATOM   1064 C CA  . ARG B 1 41 ? 20.415  -5.198  -17.850 1.00 23.52  ? 141 ARG B CA  1 
ATOM   1065 C C   . ARG B 1 41 ? 19.479  -4.510  -16.878 1.00 26.22  ? 141 ARG B C   1 
ATOM   1066 O O   . ARG B 1 41 ? 18.262  -4.640  -17.002 1.00 31.60  ? 141 ARG B O   1 
ATOM   1067 C CB  . ARG B 1 41 ? 20.779  -4.266  -19.003 1.00 17.40  ? 141 ARG B CB  1 
ATOM   1068 C CG  . ARG B 1 41 ? 22.014  -4.808  -19.729 1.00 21.95  ? 141 ARG B CG  1 
ATOM   1069 C CD  . ARG B 1 41 ? 22.386  -3.922  -20.895 1.00 32.25  ? 141 ARG B CD  1 
ATOM   1070 N NE  . ARG B 1 41 ? 22.763  -2.571  -20.462 1.00 28.34  ? 141 ARG B NE  1 
ATOM   1071 C CZ  . ARG B 1 41 ? 23.963  -2.294  -19.955 1.00 30.34  ? 141 ARG B CZ  1 
ATOM   1072 N NH1 . ARG B 1 41 ? 24.887  -3.243  -19.802 1.00 17.76  ? 141 ARG B NH1 1 
ATOM   1073 N NH2 . ARG B 1 41 ? 24.207  -1.042  -19.596 1.00 21.16  ? 141 ARG B NH2 1 
ATOM   1074 N N   . TRP B 1 42 ? 20.011  -3.787  -15.910 1.00 17.75  ? 142 TRP B N   1 
ATOM   1075 C CA  . TRP B 1 42 ? 19.098  -3.019  -15.060 1.00 16.65  ? 142 TRP B CA  1 
ATOM   1076 C C   . TRP B 1 42 ? 19.431  -1.540  -15.165 1.00 23.06  ? 142 TRP B C   1 
ATOM   1077 O O   . TRP B 1 42 ? 20.514  -1.185  -15.629 1.00 18.44  ? 142 TRP B O   1 
ATOM   1078 C CB  . TRP B 1 42 ? 19.203  -3.517  -13.637 1.00 14.88  ? 142 TRP B CB  1 
ATOM   1079 C CG  . TRP B 1 42 ? 20.568  -3.480  -13.002 1.00 18.77  ? 142 TRP B CG  1 
ATOM   1080 C CD1 . TRP B 1 42 ? 21.547  -4.432  -13.097 1.00 16.76  ? 142 TRP B CD1 1 
ATOM   1081 C CD2 . TRP B 1 42 ? 21.091  -2.439  -12.162 1.00 14.15  ? 142 TRP B CD2 1 
ATOM   1082 N NE1 . TRP B 1 42 ? 22.649  -4.040  -12.369 1.00 20.14  ? 142 TRP B NE1 1 
ATOM   1083 C CE2 . TRP B 1 42 ? 22.396  -2.823  -11.789 1.00 24.07  ? 142 TRP B CE2 1 
ATOM   1084 C CE3 . TRP B 1 42 ? 20.578  -1.223  -11.700 1.00 15.78  ? 142 TRP B CE3 1 
ATOM   1085 C CZ2 . TRP B 1 42 ? 23.207  -2.035  -10.967 1.00 21.05  ? 142 TRP B CZ2 1 
ATOM   1086 C CZ3 . TRP B 1 42 ? 21.369  -0.430  -10.883 1.00 20.65  ? 142 TRP B CZ3 1 
ATOM   1087 C CH2 . TRP B 1 42 ? 22.664  -0.848  -10.529 1.00 21.44  ? 142 TRP B CH2 1 
ATOM   1088 N N   . LYS B 1 43 ? 18.504  -0.735  -14.678 1.00 20.35  ? 143 LYS B N   1 
ATOM   1089 C CA  . LYS B 1 43 ? 18.574  0.703   -14.671 1.00 17.88  ? 143 LYS B CA  1 
ATOM   1090 C C   . LYS B 1 43 ? 18.384  1.193   -13.246 1.00 22.29  ? 143 LYS B C   1 
ATOM   1091 O O   . LYS B 1 43 ? 17.757  0.556   -12.459 1.00 19.71  ? 143 LYS B O   1 
ATOM   1092 C CB  . LYS B 1 43 ? 17.515  1.292   -15.582 1.00 27.99  ? 143 LYS B CB  1 
ATOM   1093 C CG  . LYS B 1 43 ? 17.875  1.102   -17.036 1.00 48.06  ? 143 LYS B CG  1 
ATOM   1094 C CD  . LYS B 1 43 ? 17.010  1.935   -17.969 1.00 65.00  ? 143 LYS B CD  1 
ATOM   1095 C CE  . LYS B 1 43 ? 15.566  1.488   -17.965 1.00 70.62  ? 143 LYS B CE  1 
ATOM   1096 N NZ  . LYS B 1 43 ? 15.043  1.678   -19.347 1.00 86.81  ? 143 LYS B NZ  1 
ATOM   1097 N N   . PRO B 1 44 ? 18.959  2.341   -12.937 1.00 23.89  ? 144 PRO B N   1 
ATOM   1098 C CA  . PRO B 1 44 ? 18.869  2.820   -11.551 1.00 23.68  ? 144 PRO B CA  1 
ATOM   1099 C C   . PRO B 1 44 ? 17.555  3.521   -11.271 1.00 24.90  ? 144 PRO B C   1 
ATOM   1100 O O   . PRO B 1 44 ? 16.982  4.206   -12.122 1.00 21.97  ? 144 PRO B O   1 
ATOM   1101 C CB  . PRO B 1 44 ? 20.043  3.807   -11.460 1.00 21.74  ? 144 PRO B CB  1 
ATOM   1102 C CG  . PRO B 1 44 ? 20.175  4.324   -12.862 1.00 24.11  ? 144 PRO B CG  1 
ATOM   1103 C CD  . PRO B 1 44 ? 19.753  3.235   -13.808 1.00 21.36  ? 144 PRO B CD  1 
ATOM   1104 N N   . LYS B 1 45 ? 17.033  3.355   -10.049 1.00 19.71  ? 145 LYS B N   1 
ATOM   1105 C CA  . LYS B 1 45 ? 15.822  4.121   -9.740  1.00 15.89  ? 145 LYS B CA  1 
ATOM   1106 C C   . LYS B 1 45 ? 15.845  4.473   -8.263  1.00 18.08  ? 145 LYS B C   1 
ATOM   1107 O O   . LYS B 1 45 ? 16.320  3.699   -7.428  1.00 23.35  ? 145 LYS B O   1 
ATOM   1108 C CB  . LYS B 1 45 ? 14.548  3.357   -10.091 1.00 25.67  ? 145 LYS B CB  1 
ATOM   1109 C CG  . LYS B 1 45 ? 13.304  4.209   -9.910  1.00 33.82  ? 145 LYS B CG  1 
ATOM   1110 C CD  . LYS B 1 45 ? 12.071  3.618   -10.571 1.00 30.24  ? 145 LYS B CD  1 
ATOM   1111 C CE  . LYS B 1 45 ? 10.885  4.550   -10.326 1.00 28.98  ? 145 LYS B CE  1 
ATOM   1112 N NZ  . LYS B 1 45 ? 9.707   4.172   -11.155 1.00 39.20  ? 145 LYS B NZ  1 
ATOM   1113 N N   . MET B 1 46 ? 15.302  5.634   -7.939  1.00 23.25  ? 146 MET B N   1 
ATOM   1114 C CA  . MET B 1 46 ? 15.151  5.965   -6.517  1.00 36.00  ? 146 MET B CA  1 
ATOM   1115 C C   . MET B 1 46 ? 13.673  5.785   -6.147  1.00 36.49  ? 146 MET B C   1 
ATOM   1116 O O   . MET B 1 46 ? 12.811  6.235   -6.917  1.00 27.36  ? 146 MET B O   1 
ATOM   1117 C CB  . MET B 1 46 ? 15.592  7.383   -6.178  1.00 38.59  ? 146 MET B CB  1 
ATOM   1118 C CG  . MET B 1 46 ? 17.008  7.756   -6.579  1.00 45.77  ? 146 MET B CG  1 
ATOM   1119 S SD  . MET B 1 46 ? 18.197  7.338   -5.280  1.00 104.30 ? 146 MET B SD  1 
ATOM   1120 C CE  . MET B 1 46 ? 17.338  8.003   -3.851  1.00 64.58  ? 146 MET B CE  1 
ATOM   1121 N N   . VAL B 1 47 ? 13.420  5.134   -5.017  1.00 25.86  ? 147 VAL B N   1 
ATOM   1122 C CA  . VAL B 1 47 ? 12.026  4.910   -4.618  1.00 26.44  ? 147 VAL B CA  1 
ATOM   1123 C C   . VAL B 1 47 ? 11.755  5.564   -3.273  1.00 26.01  ? 147 VAL B C   1 
ATOM   1124 O O   . VAL B 1 47 ? 12.471  5.312   -2.308  1.00 25.25  ? 147 VAL B O   1 
ATOM   1125 C CB  . VAL B 1 47 ? 11.688  3.412   -4.534  1.00 31.56  ? 147 VAL B CB  1 
ATOM   1126 C CG1 . VAL B 1 47 ? 10.346  3.206   -3.853  1.00 34.18  ? 147 VAL B CG1 1 
ATOM   1127 C CG2 . VAL B 1 47 ? 11.680  2.795   -5.927  1.00 41.60  ? 147 VAL B CG2 1 
ATOM   1128 N N   . GLY B 1 48 ? 10.723  6.397   -3.201  1.00 25.30  ? 148 GLY B N   1 
ATOM   1129 C CA  . GLY B 1 48 ? 10.469  7.077   -1.941  1.00 26.88  ? 148 GLY B CA  1 
ATOM   1130 C C   . GLY B 1 48 ? 9.348   6.458   -1.149  1.00 27.70  ? 148 GLY B C   1 
ATOM   1131 O O   . GLY B 1 48 ? 8.188   6.367   -1.535  1.00 23.41  ? 148 GLY B O   1 
ATOM   1132 N N   . GLY B 1 49 ? 9.625   5.983   0.066   1.00 23.07  ? 149 GLY B N   1 
ATOM   1133 C CA  . GLY B 1 49 ? 8.465   5.440   0.777   1.00 25.56  ? 149 GLY B CA  1 
ATOM   1134 C C   . GLY B 1 49 ? 8.254   6.221   2.054   1.00 26.97  ? 149 GLY B C   1 
ATOM   1135 O O   . GLY B 1 49 ? 8.658   7.369   2.227   1.00 24.90  ? 149 GLY B O   1 
ATOM   1136 N N   . ILE B 1 50 ? 7.596   5.531   2.983   1.00 17.25  ? 150 ILE B N   1 
ATOM   1137 C CA  . ILE B 1 50 ? 7.220   6.247   4.197   1.00 17.79  ? 150 ILE B CA  1 
ATOM   1138 C C   . ILE B 1 50 ? 8.427   6.693   5.002   1.00 22.70  ? 150 ILE B C   1 
ATOM   1139 O O   . ILE B 1 50 ? 8.326   7.744   5.635   1.00 29.01  ? 150 ILE B O   1 
ATOM   1140 C CB  . ILE B 1 50 ? 6.281   5.402   5.066   1.00 26.09  ? 150 ILE B CB  1 
ATOM   1141 C CG1 . ILE B 1 50 ? 5.264   6.279   5.821   1.00 28.68  ? 150 ILE B CG1 1 
ATOM   1142 C CG2 . ILE B 1 50 ? 7.032   4.478   6.002   1.00 26.28  ? 150 ILE B CG2 1 
ATOM   1143 C CD1 . ILE B 1 50 ? 4.115   5.441   6.332   1.00 42.77  ? 150 ILE B CD1 1 
ATOM   1144 N N   . GLY B 1 51 ? 9.551   5.981   5.020   1.00 22.41  ? 151 GLY B N   1 
ATOM   1145 C CA  . GLY B 1 51 ? 10.633  6.461   5.856   1.00 24.83  ? 151 GLY B CA  1 
ATOM   1146 C C   . GLY B 1 51 ? 11.828  7.074   5.184   1.00 33.24  ? 151 GLY B C   1 
ATOM   1147 O O   . GLY B 1 51 ? 12.860  7.306   5.823   1.00 34.50  ? 151 GLY B O   1 
ATOM   1148 N N   . GLY B 1 52 ? 11.781  7.368   3.893   1.00 28.11  ? 152 GLY B N   1 
ATOM   1149 C CA  . GLY B 1 52 ? 12.977  7.861   3.223   1.00 30.78  ? 152 GLY B CA  1 
ATOM   1150 C C   . GLY B 1 52 ? 13.080  7.259   1.831   1.00 35.04  ? 152 GLY B C   1 
ATOM   1151 O O   . GLY B 1 52 ? 12.175  6.560   1.380   1.00 26.56  ? 152 GLY B O   1 
ATOM   1152 N N   . PHE B 1 53 ? 14.170  7.533   1.131   1.00 41.23  ? 153 PHE B N   1 
ATOM   1153 C CA  . PHE B 1 53 ? 14.320  7.026   -0.231  1.00 40.40  ? 153 PHE B CA  1 
ATOM   1154 C C   . PHE B 1 53 ? 15.265  5.839   -0.244  1.00 36.40  ? 153 PHE B C   1 
ATOM   1155 O O   . PHE B 1 53 ? 16.190  5.759   0.560   1.00 32.06  ? 153 PHE B O   1 
ATOM   1156 C CB  . PHE B 1 53 ? 14.830  8.124   -1.162  1.00 40.15  ? 153 PHE B CB  1 
ATOM   1157 C CG  . PHE B 1 53 ? 13.728  9.058   -1.635  1.00 45.62  ? 153 PHE B CG  1 
ATOM   1158 C CD1 . PHE B 1 53 ? 13.327  10.128  -0.851  1.00 55.18  ? 153 PHE B CD1 1 
ATOM   1159 C CD2 . PHE B 1 53 ? 13.097  8.852   -2.851  1.00 47.04  ? 153 PHE B CD2 1 
ATOM   1160 C CE1 . PHE B 1 53 ? 12.314  10.978  -1.266  1.00 53.89  ? 153 PHE B CE1 1 
ATOM   1161 C CE2 . PHE B 1 53 ? 12.087  9.695   -3.277  1.00 48.95  ? 153 PHE B CE2 1 
ATOM   1162 C CZ  . PHE B 1 53 ? 11.690  10.759  -2.482  1.00 51.19  ? 153 PHE B CZ  1 
ATOM   1163 N N   . ILE B 1 54 ? 15.026  4.900   -1.154  1.00 30.08  ? 154 ILE B N   1 
ATOM   1164 C CA  . ILE B 1 54 ? 15.993  3.828   -1.334  1.00 25.96  ? 154 ILE B CA  1 
ATOM   1165 C C   . ILE B 1 54 ? 16.338  3.777   -2.831  1.00 25.36  ? 154 ILE B C   1 
ATOM   1166 O O   . ILE B 1 54 ? 15.538  4.232   -3.647  1.00 25.30  ? 154 ILE B O   1 
ATOM   1167 C CB  . ILE B 1 54 ? 15.511  2.455   -0.870  1.00 27.95  ? 154 ILE B CB  1 
ATOM   1168 C CG1 . ILE B 1 54 ? 14.263  1.971   -1.631  1.00 27.30  ? 154 ILE B CG1 1 
ATOM   1169 C CG2 . ILE B 1 54 ? 15.296  2.445   0.639   1.00 34.05  ? 154 ILE B CG2 1 
ATOM   1170 C CD1 . ILE B 1 54 ? 13.836  0.557   -1.307  1.00 20.72  ? 154 ILE B CD1 1 
ATOM   1171 N N   . LYS B 1 55 ? 17.512  3.242   -3.094  1.00 24.77  ? 155 LYS B N   1 
ATOM   1172 C CA  . LYS B 1 55 ? 18.010  2.982   -4.437  1.00 27.00  ? 155 LYS B CA  1 
ATOM   1173 C C   . LYS B 1 55 ? 17.647  1.550   -4.796  1.00 28.27  ? 155 LYS B C   1 
ATOM   1174 O O   . LYS B 1 55 ? 17.890  0.677   -3.961  1.00 29.79  ? 155 LYS B O   1 
ATOM   1175 C CB  . LYS B 1 55 ? 19.526  3.133   -4.537  1.00 33.60  ? 155 LYS B CB  1 
ATOM   1176 C CG  . LYS B 1 55 ? 19.951  4.488   -5.092  1.00 51.22  ? 155 LYS B CG  1 
ATOM   1177 C CD  . LYS B 1 55 ? 21.347  4.862   -4.608  1.00 64.86  ? 155 LYS B CD  1 
ATOM   1178 C CE  . LYS B 1 55 ? 22.396  4.435   -5.631  1.00 75.53  ? 155 LYS B CE  1 
ATOM   1179 N NZ  . LYS B 1 55 ? 23.233  5.594   -6.087  1.00 75.16  ? 155 LYS B NZ  1 
ATOM   1180 N N   . VAL B 1 56 ? 17.090  1.324   -5.976  1.00 21.70  ? 156 VAL B N   1 
ATOM   1181 C CA  . VAL B 1 56 ? 16.734  -0.037  -6.369  1.00 15.52  ? 156 VAL B CA  1 
ATOM   1182 C C   . VAL B 1 56 ? 17.296  -0.317  -7.762  1.00 21.68  ? 156 VAL B C   1 
ATOM   1183 O O   . VAL B 1 56 ? 17.714  0.637   -8.440  1.00 20.27  ? 156 VAL B O   1 
ATOM   1184 C CB  . VAL B 1 56 ? 15.205  -0.198  -6.370  1.00 19.41  ? 156 VAL B CB  1 
ATOM   1185 C CG1 . VAL B 1 56 ? 14.609  0.074   -4.997  1.00 20.97  ? 156 VAL B CG1 1 
ATOM   1186 C CG2 . VAL B 1 56 ? 14.548  0.737   -7.386  1.00 18.08  ? 156 VAL B CG2 1 
ATOM   1187 N N   . ARG B 1 57 ? 17.278  -1.568  -8.199  1.00 15.67  ? 157 ARG B N   1 
ATOM   1188 C CA  . ARG B 1 57 ? 17.557  -1.919  -9.595  1.00 16.45  ? 157 ARG B CA  1 
ATOM   1189 C C   . ARG B 1 57 ? 16.259  -2.140  -10.347 1.00 19.97  ? 157 ARG B C   1 
ATOM   1190 O O   . ARG B 1 57 ? 15.425  -2.885  -9.824  1.00 19.37  ? 157 ARG B O   1 
ATOM   1191 C CB  . ARG B 1 57 ? 18.418  -3.192  -9.618  1.00 16.15  ? 157 ARG B CB  1 
ATOM   1192 C CG  . ARG B 1 57 ? 19.566  -2.979  -8.608  1.00 18.13  ? 157 ARG B CG  1 
ATOM   1193 C CD  . ARG B 1 57 ? 20.708  -3.920  -8.887  1.00 21.64  ? 157 ARG B CD  1 
ATOM   1194 N NE  . ARG B 1 57 ? 20.254  -5.295  -9.034  1.00 26.84  ? 157 ARG B NE  1 
ATOM   1195 C CZ  . ARG B 1 57 ? 20.122  -6.137  -8.011  1.00 38.29  ? 157 ARG B CZ  1 
ATOM   1196 N NH1 . ARG B 1 57 ? 20.389  -5.776  -6.764  1.00 35.72  ? 157 ARG B NH1 1 
ATOM   1197 N NH2 . ARG B 1 57 ? 19.705  -7.382  -8.222  1.00 56.87  ? 157 ARG B NH2 1 
ATOM   1198 N N   . GLN B 1 58 ? 16.086  -1.520  -11.498 1.00 16.00  ? 158 GLN B N   1 
ATOM   1199 C CA  . GLN B 1 58 ? 14.880  -1.671  -12.287 1.00 12.14  ? 158 GLN B CA  1 
ATOM   1200 C C   . GLN B 1 58 ? 15.089  -2.653  -13.430 1.00 24.14  ? 158 GLN B C   1 
ATOM   1201 O O   . GLN B 1 58 ? 15.979  -2.358  -14.225 1.00 19.40  ? 158 GLN B O   1 
ATOM   1202 C CB  . GLN B 1 58 ? 14.461  -0.338  -12.910 1.00 15.59  ? 158 GLN B CB  1 
ATOM   1203 C CG  . GLN B 1 58 ? 13.273  -0.537  -13.858 1.00 17.96  ? 158 GLN B CG  1 
ATOM   1204 C CD  . GLN B 1 58 ? 12.804  0.777   -14.448 1.00 25.00  ? 158 GLN B CD  1 
ATOM   1205 O OE1 . GLN B 1 58 ? 12.848  1.796   -13.764 1.00 27.86  ? 158 GLN B OE1 1 
ATOM   1206 N NE2 . GLN B 1 58 ? 12.354  0.774   -15.697 1.00 25.66  ? 158 GLN B NE2 1 
ATOM   1207 N N   . TYR B 1 59 ? 14.326  -3.730  -13.493 1.00 21.57  ? 159 TYR B N   1 
ATOM   1208 C CA  . TYR B 1 59 ? 14.364  -4.716  -14.563 1.00 15.11  ? 159 TYR B CA  1 
ATOM   1209 C C   . TYR B 1 59 ? 13.044  -4.673  -15.336 1.00 22.06  ? 159 TYR B C   1 
ATOM   1210 O O   . TYR B 1 59 ? 11.970  -4.679  -14.736 1.00 21.07  ? 159 TYR B O   1 
ATOM   1211 C CB  . TYR B 1 59 ? 14.560  -6.137  -14.059 1.00 13.06  ? 159 TYR B CB  1 
ATOM   1212 C CG  . TYR B 1 59 ? 15.855  -6.405  -13.339 1.00 23.97  ? 159 TYR B CG  1 
ATOM   1213 C CD1 . TYR B 1 59 ? 16.001  -6.027  -12.010 1.00 15.68  ? 159 TYR B CD1 1 
ATOM   1214 C CD2 . TYR B 1 59 ? 16.910  -7.040  -14.015 1.00 23.52  ? 159 TYR B CD2 1 
ATOM   1215 C CE1 . TYR B 1 59 ? 17.201  -6.285  -11.365 1.00 17.89  ? 159 TYR B CE1 1 
ATOM   1216 C CE2 . TYR B 1 59 ? 18.112  -7.297  -13.376 1.00 19.69  ? 159 TYR B CE2 1 
ATOM   1217 C CZ  . TYR B 1 59 ? 18.226  -6.910  -12.059 1.00 24.13  ? 159 TYR B CZ  1 
ATOM   1218 O OH  . TYR B 1 59 ? 19.408  -7.154  -11.394 1.00 32.19  ? 159 TYR B OH  1 
ATOM   1219 N N   . ASP B 1 60 ? 13.141  -4.646  -16.658 1.00 18.08  ? 160 ASP B N   1 
ATOM   1220 C CA  . ASP B 1 60 ? 11.923  -4.527  -17.472 1.00 19.83  ? 160 ASP B CA  1 
ATOM   1221 C C   . ASP B 1 60 ? 11.577  -5.849  -18.142 1.00 19.69  ? 160 ASP B C   1 
ATOM   1222 O O   . ASP B 1 60 ? 12.454  -6.676  -18.348 1.00 21.22  ? 160 ASP B O   1 
ATOM   1223 C CB  . ASP B 1 60 ? 12.113  -3.410  -18.492 1.00 22.41  ? 160 ASP B CB  1 
ATOM   1224 C CG  . ASP B 1 60 ? 12.350  -2.079  -17.787 1.00 38.50  ? 160 ASP B CG  1 
ATOM   1225 O OD1 . ASP B 1 60 ? 11.546  -1.693  -16.908 1.00 40.68  ? 160 ASP B OD1 1 
ATOM   1226 O OD2 . ASP B 1 60 ? 13.354  -1.395  -18.083 1.00 49.77  ? 160 ASP B OD2 1 
ATOM   1227 N N   . GLN B 1 61 ? 10.330  -6.004  -18.513 1.00 19.09  ? 161 GLN B N   1 
ATOM   1228 C CA  . GLN B 1 61 ? 9.848   -7.164  -19.208 1.00 21.89  ? 161 GLN B CA  1 
ATOM   1229 C C   . GLN B 1 61 ? 10.119  -8.491  -18.497 1.00 25.99  ? 161 GLN B C   1 
ATOM   1230 O O   . GLN B 1 61 ? 10.530  -9.453  -19.102 1.00 26.23  ? 161 GLN B O   1 
ATOM   1231 C CB  . GLN B 1 61 ? 10.302  -7.162  -20.675 1.00 32.91  ? 161 GLN B CB  1 
ATOM   1232 C CG  . GLN B 1 61 ? 9.134   -7.153  -21.635 1.00 55.97  ? 161 GLN B CG  1 
ATOM   1233 C CD  . GLN B 1 61 ? 9.568   -7.017  -23.079 1.00 67.77  ? 161 GLN B CD  1 
ATOM   1234 O OE1 . GLN B 1 61 ? 9.228   -7.830  -23.914 1.00 89.19  ? 161 GLN B OE1 1 
ATOM   1235 N NE2 . GLN B 1 61 ? 10.341  -5.982  -23.359 1.00 48.23  ? 161 GLN B NE2 1 
ATOM   1236 N N   . ILE B 1 62 ? 9.875   -8.502  -17.193 1.00 22.02  ? 162 ILE B N   1 
ATOM   1237 C CA  . ILE B 1 62 ? 10.024  -9.708  -16.396 1.00 19.80  ? 162 ILE B CA  1 
ATOM   1238 C C   . ILE B 1 62 ? 8.709   -10.458 -16.254 1.00 19.81  ? 162 ILE B C   1 
ATOM   1239 O O   . ILE B 1 62 ? 7.660   -9.874  -15.970 1.00 21.04  ? 162 ILE B O   1 
ATOM   1240 C CB  . ILE B 1 62 ? 10.556  -9.399  -14.982 1.00 19.86  ? 162 ILE B CB  1 
ATOM   1241 C CG1 . ILE B 1 62 ? 11.933  -8.726  -14.969 1.00 20.81  ? 162 ILE B CG1 1 
ATOM   1242 C CG2 . ILE B 1 62 ? 10.523  -10.688 -14.158 1.00 21.48  ? 162 ILE B CG2 1 
ATOM   1243 C CD1 . ILE B 1 62 ? 13.011  -9.474  -15.717 1.00 17.60  ? 162 ILE B CD1 1 
ATOM   1244 N N   . ILE B 1 63 ? 8.712   -11.750 -16.563 1.00 20.82  ? 163 ILE B N   1 
ATOM   1245 C CA  . ILE B 1 63 ? 7.568   -12.602 -16.384 1.00 18.75  ? 163 ILE B CA  1 
ATOM   1246 C C   . ILE B 1 63 ? 7.348   -12.955 -14.901 1.00 24.31  ? 163 ILE B C   1 
ATOM   1247 O O   . ILE B 1 63 ? 8.225   -13.450 -14.248 1.00 24.51  ? 163 ILE B O   1 
ATOM   1248 C CB  . ILE B 1 63 ? 7.719   -13.917 -17.146 1.00 22.94  ? 163 ILE B CB  1 
ATOM   1249 C CG1 . ILE B 1 63 ? 8.149   -13.653 -18.572 1.00 33.55  ? 163 ILE B CG1 1 
ATOM   1250 C CG2 . ILE B 1 63 ? 6.397   -14.652 -17.150 1.00 22.44  ? 163 ILE B CG2 1 
ATOM   1251 C CD1 . ILE B 1 63 ? 8.623   -14.884 -19.301 1.00 53.06  ? 163 ILE B CD1 1 
ATOM   1252 N N   . ILE B 1 64 ? 6.149   -12.723 -14.400 1.00 17.73  ? 164 ILE B N   1 
ATOM   1253 C CA  . ILE B 1 64 ? 5.893   -13.066 -13.009 1.00 16.68  ? 164 ILE B CA  1 
ATOM   1254 C C   . ILE B 1 64 ? 4.456   -13.569 -12.965 1.00 24.08  ? 164 ILE B C   1 
ATOM   1255 O O   . ILE B 1 64 ? 3.571   -13.022 -13.629 1.00 22.90  ? 164 ILE B O   1 
ATOM   1256 C CB  . ILE B 1 64 ? 6.109   -11.872 -12.077 1.00 25.68  ? 164 ILE B CB  1 
ATOM   1257 C CG1 . ILE B 1 64 ? 5.475   -12.010 -10.689 1.00 26.62  ? 164 ILE B CG1 1 
ATOM   1258 C CG2 . ILE B 1 64 ? 5.617   -10.601 -12.752 1.00 34.05  ? 164 ILE B CG2 1 
ATOM   1259 C CD1 . ILE B 1 64 ? 6.118   -11.091 -9.669  1.00 45.01  ? 164 ILE B CD1 1 
ATOM   1260 N N   . GLU B 1 65 ? 4.213   -14.635 -12.227 1.00 19.41  ? 165 GLU B N   1 
ATOM   1261 C CA  . GLU B 1 65 ? 2.896   -15.232 -12.074 1.00 22.15  ? 165 GLU B CA  1 
ATOM   1262 C C   . GLU B 1 65 ? 2.387   -14.819 -10.694 1.00 22.82  ? 165 GLU B C   1 
ATOM   1263 O O   . GLU B 1 65 ? 3.050   -15.022 -9.708  1.00 23.26  ? 165 GLU B O   1 
ATOM   1264 C CB  . GLU B 1 65 ? 3.006   -16.745 -12.252 1.00 24.41  ? 165 GLU B CB  1 
ATOM   1265 C CG  . GLU B 1 65 ? 1.756   -17.568 -12.170 1.00 46.92  ? 165 GLU B CG  1 
ATOM   1266 C CD  . GLU B 1 65 ? 2.105   -19.045 -12.322 1.00 63.59  ? 165 GLU B CD  1 
ATOM   1267 O OE1 . GLU B 1 65 ? 1.909   -19.780 -11.377 1.00 74.99  ? 165 GLU B OE1 1 
ATOM   1268 O OE2 . GLU B 1 65 ? 2.707   -19.408 -13.339 1.00 79.37  ? 165 GLU B OE2 1 
ATOM   1269 N N   . ILE B 1 66 ? 1.205   -14.214 -10.676 1.00 18.53  ? 166 ILE B N   1 
ATOM   1270 C CA  . ILE B 1 66 ? 0.649   -13.659 -9.450  1.00 23.86  ? 166 ILE B CA  1 
ATOM   1271 C C   . ILE B 1 66 ? -0.649  -14.418 -9.149  1.00 24.76  ? 166 ILE B C   1 
ATOM   1272 O O   . ILE B 1 66 ? -1.593  -14.247 -9.911  1.00 21.04  ? 166 ILE B O   1 
ATOM   1273 C CB  . ILE B 1 66 ? 0.393   -12.152 -9.577  1.00 23.51  ? 166 ILE B CB  1 
ATOM   1274 C CG1 . ILE B 1 66 ? 1.652   -11.359 -9.952  1.00 22.81  ? 166 ILE B CG1 1 
ATOM   1275 C CG2 . ILE B 1 66 ? -0.251  -11.599 -8.314  1.00 15.08  ? 166 ILE B CG2 1 
ATOM   1276 C CD1 . ILE B 1 66 ? 1.443   -9.907  -10.317 1.00 26.04  ? 166 ILE B CD1 1 
ATOM   1277 N N   . ALA B 1 67 ? -0.572  -15.191 -8.082  1.00 27.57  ? 167 ALA B N   1 
ATOM   1278 C CA  . ALA B 1 67 ? -1.662  -16.038 -7.625  1.00 24.78  ? 167 ALA B CA  1 
ATOM   1279 C C   . ALA B 1 67 ? -2.257  -16.728 -8.836  1.00 25.61  ? 167 ALA B C   1 
ATOM   1280 O O   . ALA B 1 67 ? -3.462  -16.658 -9.063  1.00 34.96  ? 167 ALA B O   1 
ATOM   1281 C CB  . ALA B 1 67 ? -2.672  -15.171 -6.897  1.00 35.57  ? 167 ALA B CB  1 
ATOM   1282 N N   . GLY B 1 68 ? -1.390  -17.322 -9.656  1.00 31.31  ? 168 GLY B N   1 
ATOM   1283 C CA  . GLY B 1 68 ? -1.836  -17.933 -10.884 1.00 32.47  ? 168 GLY B CA  1 
ATOM   1284 C C   . GLY B 1 68 ? -2.061  -17.062 -12.091 1.00 34.64  ? 168 GLY B C   1 
ATOM   1285 O O   . GLY B 1 68 ? -2.365  -17.584 -13.172 1.00 34.63  ? 168 GLY B O   1 
ATOM   1286 N N   . HIS B 1 69 ? -1.937  -15.739 -12.018 1.00 25.98  ? 169 HIS B N   1 
ATOM   1287 C CA  . HIS B 1 69 ? -2.141  -14.908 -13.200 1.00 26.02  ? 169 HIS B CA  1 
ATOM   1288 C C   . HIS B 1 69 ? -0.814  -14.436 -13.780 1.00 32.21  ? 169 HIS B C   1 
ATOM   1289 O O   . HIS B 1 69 ? 0.049   -13.955 -13.032 1.00 31.98  ? 169 HIS B O   1 
ATOM   1290 C CB  . HIS B 1 69 ? -2.944  -13.660 -12.846 1.00 23.47  ? 169 HIS B CB  1 
ATOM   1291 C CG  . HIS B 1 69 ? -4.387  -13.983 -12.638 1.00 36.88  ? 169 HIS B CG  1 
ATOM   1292 N ND1 . HIS B 1 69 ? -4.823  -14.650 -11.514 1.00 47.53  ? 169 HIS B ND1 1 
ATOM   1293 C CD2 . HIS B 1 69 ? -5.473  -13.739 -13.407 1.00 46.21  ? 169 HIS B CD2 1 
ATOM   1294 C CE1 . HIS B 1 69 ? -6.134  -14.804 -11.600 1.00 53.43  ? 169 HIS B CE1 1 
ATOM   1295 N NE2 . HIS B 1 69 ? -6.552  -14.262 -12.732 1.00 56.82  ? 169 HIS B NE2 1 
ATOM   1296 N N   . LYS B 1 70 ? -0.664  -14.584 -15.086 1.00 26.59  ? 170 LYS B N   1 
ATOM   1297 C CA  . LYS B 1 70 ? 0.633   -14.236 -15.694 1.00 34.32  ? 170 LYS B CA  1 
ATOM   1298 C C   . LYS B 1 70 ? 0.642   -12.746 -16.012 1.00 29.47  ? 170 LYS B C   1 
ATOM   1299 O O   . LYS B 1 70 ? -0.324  -12.189 -16.525 1.00 33.96  ? 170 LYS B O   1 
ATOM   1300 C CB  . LYS B 1 70 ? 0.946   -15.077 -16.927 1.00 40.83  ? 170 LYS B CB  1 
ATOM   1301 C CG  . LYS B 1 70 ? 2.425   -15.207 -17.263 1.00 48.76  ? 170 LYS B CG  1 
ATOM   1302 C CD  . LYS B 1 70 ? 2.664   -16.460 -18.093 1.00 63.60  ? 170 LYS B CD  1 
ATOM   1303 C CE  . LYS B 1 70 ? 4.123   -16.626 -18.471 1.00 77.11  ? 170 LYS B CE  1 
ATOM   1304 N NZ  . LYS B 1 70 ? 4.383   -17.738 -19.427 1.00 76.48  ? 170 LYS B NZ  1 
ATOM   1305 N N   . ALA B 1 71 ? 1.738   -12.094 -15.657 1.00 22.88  ? 171 ALA B N   1 
ATOM   1306 C CA  . ALA B 1 71 ? 1.872   -10.660 -15.920 1.00 17.98  ? 171 ALA B CA  1 
ATOM   1307 C C   . ALA B 1 71 ? 3.283   -10.502 -16.476 1.00 24.80  ? 171 ALA B C   1 
ATOM   1308 O O   . ALA B 1 71 ? 4.093   -11.400 -16.221 1.00 22.18  ? 171 ALA B O   1 
ATOM   1309 C CB  . ALA B 1 71 ? 1.648   -9.819  -14.693 1.00 15.03  ? 171 ALA B CB  1 
ATOM   1310 N N   . ILE B 1 72 ? 3.553   -9.464  -17.231 1.00 17.64  ? 172 ILE B N   1 
ATOM   1311 C CA  . ILE B 1 72 ? 4.914   -9.261  -17.746 1.00 19.26  ? 172 ILE B CA  1 
ATOM   1312 C C   . ILE B 1 72 ? 5.194   -7.776  -17.651 1.00 22.46  ? 172 ILE B C   1 
ATOM   1313 O O   . ILE B 1 72 ? 4.453   -6.995  -18.264 1.00 16.69  ? 172 ILE B O   1 
ATOM   1314 C CB  . ILE B 1 72 ? 5.060   -9.742  -19.196 1.00 20.89  ? 172 ILE B CB  1 
ATOM   1315 C CG1 . ILE B 1 72 ? 4.671   -11.206 -19.377 1.00 21.72  ? 172 ILE B CG1 1 
ATOM   1316 C CG2 . ILE B 1 72 ? 6.478   -9.470  -19.686 1.00 18.25  ? 172 ILE B CG2 1 
ATOM   1317 C CD1 . ILE B 1 72 ? 4.548   -11.682 -20.805 1.00 23.70  ? 172 ILE B CD1 1 
ATOM   1318 N N   . GLY B 1 73 ? 6.203   -7.375  -16.877 1.00 15.52  ? 173 GLY B N   1 
ATOM   1319 C CA  . GLY B 1 73 ? 6.360   -5.926  -16.733 1.00 17.29  ? 173 GLY B CA  1 
ATOM   1320 C C   . GLY B 1 73 ? 7.551   -5.545  -15.880 1.00 17.83  ? 173 GLY B C   1 
ATOM   1321 O O   . GLY B 1 73 ? 8.472   -6.334  -15.677 1.00 19.65  ? 173 GLY B O   1 
ATOM   1322 N N   . THR B 1 74 ? 7.550   -4.327  -15.363 1.00 14.18  ? 174 THR B N   1 
ATOM   1323 C CA  . THR B 1 74 ? 8.754   -3.850  -14.666 1.00 15.94  ? 174 THR B CA  1 
ATOM   1324 C C   . THR B 1 74 ? 8.746   -4.274  -13.214 1.00 21.07  ? 174 THR B C   1 
ATOM   1325 O O   . THR B 1 74 ? 7.723   -4.159  -12.544 1.00 18.25  ? 174 THR B O   1 
ATOM   1326 C CB  . THR B 1 74 ? 8.818   -2.314  -14.749 1.00 25.26  ? 174 THR B CB  1 
ATOM   1327 O OG1 . THR B 1 74 ? 8.970   -1.970  -16.128 1.00 22.78  ? 174 THR B OG1 1 
ATOM   1328 C CG2 . THR B 1 74 ? 10.019  -1.754  -13.995 1.00 26.54  ? 174 THR B CG2 1 
ATOM   1329 N N   . VAL B 1 75 ? 9.877   -4.753  -12.748 1.00 10.95  ? 175 VAL B N   1 
ATOM   1330 C CA  . VAL B 1 75 ? 10.034  -5.121  -11.343 1.00 14.81  ? 175 VAL B CA  1 
ATOM   1331 C C   . VAL B 1 75 ? 11.211  -4.361  -10.765 1.00 21.45  ? 175 VAL B C   1 
ATOM   1332 O O   . VAL B 1 75 ? 12.261  -4.250  -11.420 1.00 17.96  ? 175 VAL B O   1 
ATOM   1333 C CB  . VAL B 1 75 ? 10.236  -6.643  -11.236 1.00 25.71  ? 175 VAL B CB  1 
ATOM   1334 C CG1 . VAL B 1 75 ? 10.651  -7.063  -9.844  1.00 25.69  ? 175 VAL B CG1 1 
ATOM   1335 C CG2 . VAL B 1 75 ? 8.953   -7.362  -11.671 1.00 21.28  ? 175 VAL B CG2 1 
ATOM   1336 N N   . LEU B 1 76 ? 11.065  -3.829  -9.561  1.00 15.55  ? 176 LEU B N   1 
ATOM   1337 C CA  . LEU B 1 76 ? 12.230  -3.208  -8.901  1.00 16.49  ? 176 LEU B CA  1 
ATOM   1338 C C   . LEU B 1 76 ? 12.748  -4.139  -7.811  1.00 20.58  ? 176 LEU B C   1 
ATOM   1339 O O   . LEU B 1 76 ? 12.005  -4.866  -7.148  1.00 20.88  ? 176 LEU B O   1 
ATOM   1340 C CB  . LEU B 1 76 ? 11.898  -1.854  -8.304  1.00 14.18  ? 176 LEU B CB  1 
ATOM   1341 C CG  . LEU B 1 76 ? 11.047  -0.893  -9.149  1.00 17.91  ? 176 LEU B CG  1 
ATOM   1342 C CD1 . LEU B 1 76 ? 10.589  0.274   -8.288  1.00 16.14  ? 176 LEU B CD1 1 
ATOM   1343 C CD2 . LEU B 1 76 ? 11.843  -0.433  -10.360 1.00 17.33  ? 176 LEU B CD2 1 
ATOM   1344 N N   . VAL B 1 77 ? 14.065  -4.150  -7.640  1.00 15.44  ? 177 VAL B N   1 
ATOM   1345 C CA  . VAL B 1 77 ? 14.689  -5.062  -6.684  1.00 14.87  ? 177 VAL B CA  1 
ATOM   1346 C C   . VAL B 1 77 ? 15.537  -4.241  -5.719  1.00 20.27  ? 177 VAL B C   1 
ATOM   1347 O O   . VAL B 1 77 ? 16.353  -3.449  -6.193  1.00 17.24  ? 177 VAL B O   1 
ATOM   1348 C CB  . VAL B 1 77 ? 15.591  -6.105  -7.370  1.00 26.83  ? 177 VAL B CB  1 
ATOM   1349 C CG1 . VAL B 1 77 ? 16.304  -6.959  -6.327  1.00 27.49  ? 177 VAL B CG1 1 
ATOM   1350 C CG2 . VAL B 1 77 ? 14.774  -6.950  -8.338  1.00 24.70  ? 177 VAL B CG2 1 
ATOM   1351 N N   . GLY B 1 78 ? 15.346  -4.433  -4.425  1.00 17.12  ? 178 GLY B N   1 
ATOM   1352 C CA  . GLY B 1 78 ? 16.041  -3.623  -3.438  1.00 18.53  ? 178 GLY B CA  1 
ATOM   1353 C C   . GLY B 1 78 ? 15.587  -4.013  -2.032  1.00 21.72  ? 178 GLY B C   1 
ATOM   1354 O O   . GLY B 1 78 ? 14.815  -4.949  -1.825  1.00 20.53  ? 178 GLY B O   1 
ATOM   1355 N N   . PRO B 1 79 ? 16.086  -3.279  -1.047  1.00 27.74  ? 179 PRO B N   1 
ATOM   1356 C CA  . PRO B 1 79 ? 15.840  -3.629  0.350   1.00 27.72  ? 179 PRO B CA  1 
ATOM   1357 C C   . PRO B 1 79 ? 14.453  -3.183  0.782   1.00 21.64  ? 179 PRO B C   1 
ATOM   1358 O O   . PRO B 1 79 ? 14.283  -2.188  1.461   1.00 36.49  ? 179 PRO B O   1 
ATOM   1359 C CB  . PRO B 1 79 ? 16.928  -2.858  1.105   1.00 28.43  ? 179 PRO B CB  1 
ATOM   1360 C CG  . PRO B 1 79 ? 17.252  -1.704  0.239   1.00 31.43  ? 179 PRO B CG  1 
ATOM   1361 C CD  . PRO B 1 79 ? 16.925  -2.076  -1.179  1.00 32.71  ? 179 PRO B CD  1 
ATOM   1362 N N   . THR B 1 80 ? 13.463  -3.951  0.363   1.00 27.22  ? 180 THR B N   1 
ATOM   1363 C CA  . THR B 1 80 ? 12.099  -3.778  0.840   1.00 18.42  ? 180 THR B CA  1 
ATOM   1364 C C   . THR B 1 80 ? 11.838  -4.778  1.952   1.00 15.91  ? 180 THR B C   1 
ATOM   1365 O O   . THR B 1 80 ? 12.340  -5.900  1.963   1.00 25.20  ? 180 THR B O   1 
ATOM   1366 C CB  . THR B 1 80 ? 11.104  -4.000  -0.317  1.00 16.00  ? 180 THR B CB  1 
ATOM   1367 O OG1 . THR B 1 80 ? 9.787   -3.910  0.224   1.00 23.84  ? 180 THR B OG1 1 
ATOM   1368 C CG2 . THR B 1 80 ? 11.311  -5.407  -0.859  1.00 20.73  ? 180 THR B CG2 1 
ATOM   1369 N N   . PRO B 1 81 ? 11.061  -4.415  2.959   1.00 26.27  ? 181 PRO B N   1 
ATOM   1370 C CA  . PRO B 1 81 ? 10.793  -5.336  4.071   1.00 22.60  ? 181 PRO B CA  1 
ATOM   1371 C C   . PRO B 1 81 ? 9.897   -6.485  3.654   1.00 27.33  ? 181 PRO B C   1 
ATOM   1372 O O   . PRO B 1 81 ? 9.819   -7.504  4.322   1.00 28.30  ? 181 PRO B O   1 
ATOM   1373 C CB  . PRO B 1 81 ? 10.096  -4.458  5.104   1.00 25.70  ? 181 PRO B CB  1 
ATOM   1374 C CG  . PRO B 1 81 ? 9.682   -3.216  4.420   1.00 34.57  ? 181 PRO B CG  1 
ATOM   1375 C CD  . PRO B 1 81 ? 10.417  -3.101  3.117   1.00 32.76  ? 181 PRO B CD  1 
ATOM   1376 N N   . ILE B 1 82 ? 9.210   -6.346  2.527   1.00 19.85  ? 182 ILE B N   1 
ATOM   1377 C CA  . ILE B 1 82 ? 8.292   -7.364  2.061   1.00 19.15  ? 182 ILE B CA  1 
ATOM   1378 C C   . ILE B 1 82 ? 8.060   -7.254  0.564   1.00 17.85  ? 182 ILE B C   1 
ATOM   1379 O O   . ILE B 1 82 ? 8.077   -6.182  0.077   1.00 20.18  ? 182 ILE B O   1 
ATOM   1380 C CB  . ILE B 1 82 ? 6.952   -7.295  2.842   1.00 30.29  ? 182 ILE B CB  1 
ATOM   1381 C CG1 . ILE B 1 82 ? 6.029   -8.458  2.508   1.00 40.40  ? 182 ILE B CG1 1 
ATOM   1382 C CG2 . ILE B 1 82 ? 6.233   -5.985  2.630   1.00 23.22  ? 182 ILE B CG2 1 
ATOM   1383 C CD1 . ILE B 1 82 ? 5.126   -8.845  3.653   1.00 43.82  ? 182 ILE B CD1 1 
ATOM   1384 N N   . ASN B 1 83 ? 7.894   -8.373  -0.141  1.00 14.19  ? 183 ASN B N   1 
ATOM   1385 C CA  . ASN B 1 83 ? 7.645   -8.275  -1.582  1.00 14.17  ? 183 ASN B CA  1 
ATOM   1386 C C   . ASN B 1 83 ? 6.329   -7.536  -1.825  1.00 16.67  ? 183 ASN B C   1 
ATOM   1387 O O   . ASN B 1 83 ? 5.292   -7.859  -1.228  1.00 13.85  ? 183 ASN B O   1 
ATOM   1388 C CB  . ASN B 1 83 ? 7.613   -9.665  -2.229  1.00 11.35  ? 183 ASN B CB  1 
ATOM   1389 C CG  . ASN B 1 83 ? 8.952   -10.370 -2.112  1.00 17.69  ? 183 ASN B CG  1 
ATOM   1390 O OD1 . ASN B 1 83 ? 10.026  -9.798  -2.301  1.00 22.53  ? 183 ASN B OD1 1 
ATOM   1391 N ND2 . ASN B 1 83 ? 8.883   -11.648 -1.775  1.00 15.52  ? 183 ASN B ND2 1 
ATOM   1392 N N   . ILE B 1 84 ? 6.339   -6.531  -2.685  1.00 11.58  ? 184 ILE B N   1 
ATOM   1393 C CA  . ILE B 1 84 ? 5.104   -5.763  -2.878  1.00 12.77  ? 184 ILE B CA  1 
ATOM   1394 C C   . ILE B 1 84 ? 4.695   -5.736  -4.351  1.00 17.38  ? 184 ILE B C   1 
ATOM   1395 O O   . ILE B 1 84 ? 5.499   -5.461  -5.251  1.00 16.48  ? 184 ILE B O   1 
ATOM   1396 C CB  . ILE B 1 84 ? 5.303   -4.329  -2.374  1.00 20.01  ? 184 ILE B CB  1 
ATOM   1397 C CG1 . ILE B 1 84 ? 5.368   -4.205  -0.837  1.00 19.82  ? 184 ILE B CG1 1 
ATOM   1398 C CG2 . ILE B 1 84 ? 4.232   -3.405  -2.943  1.00 24.61  ? 184 ILE B CG2 1 
ATOM   1399 C CD1 . ILE B 1 84 ? 6.263   -3.035  -0.486  1.00 30.80  ? 184 ILE B CD1 1 
ATOM   1400 N N   . ILE B 1 85 ? 3.424   -6.039  -4.600  1.00 11.43  ? 185 ILE B N   1 
ATOM   1401 C CA  . ILE B 1 85 ? 2.885   -6.032  -5.958  1.00 8.51   ? 185 ILE B CA  1 
ATOM   1402 C C   . ILE B 1 85 ? 2.140   -4.716  -6.083  1.00 13.43  ? 185 ILE B C   1 
ATOM   1403 O O   . ILE B 1 85 ? 1.127   -4.494  -5.412  1.00 14.76  ? 185 ILE B O   1 
ATOM   1404 C CB  . ILE B 1 85 ? 1.948   -7.214  -6.271  1.00 11.78  ? 185 ILE B CB  1 
ATOM   1405 C CG1 . ILE B 1 85 ? 2.571   -8.591  -6.000  1.00 22.60  ? 185 ILE B CG1 1 
ATOM   1406 C CG2 . ILE B 1 85 ? 1.463   -7.160  -7.714  1.00 10.55  ? 185 ILE B CG2 1 
ATOM   1407 C CD1 . ILE B 1 85 ? 3.809   -8.887  -6.839  1.00 23.67  ? 185 ILE B CD1 1 
ATOM   1408 N N   . GLY B 1 86 ? 2.641   -3.815  -6.936  1.00 11.92  ? 186 GLY B N   1 
ATOM   1409 C CA  . GLY B 1 86 ? 2.015   -2.498  -6.990  1.00 9.86   ? 186 GLY B CA  1 
ATOM   1410 C C   . GLY B 1 86 ? 1.119   -2.349  -8.207  1.00 11.40  ? 186 GLY B C   1 
ATOM   1411 O O   . GLY B 1 86 ? 0.891   -3.330  -8.925  1.00 14.14  ? 186 GLY B O   1 
ATOM   1412 N N   . ARG B 1 87 ? 0.630   -1.139  -8.467  1.00 12.77  ? 187 ARG B N   1 
ATOM   1413 C CA  . ARG B 1 87 ? -0.447  -0.950  -9.433  1.00 9.96   ? 187 ARG B CA  1 
ATOM   1414 C C   . ARG B 1 87 ? 0.011   -1.307  -10.843 1.00 10.81  ? 187 ARG B C   1 
ATOM   1415 O O   . ARG B 1 87 ? -0.819  -1.683  -11.665 1.00 18.76  ? 187 ARG B O   1 
ATOM   1416 C CB  . ARG B 1 87 ? -0.949  0.491   -9.397  1.00 13.47  ? 187 ARG B CB  1 
ATOM   1417 C CG  . ARG B 1 87 ? -1.597  0.918   -8.091  1.00 12.45  ? 187 ARG B CG  1 
ATOM   1418 C CD  . ARG B 1 87 ? -2.259  2.299   -8.210  1.00 17.33  ? 187 ARG B CD  1 
ATOM   1419 N NE  . ARG B 1 87 ? -1.235  3.344   -8.260  1.00 13.51  ? 187 ARG B NE  1 
ATOM   1420 C CZ  . ARG B 1 87 ? -0.875  3.950   -9.384  1.00 20.48  ? 187 ARG B CZ  1 
ATOM   1421 N NH1 . ARG B 1 87 ? -1.476  3.613   -10.532 1.00 18.13  ? 187 ARG B NH1 1 
ATOM   1422 N NH2 . ARG B 1 87 ? 0.072   4.883   -9.323  1.00 19.05  ? 187 ARG B NH2 1 
ATOM   1423 N N   . ASN B 1 88 ? 1.316   -1.186  -11.126 1.00 12.79  ? 188 ASN B N   1 
ATOM   1424 C CA  . ASN B 1 88 ? 1.737   -1.512  -12.493 1.00 10.50  ? 188 ASN B CA  1 
ATOM   1425 C C   . ASN B 1 88 ? 1.388   -2.956  -12.812 1.00 19.51  ? 188 ASN B C   1 
ATOM   1426 O O   . ASN B 1 88 ? 1.022   -3.237  -13.955 1.00 19.49  ? 188 ASN B O   1 
ATOM   1427 C CB  . ASN B 1 88 ? 3.224   -1.236  -12.697 1.00 11.44  ? 188 ASN B CB  1 
ATOM   1428 C CG  . ASN B 1 88 ? 4.119   -2.263  -12.026 1.00 18.66  ? 188 ASN B CG  1 
ATOM   1429 O OD1 . ASN B 1 88 ? 4.036   -2.542  -10.819 1.00 16.99  ? 188 ASN B OD1 1 
ATOM   1430 N ND2 . ASN B 1 88 ? 5.007   -2.860  -12.821 1.00 16.68  ? 188 ASN B ND2 1 
ATOM   1431 N N   . LEU B 1 89 ? 1.459   -3.900  -11.862 1.00 12.36  ? 189 LEU B N   1 
ATOM   1432 C CA  . LEU B 1 89 ? 1.067   -5.269  -12.219 1.00 11.49  ? 189 LEU B CA  1 
ATOM   1433 C C   . LEU B 1 89 ? -0.361  -5.596  -11.792 1.00 15.42  ? 189 LEU B C   1 
ATOM   1434 O O   . LEU B 1 89 ? -1.031  -6.437  -12.388 1.00 16.64  ? 189 LEU B O   1 
ATOM   1435 C CB  . LEU B 1 89 ? 2.003   -6.313  -11.609 1.00 15.78  ? 189 LEU B CB  1 
ATOM   1436 C CG  . LEU B 1 89 ? 3.470   -6.190  -12.062 1.00 22.23  ? 189 LEU B CG  1 
ATOM   1437 C CD1 . LEU B 1 89 ? 4.325   -7.288  -11.443 1.00 18.78  ? 189 LEU B CD1 1 
ATOM   1438 C CD2 . LEU B 1 89 ? 3.554   -6.220  -13.574 1.00 19.71  ? 189 LEU B CD2 1 
ATOM   1439 N N   . LEU B 1 90 ? -0.889  -4.940  -10.766 1.00 14.12  ? 190 LEU B N   1 
ATOM   1440 C CA  . LEU B 1 90 ? -2.296  -5.139  -10.415 1.00 17.58  ? 190 LEU B CA  1 
ATOM   1441 C C   . LEU B 1 90 ? -3.204  -4.812  -11.601 1.00 17.75  ? 190 LEU B C   1 
ATOM   1442 O O   . LEU B 1 90 ? -4.218  -5.468  -11.829 1.00 17.53  ? 190 LEU B O   1 
ATOM   1443 C CB  . LEU B 1 90 ? -2.668  -4.274  -9.219  1.00 12.95  ? 190 LEU B CB  1 
ATOM   1444 C CG  . LEU B 1 90 ? -2.002  -4.595  -7.866  1.00 15.01  ? 190 LEU B CG  1 
ATOM   1445 C CD1 . LEU B 1 90 ? -2.437  -3.553  -6.824  1.00 12.51  ? 190 LEU B CD1 1 
ATOM   1446 C CD2 . LEU B 1 90 ? -2.302  -6.020  -7.458  1.00 16.68  ? 190 LEU B CD2 1 
ATOM   1447 N N   . THR B 1 91 ? -2.873  -3.772  -12.371 1.00 11.24  ? 191 THR B N   1 
ATOM   1448 C CA  . THR B 1 91 ? -3.739  -3.507  -13.530 1.00 11.78  ? 191 THR B CA  1 
ATOM   1449 C C   . THR B 1 91 ? -3.645  -4.630  -14.548 1.00 18.65  ? 191 THR B C   1 
ATOM   1450 O O   . THR B 1 91 ? -4.598  -4.971  -15.253 1.00 22.42  ? 191 THR B O   1 
ATOM   1451 C CB  . THR B 1 91 ? -3.361  -2.173  -14.175 1.00 17.80  ? 191 THR B CB  1 
ATOM   1452 O OG1 . THR B 1 91 ? -1.944  -2.144  -14.422 1.00 20.83  ? 191 THR B OG1 1 
ATOM   1453 C CG2 . THR B 1 91 ? -3.614  -1.018  -13.216 1.00 18.35  ? 191 THR B CG2 1 
ATOM   1454 N N   . GLN B 1 92 ? -2.486  -5.280  -14.676 1.00 17.93  ? 192 GLN B N   1 
ATOM   1455 C CA  . GLN B 1 92 ? -2.401  -6.348  -15.672 1.00 20.74  ? 192 GLN B CA  1 
ATOM   1456 C C   . GLN B 1 92 ? -3.269  -7.533  -15.303 1.00 22.77  ? 192 GLN B C   1 
ATOM   1457 O O   . GLN B 1 92 ? -3.726  -8.288  -16.149 1.00 24.01  ? 192 GLN B O   1 
ATOM   1458 C CB  . GLN B 1 92 ? -0.954  -6.853  -15.819 1.00 16.92  ? 192 GLN B CB  1 
ATOM   1459 C CG  . GLN B 1 92 ? -0.069  -5.838  -16.523 1.00 20.23  ? 192 GLN B CG  1 
ATOM   1460 C CD  . GLN B 1 92 ? 1.212   -6.468  -17.053 1.00 22.06  ? 192 GLN B CD  1 
ATOM   1461 O OE1 . GLN B 1 92 ? 1.299   -7.687  -17.218 1.00 24.15  ? 192 GLN B OE1 1 
ATOM   1462 N NE2 . GLN B 1 92 ? 2.190   -5.596  -17.298 1.00 20.32  ? 192 GLN B NE2 1 
ATOM   1463 N N   . ILE B 1 93 ? -3.491  -7.736  -14.003 1.00 24.85  ? 193 ILE B N   1 
ATOM   1464 C CA  . ILE B 1 93 ? -4.306  -8.919  -13.651 1.00 23.81  ? 193 ILE B CA  1 
ATOM   1465 C C   . ILE B 1 93 ? -5.757  -8.473  -13.500 1.00 23.93  ? 193 ILE B C   1 
ATOM   1466 O O   . ILE B 1 93 ? -6.613  -9.279  -13.156 1.00 32.43  ? 193 ILE B O   1 
ATOM   1467 C CB  . ILE B 1 93 ? -3.763  -9.646  -12.413 1.00 22.00  ? 193 ILE B CB  1 
ATOM   1468 C CG1 . ILE B 1 93 ? -3.790  -8.825  -11.118 1.00 23.35  ? 193 ILE B CG1 1 
ATOM   1469 C CG2 . ILE B 1 93 ? -2.342  -10.153 -12.645 1.00 21.05  ? 193 ILE B CG2 1 
ATOM   1470 C CD1 . ILE B 1 93 ? -3.358  -9.602  -9.895  1.00 22.71  ? 193 ILE B CD1 1 
ATOM   1471 N N   . GLY B 1 94 ? -6.024  -7.191  -13.783 1.00 24.21  ? 194 GLY B N   1 
ATOM   1472 C CA  . GLY B 1 94 ? -7.393  -6.704  -13.769 1.00 27.33  ? 194 GLY B CA  1 
ATOM   1473 C C   . GLY B 1 94 ? -7.945  -6.476  -12.380 1.00 32.05  ? 194 GLY B C   1 
ATOM   1474 O O   . GLY B 1 94 ? -9.155  -6.518  -12.154 1.00 22.80  ? 194 GLY B O   1 
ATOM   1475 N N   . ALA B 1 95 ? -7.096  -6.219  -11.388 1.00 20.92  ? 195 ALA B N   1 
ATOM   1476 C CA  . ALA B 1 95 ? -7.580  -5.979  -10.028 1.00 19.71  ? 195 ALA B CA  1 
ATOM   1477 C C   . ALA B 1 95 ? -8.304  -4.669  -9.834  1.00 20.66  ? 195 ALA B C   1 
ATOM   1478 O O   . ALA B 1 95 ? -7.911  -3.623  -10.345 1.00 20.33  ? 195 ALA B O   1 
ATOM   1479 C CB  . ALA B 1 95 ? -6.393  -6.001  -9.056  1.00 19.53  ? 195 ALA B CB  1 
ATOM   1480 N N   . THR B 1 96 ? -9.375  -4.688  -9.028  1.00 15.33  ? 196 THR B N   1 
ATOM   1481 C CA  . THR B 1 96 ? -9.988  -3.416  -8.681  1.00 17.21  ? 196 THR B CA  1 
ATOM   1482 C C   . THR B 1 96 ? -10.287 -3.365  -7.185  1.00 14.05  ? 196 THR B C   1 
ATOM   1483 O O   . THR B 1 96 ? -10.334 -4.411  -6.563  1.00 20.50  ? 196 THR B O   1 
ATOM   1484 C CB  . THR B 1 96 ? -11.325 -3.159  -9.420  1.00 26.96  ? 196 THR B CB  1 
ATOM   1485 O OG1 . THR B 1 96 ? -12.190 -4.267  -9.122  1.00 21.98  ? 196 THR B OG1 1 
ATOM   1486 C CG2 . THR B 1 96 ? -11.102 -3.083  -10.920 1.00 20.48  ? 196 THR B CG2 1 
ATOM   1487 N N   . LEU B 1 97 ? -10.493 -2.156  -6.691  1.00 15.70  ? 197 LEU B N   1 
ATOM   1488 C CA  . LEU B 1 97 ? -10.911 -1.945  -5.311  1.00 23.57  ? 197 LEU B CA  1 
ATOM   1489 C C   . LEU B 1 97 ? -12.411 -1.679  -5.283  1.00 25.24  ? 197 LEU B C   1 
ATOM   1490 O O   . LEU B 1 97 ? -12.877 -0.798  -6.012  1.00 22.93  ? 197 LEU B O   1 
ATOM   1491 C CB  . LEU B 1 97 ? -10.270 -0.719  -4.689  1.00 25.31  ? 197 LEU B CB  1 
ATOM   1492 C CG  . LEU B 1 97 ? -9.078  -0.794  -3.766  1.00 35.37  ? 197 LEU B CG  1 
ATOM   1493 C CD1 . LEU B 1 97 ? -8.697  0.618   -3.320  1.00 36.25  ? 197 LEU B CD1 1 
ATOM   1494 C CD2 . LEU B 1 97 ? -9.375  -1.696  -2.582  1.00 31.23  ? 197 LEU B CD2 1 
ATOM   1495 N N   . ASN B 1 98 ? -13.175 -2.378  -4.455  1.00 20.41  ? 198 ASN B N   1 
ATOM   1496 C CA  . ASN B 1 98 ? -14.610 -2.061  -4.508  1.00 20.41  ? 198 ASN B CA  1 
ATOM   1497 C C   . ASN B 1 98 ? -15.137 -1.789  -3.118  1.00 25.41  ? 198 ASN B C   1 
ATOM   1498 O O   . ASN B 1 98 ? -14.719 -2.453  -2.171  1.00 19.83  ? 198 ASN B O   1 
ATOM   1499 C CB  . ASN B 1 98 ? -15.321 -3.263  -5.126  1.00 26.16  ? 198 ASN B CB  1 
ATOM   1500 C CG  . ASN B 1 98 ? -14.825 -3.595  -6.521  1.00 38.66  ? 198 ASN B CG  1 
ATOM   1501 O OD1 . ASN B 1 98 ? -15.455 -3.202  -7.503  1.00 52.76  ? 198 ASN B OD1 1 
ATOM   1502 N ND2 . ASN B 1 98 ? -13.719 -4.320  -6.619  1.00 37.56  ? 198 ASN B ND2 1 
ATOM   1503 N N   . PHE B 1 99 ? -16.072 -0.861  -2.988  1.00 25.42  ? 199 PHE B N   1 
ATOM   1504 C CA  . PHE B 1 99 ? -16.822 -0.764  -1.741  1.00 26.38  ? 199 PHE B CA  1 
ATOM   1505 C C   . PHE B 1 99 ? -18.133 -0.002  -1.918  1.00 36.60  ? 199 PHE B C   1 
ATOM   1506 O O   . PHE B 1 99 ? -18.887 0.097   -0.928  1.00 41.48  ? 199 PHE B O   1 
ATOM   1507 C CB  . PHE B 1 99 ? -15.974 -0.081  -0.675  1.00 28.31  ? 199 PHE B CB  1 
ATOM   1508 C CG  . PHE B 1 99 ? -15.562 1.336   -1.019  1.00 26.80  ? 199 PHE B CG  1 
ATOM   1509 C CD1 . PHE B 1 99 ? -14.422 1.572   -1.772  1.00 24.39  ? 199 PHE B CD1 1 
ATOM   1510 C CD2 . PHE B 1 99 ? -16.322 2.411   -0.583  1.00 31.18  ? 199 PHE B CD2 1 
ATOM   1511 C CE1 . PHE B 1 99 ? -14.058 2.875   -2.060  1.00 32.05  ? 199 PHE B CE1 1 
ATOM   1512 C CE2 . PHE B 1 99 ? -15.955 3.720   -0.861  1.00 29.77  ? 199 PHE B CE2 1 
ATOM   1513 C CZ  . PHE B 1 99 ? -14.813 3.949   -1.603  1.00 29.68  ? 199 PHE B CZ  1 
ATOM   1514 O OXT . PHE B 1 99 ? -18.393 0.491   -3.033  1.00 41.30  ? 199 PHE B OXT 1 
HETATM 1515 N N1  . P3V C 2 .  ? 0.655   1.038   9.210   1.00 40.56  ? 201 P3V B N1  1 
HETATM 1516 C C2  . P3V C 2 .  ? 1.430   1.244   8.096   1.00 22.64  ? 201 P3V B C2  1 
HETATM 1517 C C3  . P3V C 2 .  ? 0.949   2.038   7.041   1.00 27.23  ? 201 P3V B C3  1 
HETATM 1518 C C4  . P3V C 2 .  ? 1.739   2.244   5.914   1.00 27.75  ? 201 P3V B C4  1 
HETATM 1519 C C5  . P3V C 2 .  ? 3.006   1.663   5.830   1.00 22.19  ? 201 P3V B C5  1 
HETATM 1520 C C6  . P3V C 2 .  ? 3.495   0.873   6.870   1.00 19.57  ? 201 P3V B C6  1 
HETATM 1521 C C7  . P3V C 2 .  ? 2.712   0.661   8.002   1.00 23.05  ? 201 P3V B C7  1 
HETATM 1522 S S8  . P3V C 2 .  ? 4.002   1.940   4.357   1.00 25.88  ? 201 P3V B S8  1 
HETATM 1523 O O9  . P3V C 2 .  ? 3.547   3.207   3.762   1.00 23.01  ? 201 P3V B O9  1 
HETATM 1524 O O10 . P3V C 2 .  ? 5.400   1.744   4.693   1.00 33.41  ? 201 P3V B O10 1 
HETATM 1525 N N11 . P3V C 2 .  ? 3.559   0.716   3.231   1.00 21.20  ? 201 P3V B N11 1 
HETATM 1526 C C12 . P3V C 2 .  ? 3.731   -0.651  3.714   1.00 20.63  ? 201 P3V B C12 1 
HETATM 1527 C C13 . P3V C 2 .  ? 4.541   -1.617  2.808   1.00 21.83  ? 201 P3V B C13 1 
HETATM 1528 C C14 . P3V C 2 .  ? 5.976   -1.078  2.658   1.00 20.03  ? 201 P3V B C14 1 
HETATM 1529 C C15 . P3V C 2 .  ? 4.602   -2.950  3.608   1.00 17.69  ? 201 P3V B C15 1 
HETATM 1530 C C16 . P3V C 2 .  ? 2.358   1.017   2.447   1.00 21.49  ? 201 P3V B C16 1 
HETATM 1531 C C17 . P3V C 2 .  ? 2.587   1.288   0.960   1.00 27.96  ? 201 P3V B C17 1 
HETATM 1532 O O18 . P3V C 2 .  ? 1.332   1.139   0.289   1.00 20.51  ? 201 P3V B O18 1 
HETATM 1533 C C19 . P3V C 2 .  ? 3.240   2.646   0.673   1.00 26.13  ? 201 P3V B C19 1 
HETATM 1534 N N20 . P3V C 2 .  ? 3.823   2.725   -0.649  1.00 18.14  ? 201 P3V B N20 1 
HETATM 1535 C C21 . P3V C 2 .  ? 5.116   2.491   -0.966  1.00 32.27  ? 201 P3V B C21 1 
HETATM 1536 O O22 . P3V C 2 .  ? 6.027   2.330   -0.180  1.00 13.61  ? 201 P3V B O22 1 
HETATM 1537 O O23 . P3V C 2 .  ? 5.246   2.464   -2.338  1.00 30.85  ? 201 P3V B O23 1 
HETATM 1538 C C24 . P3V C 2 .  ? 6.579   2.627   -2.895  1.00 22.19  ? 201 P3V B C24 1 
HETATM 1539 C C25 . P3V C 2 .  ? 6.712   1.675   -4.094  1.00 25.76  ? 201 P3V B C25 1 
HETATM 1540 O O26 . P3V C 2 .  ? 5.945   2.285   -5.132  1.00 29.13  ? 201 P3V B O26 1 
HETATM 1541 C C27 . P3V C 2 .  ? 6.070   3.706   -5.033  1.00 19.82  ? 201 P3V B C27 1 
HETATM 1542 O O28 . P3V C 2 .  ? 4.817   4.316   -5.114  1.00 26.14  ? 201 P3V B O28 1 
HETATM 1543 C C29 . P3V C 2 .  ? 4.429   4.770   -3.809  1.00 26.25  ? 201 P3V B C29 1 
HETATM 1544 C C30 . P3V C 2 .  ? 5.747   5.115   -3.087  1.00 21.95  ? 201 P3V B C30 1 
HETATM 1545 C C31 . P3V C 2 .  ? 6.682   3.997   -3.613  1.00 15.77  ? 201 P3V B C31 1 
HETATM 1546 C C32 . P3V C 2 .  ? 2.249   3.836   0.817   1.00 24.54  ? 201 P3V B C32 1 
HETATM 1547 C C33 . P3V C 2 .  ? 2.785   5.746   -0.757  1.00 19.52  ? 201 P3V B C33 1 
HETATM 1548 C C34 . P3V C 2 .  ? 3.502   6.906   -1.084  1.00 31.36  ? 201 P3V B C34 1 
HETATM 1549 C C35 . P3V C 2 .  ? 4.457   7.402   -0.191  1.00 32.72  ? 201 P3V B C35 1 
HETATM 1550 C C36 . P3V C 2 .  ? 4.688   6.743   1.018   1.00 34.70  ? 201 P3V B C36 1 
HETATM 1551 C C37 . P3V C 2 .  ? 3.971   5.578   1.355   1.00 16.96  ? 201 P3V B C37 1 
HETATM 1552 C C38 . P3V C 2 .  ? 3.018   5.093   0.448   1.00 18.18  ? 201 P3V B C38 1 
HETATM 1553 O O39 . P3V C 2 .  ? 3.469   0.301   0.427   1.00 21.72  ? 201 P3V B O39 1 
HETATM 1554 O O   . HOH D 3 .  ? 2.946   13.261  15.432  1.00 54.86  ? 101 HOH A O   1 
HETATM 1555 O O   . HOH D 3 .  ? -1.372  -2.672  13.561  0.50 32.09  ? 102 HOH A O   1 
HETATM 1556 O O   . HOH D 3 .  ? -9.688  3.015   17.874  1.00 35.62  ? 103 HOH A O   1 
HETATM 1557 O O   . HOH D 3 .  ? 3.711   15.082  6.158   1.00 52.58  ? 104 HOH A O   1 
HETATM 1558 O O   . HOH D 3 .  ? -19.401 -0.853  1.591   0.50 45.01  ? 105 HOH A O   1 
HETATM 1559 O O   . HOH D 3 .  ? -6.632  8.080   21.752  1.00 42.41  ? 106 HOH A O   1 
HETATM 1560 O O   . HOH D 3 .  ? -4.135  15.407  22.158  1.00 48.07  ? 107 HOH A O   1 
HETATM 1561 O O   . HOH D 3 .  ? -7.403  4.786   -8.923  1.00 54.43  ? 108 HOH A O   1 
HETATM 1562 O O   . HOH D 3 .  ? -12.749 13.231  13.378  1.00 41.83  ? 109 HOH A O   1 
HETATM 1563 O O   . HOH D 3 .  ? -12.544 -5.860  3.885   1.00 24.18  ? 110 HOH A O   1 
HETATM 1564 O O   . HOH D 3 .  ? -16.572 -4.961  -1.603  1.00 45.72  ? 111 HOH A O   1 
HETATM 1565 O O   . HOH D 3 .  ? -7.400  -1.711  -12.375 1.00 26.50  ? 112 HOH A O   1 
HETATM 1566 O O   . HOH D 3 .  ? -16.541 1.432   11.984  1.00 35.18  ? 113 HOH A O   1 
HETATM 1567 O O   . HOH D 3 .  ? -14.965 -0.271  -13.431 1.00 66.49  ? 114 HOH A O   1 
HETATM 1568 O O   . HOH D 3 .  ? -1.604  -5.047  4.561   1.00 19.74  ? 115 HOH A O   1 
HETATM 1569 O O   . HOH D 3 .  ? 0.873   -4.648  5.313   1.00 35.22  ? 116 HOH A O   1 
HETATM 1570 O O   . HOH D 3 .  ? -5.810  9.738   -8.743  1.00 40.54  ? 117 HOH A O   1 
HETATM 1571 O O   . HOH D 3 .  ? -13.915 21.999  7.078   1.00 70.68  ? 118 HOH A O   1 
HETATM 1572 O O   . HOH D 3 .  ? -5.460  -0.699  14.448  1.00 51.63  ? 119 HOH A O   1 
HETATM 1573 O O   . HOH D 3 .  ? -5.039  -3.715  10.396  1.00 26.55  ? 120 HOH A O   1 
HETATM 1574 O O   . HOH D 3 .  ? -3.956  3.139   12.282  1.00 38.07  ? 121 HOH A O   1 
HETATM 1575 O O   . HOH D 3 .  ? -15.086 6.879   21.996  0.50 53.86  ? 122 HOH A O   1 
HETATM 1576 O O   . HOH D 3 .  ? -14.962 13.170  10.616  1.00 53.45  ? 123 HOH A O   1 
HETATM 1577 O O   . HOH D 3 .  ? -7.956  4.509   -12.483 1.00 41.51  ? 124 HOH A O   1 
HETATM 1578 O O   . HOH D 3 .  ? 1.629   -2.087  6.766   1.00 38.38  ? 125 HOH A O   1 
HETATM 1579 O O   . HOH D 3 .  ? 12.935  7.412   12.846  0.50 37.48  ? 126 HOH A O   1 
HETATM 1580 O O   . HOH D 3 .  ? -13.917 10.916  -2.509  1.00 39.56  ? 127 HOH A O   1 
HETATM 1581 O O   . HOH D 3 .  ? -0.935  12.940  25.501  0.50 54.87  ? 128 HOH A O   1 
HETATM 1582 O O   . HOH D 3 .  ? 15.999  6.071   3.717   0.50 55.82  ? 129 HOH A O   1 
HETATM 1583 O O   . HOH D 3 .  ? -14.817 15.466  11.204  1.00 56.09  ? 130 HOH A O   1 
HETATM 1584 O O   . HOH D 3 .  ? -3.292  5.658   22.095  0.50 60.84  ? 131 HOH A O   1 
HETATM 1585 O O   . HOH D 3 .  ? -9.741  -4.275  10.686  1.00 31.04  ? 132 HOH A O   1 
HETATM 1586 O O   . HOH D 3 .  ? 4.546   3.971   23.591  1.00 41.62  ? 133 HOH A O   1 
HETATM 1587 O O   . HOH D 3 .  ? -13.966 11.638  16.182  1.00 54.13  ? 134 HOH A O   1 
HETATM 1588 O O   . HOH D 3 .  ? -14.878 -5.662  4.962   1.00 26.14  ? 135 HOH A O   1 
HETATM 1589 O O   . HOH D 3 .  ? -11.637 21.389  4.899   1.00 45.67  ? 136 HOH A O   1 
HETATM 1590 O O   . HOH D 3 .  ? -5.730  10.630  -17.544 1.00 54.61  ? 137 HOH A O   1 
HETATM 1591 O O   . HOH D 3 .  ? -0.533  11.564  -4.601  1.00 48.26  ? 138 HOH A O   1 
HETATM 1592 O O   . HOH D 3 .  ? 5.674   -0.951  11.507  1.00 44.34  ? 139 HOH A O   1 
HETATM 1593 O O   . HOH D 3 .  ? 3.774   17.296  15.925  0.50 57.57  ? 140 HOH A O   1 
HETATM 1594 O O   . HOH D 3 .  ? 14.797  3.398   10.523  1.00 43.62  ? 141 HOH A O   1 
HETATM 1595 O O   . HOH D 3 .  ? -4.606  20.895  12.536  1.00 40.49  ? 142 HOH A O   1 
HETATM 1596 O O   . HOH D 3 .  ? -2.597  14.391  -5.584  0.50 91.78  ? 143 HOH A O   1 
HETATM 1597 O O   . HOH D 3 .  ? 7.808   13.449  5.315   1.00 51.73  ? 144 HOH A O   1 
HETATM 1598 O O   . HOH D 3 .  ? -21.863 6.152   6.841   1.00 46.20  ? 145 HOH A O   1 
HETATM 1599 O O   . HOH D 3 .  ? -8.408  0.248   14.438  1.00 15.43  ? 146 HOH A O   1 
HETATM 1600 O O   . HOH D 3 .  ? -2.122  9.097   -9.994  1.00 41.85  ? 147 HOH A O   1 
HETATM 1601 O O   . HOH D 3 .  ? -11.761 4.304   -10.974 1.00 67.29  ? 148 HOH A O   1 
HETATM 1602 O O   . HOH D 3 .  ? 10.303  10.298  12.446  1.00 42.53  ? 149 HOH A O   1 
HETATM 1603 O O   . HOH D 3 .  ? -4.545  -7.302  10.598  1.00 40.46  ? 150 HOH A O   1 
HETATM 1604 O O   . HOH D 3 .  ? 3.334   16.482  8.301   1.00 43.91  ? 151 HOH A O   1 
HETATM 1605 O O   . HOH D 3 .  ? -18.584 1.340   9.644   1.00 40.75  ? 152 HOH A O   1 
HETATM 1606 O O   . HOH D 3 .  ? 5.260   12.470  15.438  1.00 51.27  ? 153 HOH A O   1 
HETATM 1607 O O   . HOH D 3 .  ? -15.768 12.022  2.692   1.00 59.08  ? 154 HOH A O   1 
HETATM 1608 O O   . HOH D 3 .  ? -7.462  -4.771  9.514   1.00 37.36  ? 155 HOH A O   1 
HETATM 1609 O O   . HOH D 3 .  ? -4.461  16.525  2.081   0.50 39.93  ? 156 HOH A O   1 
HETATM 1610 O O   . HOH D 3 .  ? 5.815   14.948  0.737   0.50 57.30  ? 157 HOH A O   1 
HETATM 1611 O O   . HOH D 3 .  ? -19.859 -2.717  4.986   0.50 40.08  ? 158 HOH A O   1 
HETATM 1612 O O   . HOH D 3 .  ? -9.542  7.103   -8.241  1.00 59.07  ? 159 HOH A O   1 
HETATM 1613 O O   . HOH D 3 .  ? -19.983 11.519  13.392  0.50 57.47  ? 160 HOH A O   1 
HETATM 1614 O O   . HOH D 3 .  ? 4.117   12.060  -7.441  0.50 64.00  ? 161 HOH A O   1 
HETATM 1615 O O   . HOH E 3 .  ? 25.448  4.668   -5.412  0.50 45.68  ? 301 HOH B O   1 
HETATM 1616 O O   . HOH E 3 .  ? 9.978   2.122   -12.557 0.50 41.02  ? 302 HOH B O   1 
HETATM 1617 O O   . HOH E 3 .  ? 8.167   0.177   -17.145 0.50 46.01  ? 303 HOH B O   1 
HETATM 1618 O O   . HOH E 3 .  ? 12.927  -10.231 -19.234 0.50 51.95  ? 304 HOH B O   1 
HETATM 1619 O O   . HOH E 3 .  ? -6.679  -10.354 2.814   1.00 31.71  ? 305 HOH B O   1 
HETATM 1620 O O   . HOH E 3 .  ? 7.417   0.330   -12.160 1.00 57.21  ? 306 HOH B O   1 
HETATM 1621 O O   . HOH E 3 .  ? 6.940   -11.173 1.075   1.00 48.45  ? 307 HOH B O   1 
HETATM 1622 O O   . HOH E 3 .  ? 7.209   -16.886 -13.200 1.00 85.12  ? 308 HOH B O   1 
HETATM 1623 O O   . HOH E 3 .  ? 14.712  -7.069  2.213   1.00 62.73  ? 309 HOH B O   1 
HETATM 1624 O O   . HOH E 3 .  ? -0.952  3.779   -5.614  1.00 18.55  ? 310 HOH B O   1 
HETATM 1625 O O   . HOH E 3 .  ? 17.018  -11.065 -0.684  0.50 33.23  ? 311 HOH B O   1 
HETATM 1626 O O   . HOH E 3 .  ? 5.093   -6.444  -20.826 1.00 27.36  ? 312 HOH B O   1 
HETATM 1627 O O   . HOH E 3 .  ? 10.452  -15.014 -13.880 1.00 38.86  ? 313 HOH B O   1 
HETATM 1628 O O   . HOH E 3 .  ? 2.247   2.370   -11.767 1.00 38.61  ? 314 HOH B O   1 
HETATM 1629 O O   . HOH E 3 .  ? 13.820  -0.109  3.145   1.00 44.39  ? 315 HOH B O   1 
HETATM 1630 O O   . HOH E 3 .  ? 15.743  -5.210  -17.862 0.50 25.16  ? 316 HOH B O   1 
HETATM 1631 O O   . HOH E 3 .  ? 0.986   5.375   -4.510  1.00 34.12  ? 317 HOH B O   1 
HETATM 1632 O O   . HOH E 3 .  ? 6.764   2.664   2.451   1.00 26.02  ? 318 HOH B O   1 
HETATM 1633 O O   . HOH E 3 .  ? 15.774  -2.522  -17.279 1.00 61.57  ? 319 HOH B O   1 
HETATM 1634 O O   . HOH E 3 .  ? -2.273  -12.782 5.508   1.00 47.28  ? 320 HOH B O   1 
HETATM 1635 O O   . HOH E 3 .  ? 2.203   -22.528 -10.780 1.00 60.45  ? 321 HOH B O   1 
HETATM 1636 O O   . HOH E 3 .  ? 5.080   -18.898 -14.791 0.50 69.59  ? 322 HOH B O   1 
HETATM 1637 O O   . HOH E 3 .  ? -7.061  -3.900  -16.182 0.50 61.80  ? 323 HOH B O   1 
HETATM 1638 O O   . HOH E 3 .  ? -12.034 -6.340  -11.108 1.00 34.40  ? 324 HOH B O   1 
HETATM 1639 O O   . HOH E 3 .  ? -10.909 -8.531  -13.301 1.00 56.14  ? 325 HOH B O   1 
HETATM 1640 O O   . HOH E 3 .  ? 8.354   -3.687  -18.423 1.00 38.40  ? 326 HOH B O   1 
HETATM 1641 O O   . HOH E 3 .  ? -0.541  0.027   -15.836 1.00 52.29  ? 327 HOH B O   1 
HETATM 1642 O O   . HOH E 3 .  ? 6.844   4.903   -11.138 0.50 57.90  ? 328 HOH B O   1 
HETATM 1643 O O   . HOH E 3 .  ? 10.078  -22.334 -5.007  1.00 64.84  ? 329 HOH B O   1 
HETATM 1644 O O   . HOH E 3 .  ? 19.026  -3.463  -4.898  1.00 53.27  ? 330 HOH B O   1 
HETATM 1645 O O   . HOH E 3 .  ? -2.352  -10.212 8.658   1.00 33.17  ? 331 HOH B O   1 
HETATM 1646 O O   . HOH E 3 .  ? 7.805   -1.745  -10.779 1.00 24.95  ? 332 HOH B O   1 
HETATM 1647 O O   . HOH E 3 .  ? -9.244  -11.247 5.104   1.00 34.36  ? 333 HOH B O   1 
HETATM 1648 O O   . HOH E 3 .  ? 18.339  -6.158  -21.010 0.50 42.75  ? 334 HOH B O   1 
HETATM 1649 O O   . HOH E 3 .  ? 19.325  2.218   -0.890  1.00 48.29  ? 335 HOH B O   1 
HETATM 1650 O O   . HOH E 3 .  ? 6.371   -7.373  7.504   1.00 58.28  ? 336 HOH B O   1 
HETATM 1651 O O   . HOH E 3 .  ? 16.473  8.337   2.943   0.50 52.75  ? 337 HOH B O   1 
HETATM 1652 O O   . HOH E 3 .  ? 16.472  -7.289  -0.018  1.00 42.59  ? 338 HOH B O   1 
HETATM 1653 O O   . HOH E 3 .  ? -2.004  -17.102 -3.884  1.00 39.34  ? 339 HOH B O   1 
HETATM 1654 O O   . HOH E 3 .  ? -5.057  -12.926 -0.545  1.00 68.56  ? 340 HOH B O   1 
HETATM 1655 O O   . HOH E 3 .  ? 1.504   -17.793 -8.706  1.00 40.47  ? 341 HOH B O   1 
HETATM 1656 O O   . HOH E 3 .  ? 11.362  -13.177 -17.319 1.00 39.78  ? 342 HOH B O   1 
HETATM 1657 O O   . HOH E 3 .  ? 20.805  -0.485  -18.639 1.00 32.00  ? 343 HOH B O   1 
HETATM 1658 O O   . HOH E 3 .  ? 6.960   5.720   -7.466  1.00 68.20  ? 344 HOH B O   1 
HETATM 1659 O O   . HOH E 3 .  ? 5.089   -2.506  -15.910 1.00 13.53  ? 345 HOH B O   1 
HETATM 1660 O O   . HOH E 3 .  ? -0.769  1.223   -12.789 0.50 40.28  ? 346 HOH B O   1 
HETATM 1661 O O   . HOH E 3 .  ? 8.700   6.827   -5.533  1.00 34.75  ? 347 HOH B O   1 
HETATM 1662 O O   . HOH E 3 .  ? 2.407   -2.353  -16.667 1.00 38.20  ? 348 HOH B O   1 
HETATM 1663 O O   . HOH E 3 .  ? 8.722   -14.913 0.404   1.00 43.18  ? 349 HOH B O   1 
HETATM 1664 O O   . HOH E 3 .  ? 3.256   -10.595 6.580   1.00 55.19  ? 350 HOH B O   1 
HETATM 1665 O O   . HOH E 3 .  ? 14.719  7.825   -10.299 1.00 56.43  ? 351 HOH B O   1 
HETATM 1666 O O   . HOH E 3 .  ? -16.417 -8.449  5.379   1.00 22.26  ? 352 HOH B O   1 
HETATM 1667 O O   . HOH E 3 .  ? 13.484  3.846   -17.273 1.00 69.90  ? 353 HOH B O   1 
HETATM 1668 O O   . HOH E 3 .  ? 19.210  6.283   -1.073  0.50 157.91 ? 354 HOH B O   1 
HETATM 1669 O O   . HOH E 3 .  ? -15.039 -11.686 5.666   0.50 37.24  ? 355 HOH B O   1 
HETATM 1670 O O   . HOH E 3 .  ? -6.168  -12.447 2.083   0.50 33.22  ? 356 HOH B O   1 
HETATM 1671 O O   . HOH E 3 .  ? 8.204   10.091  -0.729  1.00 65.65  ? 357 HOH B O   1 
HETATM 1672 O O   . HOH E 3 .  ? 21.160  -0.031  -6.741  1.00 58.59  ? 358 HOH B O   1 
HETATM 1673 O O   . HOH E 3 .  ? -9.149  -13.272 2.073   0.50 41.69  ? 359 HOH B O   1 
HETATM 1674 O O   . HOH E 3 .  ? 18.839  6.949   -9.216  0.50 41.48  ? 360 HOH B O   1 
# 
loop_
_pdbx_poly_seq_scheme.asym_id 
_pdbx_poly_seq_scheme.entity_id 
_pdbx_poly_seq_scheme.seq_id 
_pdbx_poly_seq_scheme.mon_id 
_pdbx_poly_seq_scheme.ndb_seq_num 
_pdbx_poly_seq_scheme.pdb_seq_num 
_pdbx_poly_seq_scheme.auth_seq_num 
_pdbx_poly_seq_scheme.pdb_mon_id 
_pdbx_poly_seq_scheme.auth_mon_id 
_pdbx_poly_seq_scheme.pdb_strand_id 
_pdbx_poly_seq_scheme.pdb_ins_code 
_pdbx_poly_seq_scheme.hetero 
A 1 1  PRO 1  1   1   PRO PRO A . n 
A 1 2  GLN 2  2   2   GLN GLN A . n 
A 1 3  ILE 3  3   3   ILE ILE A . n 
A 1 4  THR 4  4   4   THR THR A . n 
A 1 5  LEU 5  5   5   LEU LEU A . n 
A 1 6  TRP 6  6   6   TRP TRP A . n 
A 1 7  LYS 7  7   7   LYS LYS A . n 
A 1 8  ARG 8  8   8   ARG ARG A . n 
A 1 9  PRO 9  9   9   PRO PRO A . n 
A 1 10 LEU 10 10  10  LEU LEU A . n 
A 1 11 VAL 11 11  11  VAL VAL A . n 
A 1 12 THR 12 12  12  THR THR A . n 
A 1 13 ILE 13 13  13  ILE ILE A . n 
A 1 14 LYS 14 14  14  LYS LYS A . n 
A 1 15 ILE 15 15  15  ILE ILE A . n 
A 1 16 GLY 16 16  16  GLY GLY A . n 
A 1 17 GLY 17 17  17  GLY GLY A . n 
A 1 18 GLN 18 18  18  GLN GLN A . n 
A 1 19 LEU 19 19  19  LEU LEU A . n 
A 1 20 LYS 20 20  20  LYS LYS A . n 
A 1 21 GLU 21 21  21  GLU GLU A . n 
A 1 22 ALA 22 22  22  ALA ALA A . n 
A 1 23 LEU 23 23  23  LEU LEU A . n 
A 1 24 LEU 24 24  24  LEU LEU A . n 
A 1 25 ASP 25 25  25  ASP ASP A . n 
A 1 26 THR 26 26  26  THR THR A . n 
A 1 27 GLY 27 27  27  GLY GLY A . n 
A 1 28 ALA 28 28  28  ALA ALA A . n 
A 1 29 ASP 29 29  29  ASP ASP A . n 
A 1 30 ASP 30 30  30  ASP ASP A . n 
A 1 31 THR 31 31  31  THR THR A . n 
A 1 32 ILE 32 32  32  ILE ILE A . n 
A 1 33 ILE 33 33  33  ILE ILE A . n 
A 1 34 GLU 34 34  34  GLU GLU A . n 
A 1 35 GLU 35 35  35  GLU GLU A . n 
A 1 36 MET 36 36  36  MET MET A . n 
A 1 37 SER 37 37  37  SER SER A . n 
A 1 38 LEU 38 38  38  LEU LEU A . n 
A 1 39 PRO 39 39  39  PRO PRO A . n 
A 1 40 GLY 40 40  40  GLY GLY A . n 
A 1 41 ARG 41 41  41  ARG ARG A . n 
A 1 42 TRP 42 42  42  TRP TRP A . n 
A 1 43 LYS 43 43  43  LYS LYS A . n 
A 1 44 PRO 44 44  44  PRO PRO A . n 
A 1 45 LYS 45 45  45  LYS LYS A . n 
A 1 46 MET 46 46  46  MET MET A . n 
A 1 47 VAL 47 47  47  VAL VAL A . n 
A 1 48 GLY 48 48  48  GLY GLY A . n 
A 1 49 GLY 49 49  49  GLY GLY A . n 
A 1 50 ILE 50 50  50  ILE ILE A . n 
A 1 51 GLY 51 51  51  GLY GLY A . n 
A 1 52 GLY 52 52  52  GLY GLY A . n 
A 1 53 PHE 53 53  53  PHE PHE A . n 
A 1 54 ILE 54 54  54  ILE ILE A . n 
A 1 55 LYS 55 55  55  LYS LYS A . n 
A 1 56 VAL 56 56  56  VAL VAL A . n 
A 1 57 ARG 57 57  57  ARG ARG A . n 
A 1 58 GLN 58 58  58  GLN GLN A . n 
A 1 59 TYR 59 59  59  TYR TYR A . n 
A 1 60 ASP 60 60  60  ASP ASP A . n 
A 1 61 GLN 61 61  61  GLN GLN A . n 
A 1 62 ILE 62 62  62  ILE ILE A . n 
A 1 63 ILE 63 63  63  ILE ILE A . n 
A 1 64 ILE 64 64  64  ILE ILE A . n 
A 1 65 GLU 65 65  65  GLU GLU A . n 
A 1 66 ILE 66 66  66  ILE ILE A . n 
A 1 67 ALA 67 67  67  ALA ALA A . n 
A 1 68 GLY 68 68  68  GLY GLY A . n 
A 1 69 HIS 69 69  69  HIS HIS A . n 
A 1 70 LYS 70 70  70  LYS LYS A . n 
A 1 71 ALA 71 71  71  ALA ALA A . n 
A 1 72 ILE 72 72  72  ILE ILE A . n 
A 1 73 GLY 73 73  73  GLY GLY A . n 
A 1 74 THR 74 74  74  THR THR A . n 
A 1 75 VAL 75 75  75  VAL VAL A . n 
A 1 76 LEU 76 76  76  LEU LEU A . n 
A 1 77 VAL 77 77  77  VAL VAL A . n 
A 1 78 GLY 78 78  78  GLY GLY A . n 
A 1 79 PRO 79 79  79  PRO PRO A . n 
A 1 80 THR 80 80  80  THR THR A . n 
A 1 81 PRO 81 81  81  PRO PRO A . n 
A 1 82 ILE 82 82  82  ILE ILE A . n 
A 1 83 ASN 83 83  83  ASN ASN A . n 
A 1 84 ILE 84 84  84  ILE ILE A . n 
A 1 85 ILE 85 85  85  ILE ILE A . n 
A 1 86 GLY 86 86  86  GLY GLY A . n 
A 1 87 ARG 87 87  87  ARG ARG A . n 
A 1 88 ASN 88 88  88  ASN ASN A . n 
A 1 89 LEU 89 89  89  LEU LEU A . n 
A 1 90 LEU 90 90  90  LEU LEU A . n 
A 1 91 THR 91 91  91  THR THR A . n 
A 1 92 GLN 92 92  92  GLN GLN A . n 
A 1 93 ILE 93 93  93  ILE ILE A . n 
A 1 94 GLY 94 94  94  GLY GLY A . n 
A 1 95 ALA 95 95  95  ALA ALA A . n 
A 1 96 THR 96 96  96  THR THR A . n 
A 1 97 LEU 97 97  97  LEU LEU A . n 
A 1 98 ASN 98 98  98  ASN ASN A . n 
A 1 99 PHE 99 99  99  PHE PHE A . n 
B 1 1  PRO 1  101 101 PRO PRO B . n 
B 1 2  GLN 2  102 102 GLN GLN B . n 
B 1 3  ILE 3  103 103 ILE ILE B . n 
B 1 4  THR 4  104 104 THR THR B . n 
B 1 5  LEU 5  105 105 LEU LEU B . n 
B 1 6  TRP 6  106 106 TRP TRP B . n 
B 1 7  LYS 7  107 107 LYS LYS B . n 
B 1 8  ARG 8  108 108 ARG ARG B . n 
B 1 9  PRO 9  109 109 PRO PRO B . n 
B 1 10 LEU 10 110 110 LEU LEU B . n 
B 1 11 VAL 11 111 111 VAL VAL B . n 
B 1 12 THR 12 112 112 THR THR B . n 
B 1 13 ILE 13 113 113 ILE ILE B . n 
B 1 14 LYS 14 114 114 LYS LYS B . n 
B 1 15 ILE 15 115 115 ILE ILE B . n 
B 1 16 GLY 16 116 116 GLY GLY B . n 
B 1 17 GLY 17 117 117 GLY GLY B . n 
B 1 18 GLN 18 118 118 GLN GLN B . n 
B 1 19 LEU 19 119 119 LEU LEU B . n 
B 1 20 LYS 20 120 120 LYS LYS B . n 
B 1 21 GLU 21 121 121 GLU GLU B . n 
B 1 22 ALA 22 122 122 ALA ALA B . n 
B 1 23 LEU 23 123 123 LEU LEU B . n 
B 1 24 LEU 24 124 124 LEU LEU B . n 
B 1 25 ASP 25 125 125 ASP ASP B . n 
B 1 26 THR 26 126 126 THR THR B . n 
B 1 27 GLY 27 127 127 GLY GLY B . n 
B 1 28 ALA 28 128 128 ALA ALA B . n 
B 1 29 ASP 29 129 129 ASP ASP B . n 
B 1 30 ASP 30 130 130 ASP ASP B . n 
B 1 31 THR 31 131 131 THR THR B . n 
B 1 32 ILE 32 132 132 ILE ILE B . n 
B 1 33 ILE 33 133 133 ILE ILE B . n 
B 1 34 GLU 34 134 134 GLU GLU B . n 
B 1 35 GLU 35 135 135 GLU GLU B . n 
B 1 36 MET 36 136 136 MET MET B . n 
B 1 37 SER 37 137 137 SER SER B . n 
B 1 38 LEU 38 138 138 LEU LEU B . n 
B 1 39 PRO 39 139 139 PRO PRO B . n 
B 1 40 GLY 40 140 140 GLY GLY B . n 
B 1 41 ARG 41 141 141 ARG ARG B . n 
B 1 42 TRP 42 142 142 TRP TRP B . n 
B 1 43 LYS 43 143 143 LYS LYS B . n 
B 1 44 PRO 44 144 144 PRO PRO B . n 
B 1 45 LYS 45 145 145 LYS LYS B . n 
B 1 46 MET 46 146 146 MET MET B . n 
B 1 47 VAL 47 147 147 VAL VAL B . n 
B 1 48 GLY 48 148 148 GLY GLY B . n 
B 1 49 GLY 49 149 149 GLY GLY B . n 
B 1 50 ILE 50 150 150 ILE ILE B . n 
B 1 51 GLY 51 151 151 GLY GLY B . n 
B 1 52 GLY 52 152 152 GLY GLY B . n 
B 1 53 PHE 53 153 153 PHE PHE B . n 
B 1 54 ILE 54 154 154 ILE ILE B . n 
B 1 55 LYS 55 155 155 LYS LYS B . n 
B 1 56 VAL 56 156 156 VAL VAL B . n 
B 1 57 ARG 57 157 157 ARG ARG B . n 
B 1 58 GLN 58 158 158 GLN GLN B . n 
B 1 59 TYR 59 159 159 TYR TYR B . n 
B 1 60 ASP 60 160 160 ASP ASP B . n 
B 1 61 GLN 61 161 161 GLN GLN B . n 
B 1 62 ILE 62 162 162 ILE ILE B . n 
B 1 63 ILE 63 163 163 ILE ILE B . n 
B 1 64 ILE 64 164 164 ILE ILE B . n 
B 1 65 GLU 65 165 165 GLU GLU B . n 
B 1 66 ILE 66 166 166 ILE ILE B . n 
B 1 67 ALA 67 167 167 ALA ALA B . n 
B 1 68 GLY 68 168 168 GLY GLY B . n 
B 1 69 HIS 69 169 169 HIS HIS B . n 
B 1 70 LYS 70 170 170 LYS LYS B . n 
B 1 71 ALA 71 171 171 ALA ALA B . n 
B 1 72 ILE 72 172 172 ILE ILE B . n 
B 1 73 GLY 73 173 173 GLY GLY B . n 
B 1 74 THR 74 174 174 THR THR B . n 
B 1 75 VAL 75 175 175 VAL VAL B . n 
B 1 76 LEU 76 176 176 LEU LEU B . n 
B 1 77 VAL 77 177 177 VAL VAL B . n 
B 1 78 GLY 78 178 178 GLY GLY B . n 
B 1 79 PRO 79 179 179 PRO PRO B . n 
B 1 80 THR 80 180 180 THR THR B . n 
B 1 81 PRO 81 181 181 PRO PRO B . n 
B 1 82 ILE 82 182 182 ILE ILE B . n 
B 1 83 ASN 83 183 183 ASN ASN B . n 
B 1 84 ILE 84 184 184 ILE ILE B . n 
B 1 85 ILE 85 185 185 ILE ILE B . n 
B 1 86 GLY 86 186 186 GLY GLY B . n 
B 1 87 ARG 87 187 187 ARG ARG B . n 
B 1 88 ASN 88 188 188 ASN ASN B . n 
B 1 89 LEU 89 189 189 LEU LEU B . n 
B 1 90 LEU 90 190 190 LEU LEU B . n 
B 1 91 THR 91 191 191 THR THR B . n 
B 1 92 GLN 92 192 192 GLN GLN B . n 
B 1 93 ILE 93 193 193 ILE ILE B . n 
B 1 94 GLY 94 194 194 GLY GLY B . n 
B 1 95 ALA 95 195 195 ALA ALA B . n 
B 1 96 THR 96 196 196 THR THR B . n 
B 1 97 LEU 97 197 197 LEU LEU B . n 
B 1 98 ASN 98 198 198 ASN ASN B . n 
B 1 99 PHE 99 199 199 PHE PHE B . n 
# 
loop_
_pdbx_nonpoly_scheme.asym_id 
_pdbx_nonpoly_scheme.entity_id 
_pdbx_nonpoly_scheme.mon_id 
_pdbx_nonpoly_scheme.ndb_seq_num 
_pdbx_nonpoly_scheme.pdb_seq_num 
_pdbx_nonpoly_scheme.auth_seq_num 
_pdbx_nonpoly_scheme.pdb_mon_id 
_pdbx_nonpoly_scheme.auth_mon_id 
_pdbx_nonpoly_scheme.pdb_strand_id 
_pdbx_nonpoly_scheme.pdb_ins_code 
C 2 P3V 1  201 201 P3V P3V B . 
D 3 HOH 1  101 101 HOH HOH A . 
D 3 HOH 2  102 102 HOH HOH A . 
D 3 HOH 3  103 103 HOH HOH A . 
D 3 HOH 4  104 104 HOH HOH A . 
D 3 HOH 5  105 105 HOH HOH A . 
D 3 HOH 6  106 106 HOH HOH A . 
D 3 HOH 7  107 107 HOH HOH A . 
D 3 HOH 8  108 108 HOH HOH A . 
D 3 HOH 9  109 109 HOH HOH A . 
D 3 HOH 10 110 110 HOH HOH A . 
D 3 HOH 11 111 111 HOH HOH A . 
D 3 HOH 12 112 112 HOH HOH A . 
D 3 HOH 13 113 113 HOH HOH A . 
D 3 HOH 14 114 114 HOH HOH A . 
D 3 HOH 15 115 115 HOH HOH A . 
D 3 HOH 16 116 116 HOH HOH A . 
D 3 HOH 17 117 117 HOH HOH A . 
D 3 HOH 18 118 118 HOH HOH A . 
D 3 HOH 19 119 119 HOH HOH A . 
D 3 HOH 20 120 120 HOH HOH A . 
D 3 HOH 21 121 121 HOH HOH A . 
D 3 HOH 22 122 122 HOH HOH A . 
D 3 HOH 23 123 123 HOH HOH A . 
D 3 HOH 24 124 124 HOH HOH A . 
D 3 HOH 25 125 125 HOH HOH A . 
D 3 HOH 26 126 126 HOH HOH A . 
D 3 HOH 27 127 127 HOH HOH A . 
D 3 HOH 28 128 128 HOH HOH A . 
D 3 HOH 29 129 129 HOH HOH A . 
D 3 HOH 30 130 130 HOH HOH A . 
D 3 HOH 31 131 131 HOH HOH A . 
D 3 HOH 32 132 132 HOH HOH A . 
D 3 HOH 33 133 133 HOH HOH A . 
D 3 HOH 34 134 134 HOH HOH A . 
D 3 HOH 35 135 135 HOH HOH A . 
D 3 HOH 36 136 136 HOH HOH A . 
D 3 HOH 37 137 137 HOH HOH A . 
D 3 HOH 38 138 138 HOH HOH A . 
D 3 HOH 39 139 139 HOH HOH A . 
D 3 HOH 40 140 140 HOH HOH A . 
D 3 HOH 41 141 141 HOH HOH A . 
D 3 HOH 42 142 142 HOH HOH A . 
D 3 HOH 43 143 143 HOH HOH A . 
D 3 HOH 44 144 144 HOH HOH A . 
D 3 HOH 45 145 145 HOH HOH A . 
D 3 HOH 46 146 146 HOH HOH A . 
D 3 HOH 47 147 147 HOH HOH A . 
D 3 HOH 48 148 148 HOH HOH A . 
D 3 HOH 49 149 149 HOH HOH A . 
D 3 HOH 50 150 150 HOH HOH A . 
D 3 HOH 51 151 151 HOH HOH A . 
D 3 HOH 52 152 152 HOH HOH A . 
D 3 HOH 53 153 153 HOH HOH A . 
D 3 HOH 54 154 154 HOH HOH A . 
D 3 HOH 55 155 155 HOH HOH A . 
D 3 HOH 56 156 156 HOH HOH A . 
D 3 HOH 57 157 157 HOH HOH A . 
D 3 HOH 58 158 158 HOH HOH A . 
D 3 HOH 59 159 159 HOH HOH A . 
D 3 HOH 60 160 160 HOH HOH A . 
D 3 HOH 61 161 161 HOH HOH A . 
E 3 HOH 1  301 301 HOH HOH B . 
E 3 HOH 2  302 302 HOH HOH B . 
E 3 HOH 3  303 303 HOH HOH B . 
E 3 HOH 4  304 304 HOH HOH B . 
E 3 HOH 5  305 305 HOH HOH B . 
E 3 HOH 6  306 306 HOH HOH B . 
E 3 HOH 7  307 307 HOH HOH B . 
E 3 HOH 8  308 308 HOH HOH B . 
E 3 HOH 9  309 309 HOH HOH B . 
E 3 HOH 10 310 310 HOH HOH B . 
E 3 HOH 11 311 311 HOH HOH B . 
E 3 HOH 12 312 312 HOH HOH B . 
E 3 HOH 13 313 313 HOH HOH B . 
E 3 HOH 14 314 314 HOH HOH B . 
E 3 HOH 15 315 315 HOH HOH B . 
E 3 HOH 16 316 316 HOH HOH B . 
E 3 HOH 17 317 317 HOH HOH B . 
E 3 HOH 18 318 318 HOH HOH B . 
E 3 HOH 19 319 319 HOH HOH B . 
E 3 HOH 20 320 320 HOH HOH B . 
E 3 HOH 21 321 321 HOH HOH B . 
E 3 HOH 22 322 322 HOH HOH B . 
E 3 HOH 23 323 323 HOH HOH B . 
E 3 HOH 24 324 324 HOH HOH B . 
E 3 HOH 25 325 325 HOH HOH B . 
E 3 HOH 26 326 326 HOH HOH B . 
E 3 HOH 27 327 327 HOH HOH B . 
E 3 HOH 28 328 328 HOH HOH B . 
E 3 HOH 29 329 329 HOH HOH B . 
E 3 HOH 30 330 330 HOH HOH B . 
E 3 HOH 31 331 331 HOH HOH B . 
E 3 HOH 32 332 332 HOH HOH B . 
E 3 HOH 33 333 333 HOH HOH B . 
E 3 HOH 34 334 334 HOH HOH B . 
E 3 HOH 35 335 335 HOH HOH B . 
E 3 HOH 36 336 336 HOH HOH B . 
E 3 HOH 37 337 337 HOH HOH B . 
E 3 HOH 38 338 338 HOH HOH B . 
E 3 HOH 39 339 339 HOH HOH B . 
E 3 HOH 40 340 340 HOH HOH B . 
E 3 HOH 41 341 341 HOH HOH B . 
E 3 HOH 42 342 342 HOH HOH B . 
E 3 HOH 43 343 343 HOH HOH B . 
E 3 HOH 44 344 344 HOH HOH B . 
E 3 HOH 45 345 345 HOH HOH B . 
E 3 HOH 46 346 346 HOH HOH B . 
E 3 HOH 47 347 347 HOH HOH B . 
E 3 HOH 48 348 348 HOH HOH B . 
E 3 HOH 49 349 349 HOH HOH B . 
E 3 HOH 50 350 350 HOH HOH B . 
E 3 HOH 51 351 351 HOH HOH B . 
E 3 HOH 52 352 352 HOH HOH B . 
E 3 HOH 53 353 353 HOH HOH B . 
E 3 HOH 54 354 354 HOH HOH B . 
E 3 HOH 55 355 355 HOH HOH B . 
E 3 HOH 56 356 356 HOH HOH B . 
E 3 HOH 57 357 357 HOH HOH B . 
E 3 HOH 58 358 358 HOH HOH B . 
E 3 HOH 59 359 359 HOH HOH B . 
E 3 HOH 60 360 360 HOH HOH B . 
# 
_pdbx_struct_assembly.id                   1 
_pdbx_struct_assembly.details              author_and_software_defined_assembly 
_pdbx_struct_assembly.method_details       PISA 
_pdbx_struct_assembly.oligomeric_details   dimeric 
_pdbx_struct_assembly.oligomeric_count     2 
# 
_pdbx_struct_assembly_gen.assembly_id       1 
_pdbx_struct_assembly_gen.oper_expression   1 
_pdbx_struct_assembly_gen.asym_id_list      A,B,C,D,E 
# 
loop_
_pdbx_struct_assembly_prop.biol_id 
_pdbx_struct_assembly_prop.type 
_pdbx_struct_assembly_prop.value 
_pdbx_struct_assembly_prop.details 
1 'ABSA (A^2)' 4030 ? 
1 MORE         -22  ? 
1 'SSA (A^2)'  9550 ? 
# 
_pdbx_struct_oper_list.id                   1 
_pdbx_struct_oper_list.type                 'identity operation' 
_pdbx_struct_oper_list.name                 1_555 
_pdbx_struct_oper_list.symmetry_operation   x,y,z 
_pdbx_struct_oper_list.matrix[1][1]         1.0000000000 
_pdbx_struct_oper_list.matrix[1][2]         0.0000000000 
_pdbx_struct_oper_list.matrix[1][3]         0.0000000000 
_pdbx_struct_oper_list.vector[1]            0.0000000000 
_pdbx_struct_oper_list.matrix[2][1]         0.0000000000 
_pdbx_struct_oper_list.matrix[2][2]         1.0000000000 
_pdbx_struct_oper_list.matrix[2][3]         0.0000000000 
_pdbx_struct_oper_list.vector[2]            0.0000000000 
_pdbx_struct_oper_list.matrix[3][1]         0.0000000000 
_pdbx_struct_oper_list.matrix[3][2]         0.0000000000 
_pdbx_struct_oper_list.matrix[3][3]         1.0000000000 
_pdbx_struct_oper_list.vector[3]            0.0000000000 
# 
loop_
_pdbx_audit_revision_history.ordinal 
_pdbx_audit_revision_history.data_content_type 
_pdbx_audit_revision_history.major_revision 
_pdbx_audit_revision_history.minor_revision 
_pdbx_audit_revision_history.revision_date 
1 'Structure model' 1 0 2020-06-24 
2 'Structure model' 1 1 2023-10-11 
# 
_pdbx_audit_revision_details.ordinal             1 
_pdbx_audit_revision_details.revision_ordinal    1 
_pdbx_audit_revision_details.data_content_type   'Structure model' 
_pdbx_audit_revision_details.provider            repository 
_pdbx_audit_revision_details.type                'Initial release' 
_pdbx_audit_revision_details.description         ? 
_pdbx_audit_revision_details.details             ? 
# 
loop_
_pdbx_audit_revision_group.ordinal 
_pdbx_audit_revision_group.revision_ordinal 
_pdbx_audit_revision_group.data_content_type 
_pdbx_audit_revision_group.group 
1 2 'Structure model' 'Data collection'        
2 2 'Structure model' 'Database references'    
3 2 'Structure model' 'Refinement description' 
# 
loop_
_pdbx_audit_revision_category.ordinal 
_pdbx_audit_revision_category.revision_ordinal 
_pdbx_audit_revision_category.data_content_type 
_pdbx_audit_revision_category.category 
1 2 'Structure model' chem_comp_atom                
2 2 'Structure model' chem_comp_bond                
3 2 'Structure model' database_2                    
4 2 'Structure model' pdbx_initial_refinement_model 
# 
loop_
_pdbx_audit_revision_item.ordinal 
_pdbx_audit_revision_item.revision_ordinal 
_pdbx_audit_revision_item.data_content_type 
_pdbx_audit_revision_item.item 
1 2 'Structure model' '_database_2.pdbx_DOI'                
2 2 'Structure model' '_database_2.pdbx_database_accession' 
# 
loop_
_software.citation_id 
_software.classification 
_software.compiler_name 
_software.compiler_version 
_software.contact_author 
_software.contact_author_email 
_software.date 
_software.description 
_software.dependencies 
_software.hardware 
_software.language 
_software.location 
_software.mods 
_software.name 
_software.os 
_software.os_version 
_software.type 
_software.version 
_software.pdbx_ordinal 
? refinement       ? ? ? ? ? ? ? ? ? ? ? SHELXL-97 ? ? ? . 1 
? 'data reduction' ? ? ? ? ? ? ? ? ? ? ? HKL-3000  ? ? ? . 2 
? 'data scaling'   ? ? ? ? ? ? ? ? ? ? ? HKL-3000  ? ? ? . 3 
? phasing          ? ? ? ? ? ? ? ? ? ? ? PHASER    ? ? ? . 4 
# 
_pdbx_entry_details.entry_id                 6PU8 
_pdbx_entry_details.has_ligand_of_interest   Y 
_pdbx_entry_details.compound_details         ? 
_pdbx_entry_details.source_details           ? 
_pdbx_entry_details.nonpolymer_details       ? 
_pdbx_entry_details.sequence_details         ? 
# 
_pdbx_validate_rmsd_angle.id                         1 
_pdbx_validate_rmsd_angle.PDB_model_num              1 
_pdbx_validate_rmsd_angle.auth_atom_id_1             NE 
_pdbx_validate_rmsd_angle.auth_asym_id_1             A 
_pdbx_validate_rmsd_angle.auth_comp_id_1             ARG 
_pdbx_validate_rmsd_angle.auth_seq_id_1              87 
_pdbx_validate_rmsd_angle.PDB_ins_code_1             ? 
_pdbx_validate_rmsd_angle.label_alt_id_1             ? 
_pdbx_validate_rmsd_angle.auth_atom_id_2             CZ 
_pdbx_validate_rmsd_angle.auth_asym_id_2             A 
_pdbx_validate_rmsd_angle.auth_comp_id_2             ARG 
_pdbx_validate_rmsd_angle.auth_seq_id_2              87 
_pdbx_validate_rmsd_angle.PDB_ins_code_2             ? 
_pdbx_validate_rmsd_angle.label_alt_id_2             ? 
_pdbx_validate_rmsd_angle.auth_atom_id_3             NH1 
_pdbx_validate_rmsd_angle.auth_asym_id_3             A 
_pdbx_validate_rmsd_angle.auth_comp_id_3             ARG 
_pdbx_validate_rmsd_angle.auth_seq_id_3              87 
_pdbx_validate_rmsd_angle.PDB_ins_code_3             ? 
_pdbx_validate_rmsd_angle.label_alt_id_3             ? 
_pdbx_validate_rmsd_angle.angle_value                124.25 
_pdbx_validate_rmsd_angle.angle_target_value         120.30 
_pdbx_validate_rmsd_angle.angle_deviation            3.95 
_pdbx_validate_rmsd_angle.angle_standard_deviation   0.50 
_pdbx_validate_rmsd_angle.linker_flag                N 
# 
loop_
_chem_comp_atom.comp_id 
_chem_comp_atom.atom_id 
_chem_comp_atom.type_symbol 
_chem_comp_atom.pdbx_aromatic_flag 
_chem_comp_atom.pdbx_stereo_config 
_chem_comp_atom.pdbx_ordinal 
ALA N    N N N 1   
ALA CA   C N S 2   
ALA C    C N N 3   
ALA O    O N N 4   
ALA CB   C N N 5   
ALA OXT  O N N 6   
ALA H    H N N 7   
ALA H2   H N N 8   
ALA HA   H N N 9   
ALA HB1  H N N 10  
ALA HB2  H N N 11  
ALA HB3  H N N 12  
ALA HXT  H N N 13  
ARG N    N N N 14  
ARG CA   C N S 15  
ARG C    C N N 16  
ARG O    O N N 17  
ARG CB   C N N 18  
ARG CG   C N N 19  
ARG CD   C N N 20  
ARG NE   N N N 21  
ARG CZ   C N N 22  
ARG NH1  N N N 23  
ARG NH2  N N N 24  
ARG OXT  O N N 25  
ARG H    H N N 26  
ARG H2   H N N 27  
ARG HA   H N N 28  
ARG HB2  H N N 29  
ARG HB3  H N N 30  
ARG HG2  H N N 31  
ARG HG3  H N N 32  
ARG HD2  H N N 33  
ARG HD3  H N N 34  
ARG HE   H N N 35  
ARG HH11 H N N 36  
ARG HH12 H N N 37  
ARG HH21 H N N 38  
ARG HH22 H N N 39  
ARG HXT  H N N 40  
ASN N    N N N 41  
ASN CA   C N S 42  
ASN C    C N N 43  
ASN O    O N N 44  
ASN CB   C N N 45  
ASN CG   C N N 46  
ASN OD1  O N N 47  
ASN ND2  N N N 48  
ASN OXT  O N N 49  
ASN H    H N N 50  
ASN H2   H N N 51  
ASN HA   H N N 52  
ASN HB2  H N N 53  
ASN HB3  H N N 54  
ASN HD21 H N N 55  
ASN HD22 H N N 56  
ASN HXT  H N N 57  
ASP N    N N N 58  
ASP CA   C N S 59  
ASP C    C N N 60  
ASP O    O N N 61  
ASP CB   C N N 62  
ASP CG   C N N 63  
ASP OD1  O N N 64  
ASP OD2  O N N 65  
ASP OXT  O N N 66  
ASP H    H N N 67  
ASP H2   H N N 68  
ASP HA   H N N 69  
ASP HB2  H N N 70  
ASP HB3  H N N 71  
ASP HD2  H N N 72  
ASP HXT  H N N 73  
CYS N    N N N 74  
CYS CA   C N R 75  
CYS C    C N N 76  
CYS O    O N N 77  
CYS CB   C N N 78  
CYS SG   S N N 79  
CYS OXT  O N N 80  
CYS H    H N N 81  
CYS H2   H N N 82  
CYS HA   H N N 83  
CYS HB2  H N N 84  
CYS HB3  H N N 85  
CYS HG   H N N 86  
CYS HXT  H N N 87  
GLN N    N N N 88  
GLN CA   C N S 89  
GLN C    C N N 90  
GLN O    O N N 91  
GLN CB   C N N 92  
GLN CG   C N N 93  
GLN CD   C N N 94  
GLN OE1  O N N 95  
GLN NE2  N N N 96  
GLN OXT  O N N 97  
GLN H    H N N 98  
GLN H2   H N N 99  
GLN HA   H N N 100 
GLN HB2  H N N 101 
GLN HB3  H N N 102 
GLN HG2  H N N 103 
GLN HG3  H N N 104 
GLN HE21 H N N 105 
GLN HE22 H N N 106 
GLN HXT  H N N 107 
GLU N    N N N 108 
GLU CA   C N S 109 
GLU C    C N N 110 
GLU O    O N N 111 
GLU CB   C N N 112 
GLU CG   C N N 113 
GLU CD   C N N 114 
GLU OE1  O N N 115 
GLU OE2  O N N 116 
GLU OXT  O N N 117 
GLU H    H N N 118 
GLU H2   H N N 119 
GLU HA   H N N 120 
GLU HB2  H N N 121 
GLU HB3  H N N 122 
GLU HG2  H N N 123 
GLU HG3  H N N 124 
GLU HE2  H N N 125 
GLU HXT  H N N 126 
GLY N    N N N 127 
GLY CA   C N N 128 
GLY C    C N N 129 
GLY O    O N N 130 
GLY OXT  O N N 131 
GLY H    H N N 132 
GLY H2   H N N 133 
GLY HA2  H N N 134 
GLY HA3  H N N 135 
GLY HXT  H N N 136 
HIS N    N N N 137 
HIS CA   C N S 138 
HIS C    C N N 139 
HIS O    O N N 140 
HIS CB   C N N 141 
HIS CG   C Y N 142 
HIS ND1  N Y N 143 
HIS CD2  C Y N 144 
HIS CE1  C Y N 145 
HIS NE2  N Y N 146 
HIS OXT  O N N 147 
HIS H    H N N 148 
HIS H2   H N N 149 
HIS HA   H N N 150 
HIS HB2  H N N 151 
HIS HB3  H N N 152 
HIS HD1  H N N 153 
HIS HD2  H N N 154 
HIS HE1  H N N 155 
HIS HE2  H N N 156 
HIS HXT  H N N 157 
HOH O    O N N 158 
HOH H1   H N N 159 
HOH H2   H N N 160 
ILE N    N N N 161 
ILE CA   C N S 162 
ILE C    C N N 163 
ILE O    O N N 164 
ILE CB   C N S 165 
ILE CG1  C N N 166 
ILE CG2  C N N 167 
ILE CD1  C N N 168 
ILE OXT  O N N 169 
ILE H    H N N 170 
ILE H2   H N N 171 
ILE HA   H N N 172 
ILE HB   H N N 173 
ILE HG12 H N N 174 
ILE HG13 H N N 175 
ILE HG21 H N N 176 
ILE HG22 H N N 177 
ILE HG23 H N N 178 
ILE HD11 H N N 179 
ILE HD12 H N N 180 
ILE HD13 H N N 181 
ILE HXT  H N N 182 
LEU N    N N N 183 
LEU CA   C N S 184 
LEU C    C N N 185 
LEU O    O N N 186 
LEU CB   C N N 187 
LEU CG   C N N 188 
LEU CD1  C N N 189 
LEU CD2  C N N 190 
LEU OXT  O N N 191 
LEU H    H N N 192 
LEU H2   H N N 193 
LEU HA   H N N 194 
LEU HB2  H N N 195 
LEU HB3  H N N 196 
LEU HG   H N N 197 
LEU HD11 H N N 198 
LEU HD12 H N N 199 
LEU HD13 H N N 200 
LEU HD21 H N N 201 
LEU HD22 H N N 202 
LEU HD23 H N N 203 
LEU HXT  H N N 204 
LYS N    N N N 205 
LYS CA   C N S 206 
LYS C    C N N 207 
LYS O    O N N 208 
LYS CB   C N N 209 
LYS CG   C N N 210 
LYS CD   C N N 211 
LYS CE   C N N 212 
LYS NZ   N N N 213 
LYS OXT  O N N 214 
LYS H    H N N 215 
LYS H2   H N N 216 
LYS HA   H N N 217 
LYS HB2  H N N 218 
LYS HB3  H N N 219 
LYS HG2  H N N 220 
LYS HG3  H N N 221 
LYS HD2  H N N 222 
LYS HD3  H N N 223 
LYS HE2  H N N 224 
LYS HE3  H N N 225 
LYS HZ1  H N N 226 
LYS HZ2  H N N 227 
LYS HZ3  H N N 228 
LYS HXT  H N N 229 
MET N    N N N 230 
MET CA   C N S 231 
MET C    C N N 232 
MET O    O N N 233 
MET CB   C N N 234 
MET CG   C N N 235 
MET SD   S N N 236 
MET CE   C N N 237 
MET OXT  O N N 238 
MET H    H N N 239 
MET H2   H N N 240 
MET HA   H N N 241 
MET HB2  H N N 242 
MET HB3  H N N 243 
MET HG2  H N N 244 
MET HG3  H N N 245 
MET HE1  H N N 246 
MET HE2  H N N 247 
MET HE3  H N N 248 
MET HXT  H N N 249 
P3V N1   N N N 250 
P3V C2   C Y N 251 
P3V C3   C Y N 252 
P3V C4   C Y N 253 
P3V C5   C Y N 254 
P3V C6   C Y N 255 
P3V C7   C Y N 256 
P3V S8   S N N 257 
P3V O9   O N N 258 
P3V O10  O N N 259 
P3V N11  N N N 260 
P3V C12  C N N 261 
P3V C13  C N N 262 
P3V C14  C N N 263 
P3V C15  C N N 264 
P3V C16  C N N 265 
P3V C17  C N N 266 
P3V O18  O N N 267 
P3V C19  C N S 268 
P3V N20  N N N 269 
P3V C21  C N N 270 
P3V O22  O N N 271 
P3V O23  O N N 272 
P3V C24  C N R 273 
P3V C25  C N N 274 
P3V O26  O N N 275 
P3V C27  C N R 276 
P3V O28  O N N 277 
P3V C29  C N N 278 
P3V C30  C N N 279 
P3V C31  C N S 280 
P3V C32  C N N 281 
P3V C33  C Y N 282 
P3V C34  C Y N 283 
P3V C35  C Y N 284 
P3V C36  C Y N 285 
P3V C37  C Y N 286 
P3V C38  C Y N 287 
P3V O39  O N N 288 
P3V H1   H N N 289 
P3V H2   H N N 290 
P3V H3   H N N 291 
P3V H4   H N N 292 
P3V H5   H N N 293 
P3V H6   H N N 294 
P3V H7   H N N 295 
P3V H8   H N N 296 
P3V H9   H N N 297 
P3V H10  H N N 298 
P3V H11  H N N 299 
P3V H12  H N N 300 
P3V H13  H N N 301 
P3V H14  H N N 302 
P3V H15  H N N 303 
P3V H16  H N N 304 
P3V H17  H N N 305 
P3V H18  H N N 306 
P3V H19  H N N 307 
P3V H20  H N N 308 
P3V H21  H N N 309 
P3V H22  H N N 310 
P3V H23  H N N 311 
P3V H24  H N N 312 
P3V H25  H N N 313 
P3V H26  H N N 314 
P3V H27  H N N 315 
P3V H28  H N N 316 
P3V H29  H N N 317 
P3V H30  H N N 318 
P3V H31  H N N 319 
P3V H32  H N N 320 
P3V H33  H N N 321 
P3V H34  H N N 322 
P3V H35  H N N 323 
P3V H36  H N N 324 
P3V H37  H N N 325 
PHE N    N N N 326 
PHE CA   C N S 327 
PHE C    C N N 328 
PHE O    O N N 329 
PHE CB   C N N 330 
PHE CG   C Y N 331 
PHE CD1  C Y N 332 
PHE CD2  C Y N 333 
PHE CE1  C Y N 334 
PHE CE2  C Y N 335 
PHE CZ   C Y N 336 
PHE OXT  O N N 337 
PHE H    H N N 338 
PHE H2   H N N 339 
PHE HA   H N N 340 
PHE HB2  H N N 341 
PHE HB3  H N N 342 
PHE HD1  H N N 343 
PHE HD2  H N N 344 
PHE HE1  H N N 345 
PHE HE2  H N N 346 
PHE HZ   H N N 347 
PHE HXT  H N N 348 
PRO N    N N N 349 
PRO CA   C N S 350 
PRO C    C N N 351 
PRO O    O N N 352 
PRO CB   C N N 353 
PRO CG   C N N 354 
PRO CD   C N N 355 
PRO OXT  O N N 356 
PRO H    H N N 357 
PRO HA   H N N 358 
PRO HB2  H N N 359 
PRO HB3  H N N 360 
PRO HG2  H N N 361 
PRO HG3  H N N 362 
PRO HD2  H N N 363 
PRO HD3  H N N 364 
PRO HXT  H N N 365 
SER N    N N N 366 
SER CA   C N S 367 
SER C    C N N 368 
SER O    O N N 369 
SER CB   C N N 370 
SER OG   O N N 371 
SER OXT  O N N 372 
SER H    H N N 373 
SER H2   H N N 374 
SER HA   H N N 375 
SER HB2  H N N 376 
SER HB3  H N N 377 
SER HG   H N N 378 
SER HXT  H N N 379 
THR N    N N N 380 
THR CA   C N S 381 
THR C    C N N 382 
THR O    O N N 383 
THR CB   C N R 384 
THR OG1  O N N 385 
THR CG2  C N N 386 
THR OXT  O N N 387 
THR H    H N N 388 
THR H2   H N N 389 
THR HA   H N N 390 
THR HB   H N N 391 
THR HG1  H N N 392 
THR HG21 H N N 393 
THR HG22 H N N 394 
THR HG23 H N N 395 
THR HXT  H N N 396 
TRP N    N N N 397 
TRP CA   C N S 398 
TRP C    C N N 399 
TRP O    O N N 400 
TRP CB   C N N 401 
TRP CG   C Y N 402 
TRP CD1  C Y N 403 
TRP CD2  C Y N 404 
TRP NE1  N Y N 405 
TRP CE2  C Y N 406 
TRP CE3  C Y N 407 
TRP CZ2  C Y N 408 
TRP CZ3  C Y N 409 
TRP CH2  C Y N 410 
TRP OXT  O N N 411 
TRP H    H N N 412 
TRP H2   H N N 413 
TRP HA   H N N 414 
TRP HB2  H N N 415 
TRP HB3  H N N 416 
TRP HD1  H N N 417 
TRP HE1  H N N 418 
TRP HE3  H N N 419 
TRP HZ2  H N N 420 
TRP HZ3  H N N 421 
TRP HH2  H N N 422 
TRP HXT  H N N 423 
TYR N    N N N 424 
TYR CA   C N S 425 
TYR C    C N N 426 
TYR O    O N N 427 
TYR CB   C N N 428 
TYR CG   C Y N 429 
TYR CD1  C Y N 430 
TYR CD2  C Y N 431 
TYR CE1  C Y N 432 
TYR CE2  C Y N 433 
TYR CZ   C Y N 434 
TYR OH   O N N 435 
TYR OXT  O N N 436 
TYR H    H N N 437 
TYR H2   H N N 438 
TYR HA   H N N 439 
TYR HB2  H N N 440 
TYR HB3  H N N 441 
TYR HD1  H N N 442 
TYR HD2  H N N 443 
TYR HE1  H N N 444 
TYR HE2  H N N 445 
TYR HH   H N N 446 
TYR HXT  H N N 447 
VAL N    N N N 448 
VAL CA   C N S 449 
VAL C    C N N 450 
VAL O    O N N 451 
VAL CB   C N N 452 
VAL CG1  C N N 453 
VAL CG2  C N N 454 
VAL OXT  O N N 455 
VAL H    H N N 456 
VAL H2   H N N 457 
VAL HA   H N N 458 
VAL HB   H N N 459 
VAL HG11 H N N 460 
VAL HG12 H N N 461 
VAL HG13 H N N 462 
VAL HG21 H N N 463 
VAL HG22 H N N 464 
VAL HG23 H N N 465 
VAL HXT  H N N 466 
# 
loop_
_chem_comp_bond.comp_id 
_chem_comp_bond.atom_id_1 
_chem_comp_bond.atom_id_2 
_chem_comp_bond.value_order 
_chem_comp_bond.pdbx_aromatic_flag 
_chem_comp_bond.pdbx_stereo_config 
_chem_comp_bond.pdbx_ordinal 
ALA N   CA   sing N N 1   
ALA N   H    sing N N 2   
ALA N   H2   sing N N 3   
ALA CA  C    sing N N 4   
ALA CA  CB   sing N N 5   
ALA CA  HA   sing N N 6   
ALA C   O    doub N N 7   
ALA C   OXT  sing N N 8   
ALA CB  HB1  sing N N 9   
ALA CB  HB2  sing N N 10  
ALA CB  HB3  sing N N 11  
ALA OXT HXT  sing N N 12  
ARG N   CA   sing N N 13  
ARG N   H    sing N N 14  
ARG N   H2   sing N N 15  
ARG CA  C    sing N N 16  
ARG CA  CB   sing N N 17  
ARG CA  HA   sing N N 18  
ARG C   O    doub N N 19  
ARG C   OXT  sing N N 20  
ARG CB  CG   sing N N 21  
ARG CB  HB2  sing N N 22  
ARG CB  HB3  sing N N 23  
ARG CG  CD   sing N N 24  
ARG CG  HG2  sing N N 25  
ARG CG  HG3  sing N N 26  
ARG CD  NE   sing N N 27  
ARG CD  HD2  sing N N 28  
ARG CD  HD3  sing N N 29  
ARG NE  CZ   sing N N 30  
ARG NE  HE   sing N N 31  
ARG CZ  NH1  sing N N 32  
ARG CZ  NH2  doub N N 33  
ARG NH1 HH11 sing N N 34  
ARG NH1 HH12 sing N N 35  
ARG NH2 HH21 sing N N 36  
ARG NH2 HH22 sing N N 37  
ARG OXT HXT  sing N N 38  
ASN N   CA   sing N N 39  
ASN N   H    sing N N 40  
ASN N   H2   sing N N 41  
ASN CA  C    sing N N 42  
ASN CA  CB   sing N N 43  
ASN CA  HA   sing N N 44  
ASN C   O    doub N N 45  
ASN C   OXT  sing N N 46  
ASN CB  CG   sing N N 47  
ASN CB  HB2  sing N N 48  
ASN CB  HB3  sing N N 49  
ASN CG  OD1  doub N N 50  
ASN CG  ND2  sing N N 51  
ASN ND2 HD21 sing N N 52  
ASN ND2 HD22 sing N N 53  
ASN OXT HXT  sing N N 54  
ASP N   CA   sing N N 55  
ASP N   H    sing N N 56  
ASP N   H2   sing N N 57  
ASP CA  C    sing N N 58  
ASP CA  CB   sing N N 59  
ASP CA  HA   sing N N 60  
ASP C   O    doub N N 61  
ASP C   OXT  sing N N 62  
ASP CB  CG   sing N N 63  
ASP CB  HB2  sing N N 64  
ASP CB  HB3  sing N N 65  
ASP CG  OD1  doub N N 66  
ASP CG  OD2  sing N N 67  
ASP OD2 HD2  sing N N 68  
ASP OXT HXT  sing N N 69  
CYS N   CA   sing N N 70  
CYS N   H    sing N N 71  
CYS N   H2   sing N N 72  
CYS CA  C    sing N N 73  
CYS CA  CB   sing N N 74  
CYS CA  HA   sing N N 75  
CYS C   O    doub N N 76  
CYS C   OXT  sing N N 77  
CYS CB  SG   sing N N 78  
CYS CB  HB2  sing N N 79  
CYS CB  HB3  sing N N 80  
CYS SG  HG   sing N N 81  
CYS OXT HXT  sing N N 82  
GLN N   CA   sing N N 83  
GLN N   H    sing N N 84  
GLN N   H2   sing N N 85  
GLN CA  C    sing N N 86  
GLN CA  CB   sing N N 87  
GLN CA  HA   sing N N 88  
GLN C   O    doub N N 89  
GLN C   OXT  sing N N 90  
GLN CB  CG   sing N N 91  
GLN CB  HB2  sing N N 92  
GLN CB  HB3  sing N N 93  
GLN CG  CD   sing N N 94  
GLN CG  HG2  sing N N 95  
GLN CG  HG3  sing N N 96  
GLN CD  OE1  doub N N 97  
GLN CD  NE2  sing N N 98  
GLN NE2 HE21 sing N N 99  
GLN NE2 HE22 sing N N 100 
GLN OXT HXT  sing N N 101 
GLU N   CA   sing N N 102 
GLU N   H    sing N N 103 
GLU N   H2   sing N N 104 
GLU CA  C    sing N N 105 
GLU CA  CB   sing N N 106 
GLU CA  HA   sing N N 107 
GLU C   O    doub N N 108 
GLU C   OXT  sing N N 109 
GLU CB  CG   sing N N 110 
GLU CB  HB2  sing N N 111 
GLU CB  HB3  sing N N 112 
GLU CG  CD   sing N N 113 
GLU CG  HG2  sing N N 114 
GLU CG  HG3  sing N N 115 
GLU CD  OE1  doub N N 116 
GLU CD  OE2  sing N N 117 
GLU OE2 HE2  sing N N 118 
GLU OXT HXT  sing N N 119 
GLY N   CA   sing N N 120 
GLY N   H    sing N N 121 
GLY N   H2   sing N N 122 
GLY CA  C    sing N N 123 
GLY CA  HA2  sing N N 124 
GLY CA  HA3  sing N N 125 
GLY C   O    doub N N 126 
GLY C   OXT  sing N N 127 
GLY OXT HXT  sing N N 128 
HIS N   CA   sing N N 129 
HIS N   H    sing N N 130 
HIS N   H2   sing N N 131 
HIS CA  C    sing N N 132 
HIS CA  CB   sing N N 133 
HIS CA  HA   sing N N 134 
HIS C   O    doub N N 135 
HIS C   OXT  sing N N 136 
HIS CB  CG   sing N N 137 
HIS CB  HB2  sing N N 138 
HIS CB  HB3  sing N N 139 
HIS CG  ND1  sing Y N 140 
HIS CG  CD2  doub Y N 141 
HIS ND1 CE1  doub Y N 142 
HIS ND1 HD1  sing N N 143 
HIS CD2 NE2  sing Y N 144 
HIS CD2 HD2  sing N N 145 
HIS CE1 NE2  sing Y N 146 
HIS CE1 HE1  sing N N 147 
HIS NE2 HE2  sing N N 148 
HIS OXT HXT  sing N N 149 
HOH O   H1   sing N N 150 
HOH O   H2   sing N N 151 
ILE N   CA   sing N N 152 
ILE N   H    sing N N 153 
ILE N   H2   sing N N 154 
ILE CA  C    sing N N 155 
ILE CA  CB   sing N N 156 
ILE CA  HA   sing N N 157 
ILE C   O    doub N N 158 
ILE C   OXT  sing N N 159 
ILE CB  CG1  sing N N 160 
ILE CB  CG2  sing N N 161 
ILE CB  HB   sing N N 162 
ILE CG1 CD1  sing N N 163 
ILE CG1 HG12 sing N N 164 
ILE CG1 HG13 sing N N 165 
ILE CG2 HG21 sing N N 166 
ILE CG2 HG22 sing N N 167 
ILE CG2 HG23 sing N N 168 
ILE CD1 HD11 sing N N 169 
ILE CD1 HD12 sing N N 170 
ILE CD1 HD13 sing N N 171 
ILE OXT HXT  sing N N 172 
LEU N   CA   sing N N 173 
LEU N   H    sing N N 174 
LEU N   H2   sing N N 175 
LEU CA  C    sing N N 176 
LEU CA  CB   sing N N 177 
LEU CA  HA   sing N N 178 
LEU C   O    doub N N 179 
LEU C   OXT  sing N N 180 
LEU CB  CG   sing N N 181 
LEU CB  HB2  sing N N 182 
LEU CB  HB3  sing N N 183 
LEU CG  CD1  sing N N 184 
LEU CG  CD2  sing N N 185 
LEU CG  HG   sing N N 186 
LEU CD1 HD11 sing N N 187 
LEU CD1 HD12 sing N N 188 
LEU CD1 HD13 sing N N 189 
LEU CD2 HD21 sing N N 190 
LEU CD2 HD22 sing N N 191 
LEU CD2 HD23 sing N N 192 
LEU OXT HXT  sing N N 193 
LYS N   CA   sing N N 194 
LYS N   H    sing N N 195 
LYS N   H2   sing N N 196 
LYS CA  C    sing N N 197 
LYS CA  CB   sing N N 198 
LYS CA  HA   sing N N 199 
LYS C   O    doub N N 200 
LYS C   OXT  sing N N 201 
LYS CB  CG   sing N N 202 
LYS CB  HB2  sing N N 203 
LYS CB  HB3  sing N N 204 
LYS CG  CD   sing N N 205 
LYS CG  HG2  sing N N 206 
LYS CG  HG3  sing N N 207 
LYS CD  CE   sing N N 208 
LYS CD  HD2  sing N N 209 
LYS CD  HD3  sing N N 210 
LYS CE  NZ   sing N N 211 
LYS CE  HE2  sing N N 212 
LYS CE  HE3  sing N N 213 
LYS NZ  HZ1  sing N N 214 
LYS NZ  HZ2  sing N N 215 
LYS NZ  HZ3  sing N N 216 
LYS OXT HXT  sing N N 217 
MET N   CA   sing N N 218 
MET N   H    sing N N 219 
MET N   H2   sing N N 220 
MET CA  C    sing N N 221 
MET CA  CB   sing N N 222 
MET CA  HA   sing N N 223 
MET C   O    doub N N 224 
MET C   OXT  sing N N 225 
MET CB  CG   sing N N 226 
MET CB  HB2  sing N N 227 
MET CB  HB3  sing N N 228 
MET CG  SD   sing N N 229 
MET CG  HG2  sing N N 230 
MET CG  HG3  sing N N 231 
MET SD  CE   sing N N 232 
MET CE  HE1  sing N N 233 
MET CE  HE2  sing N N 234 
MET CE  HE3  sing N N 235 
MET OXT HXT  sing N N 236 
P3V C15 C13  sing N N 237 
P3V C25 O26  sing N N 238 
P3V C25 C24  sing N N 239 
P3V C13 C14  sing N N 240 
P3V C13 C12  sing N N 241 
P3V O26 C27  sing N N 242 
P3V O39 C17  sing N N 243 
P3V C24 O23  sing N N 244 
P3V C24 C31  sing N N 245 
P3V C27 O28  sing N N 246 
P3V C27 C31  sing N N 247 
P3V C12 N11  sing N N 248 
P3V O23 C21  sing N N 249 
P3V O18 C17  sing N N 250 
P3V O28 C29  sing N N 251 
P3V C21 O22  doub N N 252 
P3V C21 N20  sing N N 253 
P3V C17 C16  sing N N 254 
P3V C17 C19  sing N N 255 
P3V C31 C30  sing N N 256 
P3V N11 C16  sing N N 257 
P3V N11 S8   sing N N 258 
P3V N20 C19  sing N N 259 
P3V C29 C30  sing N N 260 
P3V C19 C32  sing N N 261 
P3V O10 S8   doub N N 262 
P3V S8  C5   sing N N 263 
P3V S8  O9   doub N N 264 
P3V C6  C5   doub Y N 265 
P3V C6  C7   sing Y N 266 
P3V C32 C38  sing N N 267 
P3V C5  C4   sing Y N 268 
P3V C7  C2   doub Y N 269 
P3V C4  C3   doub Y N 270 
P3V C2  C3   sing Y N 271 
P3V C2  N1   sing N N 272 
P3V C38 C33  doub Y N 273 
P3V C38 C37  sing Y N 274 
P3V C33 C34  sing Y N 275 
P3V C37 C36  doub Y N 276 
P3V C34 C35  doub Y N 277 
P3V C36 C35  sing Y N 278 
P3V N1  H1   sing N N 279 
P3V N1  H2   sing N N 280 
P3V C3  H3   sing N N 281 
P3V C4  H4   sing N N 282 
P3V C6  H5   sing N N 283 
P3V C7  H6   sing N N 284 
P3V C12 H7   sing N N 285 
P3V C12 H8   sing N N 286 
P3V C13 H9   sing N N 287 
P3V C14 H10  sing N N 288 
P3V C14 H11  sing N N 289 
P3V C14 H12  sing N N 290 
P3V C15 H13  sing N N 291 
P3V C15 H14  sing N N 292 
P3V C15 H15  sing N N 293 
P3V C16 H16  sing N N 294 
P3V C16 H17  sing N N 295 
P3V O18 H18  sing N N 296 
P3V C19 H19  sing N N 297 
P3V N20 H20  sing N N 298 
P3V C24 H21  sing N N 299 
P3V C25 H22  sing N N 300 
P3V C25 H23  sing N N 301 
P3V C27 H24  sing N N 302 
P3V C29 H25  sing N N 303 
P3V C29 H26  sing N N 304 
P3V C30 H27  sing N N 305 
P3V C30 H28  sing N N 306 
P3V C31 H29  sing N N 307 
P3V C32 H30  sing N N 308 
P3V C32 H31  sing N N 309 
P3V C33 H32  sing N N 310 
P3V C34 H33  sing N N 311 
P3V C35 H34  sing N N 312 
P3V C36 H35  sing N N 313 
P3V C37 H36  sing N N 314 
P3V O39 H37  sing N N 315 
PHE N   CA   sing N N 316 
PHE N   H    sing N N 317 
PHE N   H2   sing N N 318 
PHE CA  C    sing N N 319 
PHE CA  CB   sing N N 320 
PHE CA  HA   sing N N 321 
PHE C   O    doub N N 322 
PHE C   OXT  sing N N 323 
PHE CB  CG   sing N N 324 
PHE CB  HB2  sing N N 325 
PHE CB  HB3  sing N N 326 
PHE CG  CD1  doub Y N 327 
PHE CG  CD2  sing Y N 328 
PHE CD1 CE1  sing Y N 329 
PHE CD1 HD1  sing N N 330 
PHE CD2 CE2  doub Y N 331 
PHE CD2 HD2  sing N N 332 
PHE CE1 CZ   doub Y N 333 
PHE CE1 HE1  sing N N 334 
PHE CE2 CZ   sing Y N 335 
PHE CE2 HE2  sing N N 336 
PHE CZ  HZ   sing N N 337 
PHE OXT HXT  sing N N 338 
PRO N   CA   sing N N 339 
PRO N   CD   sing N N 340 
PRO N   H    sing N N 341 
PRO CA  C    sing N N 342 
PRO CA  CB   sing N N 343 
PRO CA  HA   sing N N 344 
PRO C   O    doub N N 345 
PRO C   OXT  sing N N 346 
PRO CB  CG   sing N N 347 
PRO CB  HB2  sing N N 348 
PRO CB  HB3  sing N N 349 
PRO CG  CD   sing N N 350 
PRO CG  HG2  sing N N 351 
PRO CG  HG3  sing N N 352 
PRO CD  HD2  sing N N 353 
PRO CD  HD3  sing N N 354 
PRO OXT HXT  sing N N 355 
SER N   CA   sing N N 356 
SER N   H    sing N N 357 
SER N   H2   sing N N 358 
SER CA  C    sing N N 359 
SER CA  CB   sing N N 360 
SER CA  HA   sing N N 361 
SER C   O    doub N N 362 
SER C   OXT  sing N N 363 
SER CB  OG   sing N N 364 
SER CB  HB2  sing N N 365 
SER CB  HB3  sing N N 366 
SER OG  HG   sing N N 367 
SER OXT HXT  sing N N 368 
THR N   CA   sing N N 369 
THR N   H    sing N N 370 
THR N   H2   sing N N 371 
THR CA  C    sing N N 372 
THR CA  CB   sing N N 373 
THR CA  HA   sing N N 374 
THR C   O    doub N N 375 
THR C   OXT  sing N N 376 
THR CB  OG1  sing N N 377 
THR CB  CG2  sing N N 378 
THR CB  HB   sing N N 379 
THR OG1 HG1  sing N N 380 
THR CG2 HG21 sing N N 381 
THR CG2 HG22 sing N N 382 
THR CG2 HG23 sing N N 383 
THR OXT HXT  sing N N 384 
TRP N   CA   sing N N 385 
TRP N   H    sing N N 386 
TRP N   H2   sing N N 387 
TRP CA  C    sing N N 388 
TRP CA  CB   sing N N 389 
TRP CA  HA   sing N N 390 
TRP C   O    doub N N 391 
TRP C   OXT  sing N N 392 
TRP CB  CG   sing N N 393 
TRP CB  HB2  sing N N 394 
TRP CB  HB3  sing N N 395 
TRP CG  CD1  doub Y N 396 
TRP CG  CD2  sing Y N 397 
TRP CD1 NE1  sing Y N 398 
TRP CD1 HD1  sing N N 399 
TRP CD2 CE2  doub Y N 400 
TRP CD2 CE3  sing Y N 401 
TRP NE1 CE2  sing Y N 402 
TRP NE1 HE1  sing N N 403 
TRP CE2 CZ2  sing Y N 404 
TRP CE3 CZ3  doub Y N 405 
TRP CE3 HE3  sing N N 406 
TRP CZ2 CH2  doub Y N 407 
TRP CZ2 HZ2  sing N N 408 
TRP CZ3 CH2  sing Y N 409 
TRP CZ3 HZ3  sing N N 410 
TRP CH2 HH2  sing N N 411 
TRP OXT HXT  sing N N 412 
TYR N   CA   sing N N 413 
TYR N   H    sing N N 414 
TYR N   H2   sing N N 415 
TYR CA  C    sing N N 416 
TYR CA  CB   sing N N 417 
TYR CA  HA   sing N N 418 
TYR C   O    doub N N 419 
TYR C   OXT  sing N N 420 
TYR CB  CG   sing N N 421 
TYR CB  HB2  sing N N 422 
TYR CB  HB3  sing N N 423 
TYR CG  CD1  doub Y N 424 
TYR CG  CD2  sing Y N 425 
TYR CD1 CE1  sing Y N 426 
TYR CD1 HD1  sing N N 427 
TYR CD2 CE2  doub Y N 428 
TYR CD2 HD2  sing N N 429 
TYR CE1 CZ   doub Y N 430 
TYR CE1 HE1  sing N N 431 
TYR CE2 CZ   sing Y N 432 
TYR CE2 HE2  sing N N 433 
TYR CZ  OH   sing N N 434 
TYR OH  HH   sing N N 435 
TYR OXT HXT  sing N N 436 
VAL N   CA   sing N N 437 
VAL N   H    sing N N 438 
VAL N   H2   sing N N 439 
VAL CA  C    sing N N 440 
VAL CA  CB   sing N N 441 
VAL CA  HA   sing N N 442 
VAL C   O    doub N N 443 
VAL C   OXT  sing N N 444 
VAL CB  CG1  sing N N 445 
VAL CB  CG2  sing N N 446 
VAL CB  HB   sing N N 447 
VAL CG1 HG11 sing N N 448 
VAL CG1 HG12 sing N N 449 
VAL CG1 HG13 sing N N 450 
VAL CG2 HG21 sing N N 451 
VAL CG2 HG22 sing N N 452 
VAL CG2 HG23 sing N N 453 
VAL OXT HXT  sing N N 454 
# 
loop_
_pdbx_entity_nonpoly.entity_id 
_pdbx_entity_nonpoly.name 
_pdbx_entity_nonpoly.comp_id 
2 
;(3R,3aS,6aR)-hexahydrofuro[2,3-b]furan-3-yl [(2S)-4-{[(4-aminophenyl)sulfonyl](2-methylpropyl)amino}-3,3-dihydroxy-1-phenylbutan-2-yl]carbamate
;
P3V 
3 water HOH 
# 
_pdbx_initial_refinement_model.id               1 
_pdbx_initial_refinement_model.entity_id_list   ? 
_pdbx_initial_refinement_model.type             'experimental model' 
_pdbx_initial_refinement_model.source_name      PDB 
_pdbx_initial_refinement_model.accession_code   5E5J 
_pdbx_initial_refinement_model.details          ? 
# 
_pdbx_struct_assembly_auth_evidence.id                     1 
_pdbx_struct_assembly_auth_evidence.assembly_id            1 
_pdbx_struct_assembly_auth_evidence.experimental_support   none 
_pdbx_struct_assembly_auth_evidence.details                ? 
# 
